data_4J4O
# 
_entry.id   4J4O 
# 
_audit_conform.dict_name       mmcif_pdbx.dic 
_audit_conform.dict_version    5.399 
_audit_conform.dict_location   http://mmcif.pdb.org/dictionaries/ascii/mmcif_pdbx.dic 
# 
loop_
_database_2.database_id 
_database_2.database_code 
_database_2.pdbx_database_accession 
_database_2.pdbx_DOI 
PDB   4J4O         pdb_00004j4o 10.2210/pdb4j4o/pdb 
RCSB  RCSB077591   ?            ?                   
WWPDB D_1000077591 ?            ?                   
# 
loop_
_pdbx_audit_revision_history.ordinal 
_pdbx_audit_revision_history.data_content_type 
_pdbx_audit_revision_history.major_revision 
_pdbx_audit_revision_history.minor_revision 
_pdbx_audit_revision_history.revision_date 
1 'Structure model' 1 0 2013-09-11 
2 'Structure model' 1 1 2023-11-08 
3 'Structure model' 1 2 2024-11-20 
# 
_pdbx_audit_revision_details.ordinal             1 
_pdbx_audit_revision_details.revision_ordinal    1 
_pdbx_audit_revision_details.data_content_type   'Structure model' 
_pdbx_audit_revision_details.provider            repository 
_pdbx_audit_revision_details.type                'Initial release' 
_pdbx_audit_revision_details.description         ? 
_pdbx_audit_revision_details.details             ? 
# 
loop_
_pdbx_audit_revision_group.ordinal 
_pdbx_audit_revision_group.revision_ordinal 
_pdbx_audit_revision_group.data_content_type 
_pdbx_audit_revision_group.group 
1 2 'Structure model' 'Data collection'        
2 2 'Structure model' 'Database references'    
3 2 'Structure model' 'Derived calculations'   
4 2 'Structure model' 'Refinement description' 
5 3 'Structure model' 'Structure summary'      
# 
loop_
_pdbx_audit_revision_category.ordinal 
_pdbx_audit_revision_category.revision_ordinal 
_pdbx_audit_revision_category.data_content_type 
_pdbx_audit_revision_category.category 
1 2 'Structure model' chem_comp_atom                
2 2 'Structure model' chem_comp_bond                
3 2 'Structure model' database_2                    
4 2 'Structure model' pdbx_initial_refinement_model 
5 2 'Structure model' pdbx_struct_special_symmetry  
6 2 'Structure model' struct_site                   
7 3 'Structure model' pdbx_entry_details            
8 3 'Structure model' pdbx_modification_feature     
# 
loop_
_pdbx_audit_revision_item.ordinal 
_pdbx_audit_revision_item.revision_ordinal 
_pdbx_audit_revision_item.data_content_type 
_pdbx_audit_revision_item.item 
1 2 'Structure model' '_database_2.pdbx_DOI'                
2 2 'Structure model' '_database_2.pdbx_database_accession' 
3 2 'Structure model' '_struct_site.pdbx_auth_asym_id'      
4 2 'Structure model' '_struct_site.pdbx_auth_comp_id'      
5 2 'Structure model' '_struct_site.pdbx_auth_seq_id'       
# 
_pdbx_database_status.status_code                     REL 
_pdbx_database_status.entry_id                        4J4O 
_pdbx_database_status.recvd_initial_deposition_date   2013-02-07 
_pdbx_database_status.deposit_site                    RCSB 
_pdbx_database_status.process_site                    PDBJ 
_pdbx_database_status.methods_development_category    ? 
_pdbx_database_status.status_code_sf                  REL 
_pdbx_database_status.status_code_mr                  ? 
_pdbx_database_status.SG_entry                        ? 
_pdbx_database_status.status_code_cs                  ? 
_pdbx_database_status.pdb_format_compatible           Y 
_pdbx_database_status.status_code_nmr_data            ? 
# 
loop_
_pdbx_database_related.db_name 
_pdbx_database_related.db_id 
_pdbx_database_related.details 
_pdbx_database_related.content_type 
PDB 3NI6 . unspecified 
PDB 2KI3 . unspecified 
PDB 3IHZ . unspecified 
PDB 4J4N . unspecified 
# 
loop_
_audit_author.name 
_audit_author.pdbx_ordinal 
'Sreekanth, R.'   1 
'Harikishore, A.' 2 
'Yoon, H.S.'      3 
# 
_citation.id                        primary 
_citation.title                     'Small molecule Plasmodium FKBP35 inhibitor as a potential antimalaria agent.' 
_citation.journal_abbrev            'Sci Rep' 
_citation.journal_volume            3 
_citation.page_first                2501 
_citation.page_last                 2501 
_citation.year                      2013 
_citation.journal_id_ASTM           ? 
_citation.country                   UK 
_citation.journal_id_ISSN           2045-2322 
_citation.journal_id_CSD            ? 
_citation.book_publisher            ? 
_citation.pdbx_database_id_PubMed   23974147 
_citation.pdbx_database_id_DOI      10.1038/srep02501 
# 
loop_
_citation_author.citation_id 
_citation_author.name 
_citation_author.ordinal 
_citation_author.identifier_ORCID 
primary 'Harikishore, A.' 1 ? 
primary 'Niang, M.'       2 ? 
primary 'Rajan, S.'       3 ? 
primary 'Preiser, P.R.'   4 ? 
primary 'Yoon, H.S.'      5 ? 
# 
loop_
_entity.id 
_entity.type 
_entity.src_method 
_entity.pdbx_description 
_entity.formula_weight 
_entity.pdbx_number_of_molecules 
_entity.pdbx_ec 
_entity.pdbx_mutation 
_entity.pdbx_fragment 
_entity.details 
1 polymer     man '70 kDa peptidylprolyl isomerase, putative'                            13971.687 1   5.2.1.8 ? 
'FK506 BINDING DOMAIN, UNP RESIDUES 1-126' ? 
2 non-polymer syn 'N-(2-ethylphenyl)-2-(3H-imidazo[4,5-b]pyridin-2-ylsulfanyl)acetamide' 312.389   1   ?       ? ? ? 
3 non-polymer syn GLYCEROL                                                               92.094    4   ?       ? ? ? 
4 water       nat water                                                                  18.015    200 ?       ? ? ? 
# 
_entity_poly.entity_id                      1 
_entity_poly.type                           'polypeptide(L)' 
_entity_poly.nstd_linkage                   no 
_entity_poly.nstd_monomer                   no 
_entity_poly.pdbx_seq_one_letter_code       
;MEQETLEQVHLTEDGGVVKTILRKGEGGEENAPKKGNEVTVHYVGKLESSGKVFDSSRERNVPFKFHLGQGEVIKGWDIC
VASMTKNEKCSVRLDSKYGYGEEGCGESIPGNSVLIFEIELISFRE
;
_entity_poly.pdbx_seq_one_letter_code_can   
;MEQETLEQVHLTEDGGVVKTILRKGEGGEENAPKKGNEVTVHYVGKLESSGKVFDSSRERNVPFKFHLGQGEVIKGWDIC
VASMTKNEKCSVRLDSKYGYGEEGCGESIPGNSVLIFEIELISFRE
;
_entity_poly.pdbx_strand_id                 A 
_entity_poly.pdbx_target_identifier         ? 
# 
loop_
_pdbx_entity_nonpoly.entity_id 
_pdbx_entity_nonpoly.name 
_pdbx_entity_nonpoly.comp_id 
2 'N-(2-ethylphenyl)-2-(3H-imidazo[4,5-b]pyridin-2-ylsulfanyl)acetamide' D44 
3 GLYCEROL                                                               GOL 
4 water                                                                  HOH 
# 
loop_
_entity_poly_seq.entity_id 
_entity_poly_seq.num 
_entity_poly_seq.mon_id 
_entity_poly_seq.hetero 
1 1   MET n 
1 2   GLU n 
1 3   GLN n 
1 4   GLU n 
1 5   THR n 
1 6   LEU n 
1 7   GLU n 
1 8   GLN n 
1 9   VAL n 
1 10  HIS n 
1 11  LEU n 
1 12  THR n 
1 13  GLU n 
1 14  ASP n 
1 15  GLY n 
1 16  GLY n 
1 17  VAL n 
1 18  VAL n 
1 19  LYS n 
1 20  THR n 
1 21  ILE n 
1 22  LEU n 
1 23  ARG n 
1 24  LYS n 
1 25  GLY n 
1 26  GLU n 
1 27  GLY n 
1 28  GLY n 
1 29  GLU n 
1 30  GLU n 
1 31  ASN n 
1 32  ALA n 
1 33  PRO n 
1 34  LYS n 
1 35  LYS n 
1 36  GLY n 
1 37  ASN n 
1 38  GLU n 
1 39  VAL n 
1 40  THR n 
1 41  VAL n 
1 42  HIS n 
1 43  TYR n 
1 44  VAL n 
1 45  GLY n 
1 46  LYS n 
1 47  LEU n 
1 48  GLU n 
1 49  SER n 
1 50  SER n 
1 51  GLY n 
1 52  LYS n 
1 53  VAL n 
1 54  PHE n 
1 55  ASP n 
1 56  SER n 
1 57  SER n 
1 58  ARG n 
1 59  GLU n 
1 60  ARG n 
1 61  ASN n 
1 62  VAL n 
1 63  PRO n 
1 64  PHE n 
1 65  LYS n 
1 66  PHE n 
1 67  HIS n 
1 68  LEU n 
1 69  GLY n 
1 70  GLN n 
1 71  GLY n 
1 72  GLU n 
1 73  VAL n 
1 74  ILE n 
1 75  LYS n 
1 76  GLY n 
1 77  TRP n 
1 78  ASP n 
1 79  ILE n 
1 80  CYS n 
1 81  VAL n 
1 82  ALA n 
1 83  SER n 
1 84  MET n 
1 85  THR n 
1 86  LYS n 
1 87  ASN n 
1 88  GLU n 
1 89  LYS n 
1 90  CYS n 
1 91  SER n 
1 92  VAL n 
1 93  ARG n 
1 94  LEU n 
1 95  ASP n 
1 96  SER n 
1 97  LYS n 
1 98  TYR n 
1 99  GLY n 
1 100 TYR n 
1 101 GLY n 
1 102 GLU n 
1 103 GLU n 
1 104 GLY n 
1 105 CYS n 
1 106 GLY n 
1 107 GLU n 
1 108 SER n 
1 109 ILE n 
1 110 PRO n 
1 111 GLY n 
1 112 ASN n 
1 113 SER n 
1 114 VAL n 
1 115 LEU n 
1 116 ILE n 
1 117 PHE n 
1 118 GLU n 
1 119 ILE n 
1 120 GLU n 
1 121 LEU n 
1 122 ILE n 
1 123 SER n 
1 124 PHE n 
1 125 ARG n 
1 126 GLU n 
# 
_entity_src_gen.entity_id                          1 
_entity_src_gen.pdbx_src_id                        1 
_entity_src_gen.pdbx_alt_source_flag               sample 
_entity_src_gen.pdbx_seq_type                      ? 
_entity_src_gen.pdbx_beg_seq_num                   ? 
_entity_src_gen.pdbx_end_seq_num                   ? 
_entity_src_gen.gene_src_common_name               ? 
_entity_src_gen.gene_src_genus                     ? 
_entity_src_gen.pdbx_gene_src_gene                 PVX_101260 
_entity_src_gen.gene_src_species                   ? 
_entity_src_gen.gene_src_strain                    'Salvador I' 
_entity_src_gen.gene_src_tissue                    ? 
_entity_src_gen.gene_src_tissue_fraction           ? 
_entity_src_gen.gene_src_details                   ? 
_entity_src_gen.pdbx_gene_src_fragment             ? 
_entity_src_gen.pdbx_gene_src_scientific_name      'Plasmodium vivax SaI-1' 
_entity_src_gen.pdbx_gene_src_ncbi_taxonomy_id     126793 
_entity_src_gen.pdbx_gene_src_variant              ? 
_entity_src_gen.pdbx_gene_src_cell_line            ? 
_entity_src_gen.pdbx_gene_src_atcc                 ? 
_entity_src_gen.pdbx_gene_src_organ                ? 
_entity_src_gen.pdbx_gene_src_organelle            ? 
_entity_src_gen.pdbx_gene_src_cell                 ? 
_entity_src_gen.pdbx_gene_src_cellular_location    ? 
_entity_src_gen.host_org_common_name               ? 
_entity_src_gen.pdbx_host_org_scientific_name      'Escherichia coli' 
_entity_src_gen.pdbx_host_org_ncbi_taxonomy_id     562 
_entity_src_gen.host_org_genus                     ? 
_entity_src_gen.pdbx_host_org_gene                 ? 
_entity_src_gen.pdbx_host_org_organ                ? 
_entity_src_gen.host_org_species                   ? 
_entity_src_gen.pdbx_host_org_tissue               ? 
_entity_src_gen.pdbx_host_org_tissue_fraction      ? 
_entity_src_gen.pdbx_host_org_strain               'BL21(DE3)' 
_entity_src_gen.pdbx_host_org_variant              ? 
_entity_src_gen.pdbx_host_org_cell_line            ? 
_entity_src_gen.pdbx_host_org_atcc                 ? 
_entity_src_gen.pdbx_host_org_culture_collection   ? 
_entity_src_gen.pdbx_host_org_cell                 ? 
_entity_src_gen.pdbx_host_org_organelle            ? 
_entity_src_gen.pdbx_host_org_cellular_location    ? 
_entity_src_gen.pdbx_host_org_vector_type          PLASMID 
_entity_src_gen.pdbx_host_org_vector               ? 
_entity_src_gen.host_org_details                   ? 
_entity_src_gen.expression_system_id               ? 
_entity_src_gen.plasmid_name                       PETSUMO 
_entity_src_gen.plasmid_details                    ? 
_entity_src_gen.pdbx_description                   ? 
# 
loop_
_chem_comp.id 
_chem_comp.type 
_chem_comp.mon_nstd_flag 
_chem_comp.name 
_chem_comp.pdbx_synonyms 
_chem_comp.formula 
_chem_comp.formula_weight 
ALA 'L-peptide linking' y ALANINE                                                                ?                               
'C3 H7 N O2'     89.093  
ARG 'L-peptide linking' y ARGININE                                                               ?                               
'C6 H15 N4 O2 1' 175.209 
ASN 'L-peptide linking' y ASPARAGINE                                                             ?                               
'C4 H8 N2 O3'    132.118 
ASP 'L-peptide linking' y 'ASPARTIC ACID'                                                        ?                               
'C4 H7 N O4'     133.103 
CYS 'L-peptide linking' y CYSTEINE                                                               ?                               
'C3 H7 N O2 S'   121.158 
D44 non-polymer         . 'N-(2-ethylphenyl)-2-(3H-imidazo[4,5-b]pyridin-2-ylsulfanyl)acetamide' ?                               
'C16 H16 N4 O S' 312.389 
GLN 'L-peptide linking' y GLUTAMINE                                                              ?                               
'C5 H10 N2 O3'   146.144 
GLU 'L-peptide linking' y 'GLUTAMIC ACID'                                                        ?                               
'C5 H9 N O4'     147.129 
GLY 'peptide linking'   y GLYCINE                                                                ?                               
'C2 H5 N O2'     75.067  
GOL non-polymer         . GLYCEROL                                                               'GLYCERIN; PROPANE-1,2,3-TRIOL' 
'C3 H8 O3'       92.094  
HIS 'L-peptide linking' y HISTIDINE                                                              ?                               
'C6 H10 N3 O2 1' 156.162 
HOH non-polymer         . WATER                                                                  ?                               
'H2 O'           18.015  
ILE 'L-peptide linking' y ISOLEUCINE                                                             ?                               
'C6 H13 N O2'    131.173 
LEU 'L-peptide linking' y LEUCINE                                                                ?                               
'C6 H13 N O2'    131.173 
LYS 'L-peptide linking' y LYSINE                                                                 ?                               
'C6 H15 N2 O2 1' 147.195 
MET 'L-peptide linking' y METHIONINE                                                             ?                               
'C5 H11 N O2 S'  149.211 
PHE 'L-peptide linking' y PHENYLALANINE                                                          ?                               
'C9 H11 N O2'    165.189 
PRO 'L-peptide linking' y PROLINE                                                                ?                               
'C5 H9 N O2'     115.130 
SER 'L-peptide linking' y SERINE                                                                 ?                               
'C3 H7 N O3'     105.093 
THR 'L-peptide linking' y THREONINE                                                              ?                               
'C4 H9 N O3'     119.119 
TRP 'L-peptide linking' y TRYPTOPHAN                                                             ?                               
'C11 H12 N2 O2'  204.225 
TYR 'L-peptide linking' y TYROSINE                                                               ?                               
'C9 H11 N O3'    181.189 
VAL 'L-peptide linking' y VALINE                                                                 ?                               
'C5 H11 N O2'    117.146 
# 
loop_
_pdbx_poly_seq_scheme.asym_id 
_pdbx_poly_seq_scheme.entity_id 
_pdbx_poly_seq_scheme.seq_id 
_pdbx_poly_seq_scheme.mon_id 
_pdbx_poly_seq_scheme.ndb_seq_num 
_pdbx_poly_seq_scheme.pdb_seq_num 
_pdbx_poly_seq_scheme.auth_seq_num 
_pdbx_poly_seq_scheme.pdb_mon_id 
_pdbx_poly_seq_scheme.auth_mon_id 
_pdbx_poly_seq_scheme.pdb_strand_id 
_pdbx_poly_seq_scheme.pdb_ins_code 
_pdbx_poly_seq_scheme.hetero 
A 1 1   MET 1   1   ?   ?   ?   A . n 
A 1 2   GLU 2   2   ?   ?   ?   A . n 
A 1 3   GLN 3   3   ?   ?   ?   A . n 
A 1 4   GLU 4   4   ?   ?   ?   A . n 
A 1 5   THR 5   5   5   THR THR A . n 
A 1 6   LEU 6   6   6   LEU LEU A . n 
A 1 7   GLU 7   7   7   GLU GLU A . n 
A 1 8   GLN 8   8   8   GLN GLN A . n 
A 1 9   VAL 9   9   9   VAL VAL A . n 
A 1 10  HIS 10  10  10  HIS HIS A . n 
A 1 11  LEU 11  11  11  LEU LEU A . n 
A 1 12  THR 12  12  12  THR THR A . n 
A 1 13  GLU 13  13  13  GLU GLU A . n 
A 1 14  ASP 14  14  14  ASP ASP A . n 
A 1 15  GLY 15  15  15  GLY GLY A . n 
A 1 16  GLY 16  16  16  GLY GLY A . n 
A 1 17  VAL 17  17  17  VAL VAL A . n 
A 1 18  VAL 18  18  18  VAL VAL A . n 
A 1 19  LYS 19  19  19  LYS LYS A . n 
A 1 20  THR 20  20  20  THR THR A . n 
A 1 21  ILE 21  21  21  ILE ILE A . n 
A 1 22  LEU 22  22  22  LEU LEU A . n 
A 1 23  ARG 23  23  23  ARG ARG A . n 
A 1 24  LYS 24  24  24  LYS LYS A . n 
A 1 25  GLY 25  25  25  GLY GLY A . n 
A 1 26  GLU 26  26  26  GLU GLU A . n 
A 1 27  GLY 27  27  27  GLY GLY A . n 
A 1 28  GLY 28  28  28  GLY GLY A . n 
A 1 29  GLU 29  29  29  GLU GLU A . n 
A 1 30  GLU 30  30  30  GLU GLU A . n 
A 1 31  ASN 31  31  31  ASN ASN A . n 
A 1 32  ALA 32  32  32  ALA ALA A . n 
A 1 33  PRO 33  33  33  PRO PRO A . n 
A 1 34  LYS 34  34  34  LYS LYS A . n 
A 1 35  LYS 35  35  35  LYS LYS A . n 
A 1 36  GLY 36  36  36  GLY GLY A . n 
A 1 37  ASN 37  37  37  ASN ASN A . n 
A 1 38  GLU 38  38  38  GLU GLU A . n 
A 1 39  VAL 39  39  39  VAL VAL A . n 
A 1 40  THR 40  40  40  THR THR A . n 
A 1 41  VAL 41  41  41  VAL VAL A . n 
A 1 42  HIS 42  42  42  HIS HIS A . n 
A 1 43  TYR 43  43  43  TYR TYR A . n 
A 1 44  VAL 44  44  44  VAL VAL A . n 
A 1 45  GLY 45  45  45  GLY GLY A . n 
A 1 46  LYS 46  46  46  LYS LYS A . n 
A 1 47  LEU 47  47  47  LEU LEU A . n 
A 1 48  GLU 48  48  48  GLU GLU A . n 
A 1 49  SER 49  49  49  SER SER A . n 
A 1 50  SER 50  50  50  SER SER A . n 
A 1 51  GLY 51  51  51  GLY GLY A . n 
A 1 52  LYS 52  52  52  LYS LYS A . n 
A 1 53  VAL 53  53  53  VAL VAL A . n 
A 1 54  PHE 54  54  54  PHE PHE A . n 
A 1 55  ASP 55  55  55  ASP ASP A . n 
A 1 56  SER 56  56  56  SER SER A . n 
A 1 57  SER 57  57  57  SER SER A . n 
A 1 58  ARG 58  58  58  ARG ARG A . n 
A 1 59  GLU 59  59  59  GLU GLU A . n 
A 1 60  ARG 60  60  60  ARG ARG A . n 
A 1 61  ASN 61  61  61  ASN ASN A . n 
A 1 62  VAL 62  62  62  VAL VAL A . n 
A 1 63  PRO 63  63  63  PRO PRO A . n 
A 1 64  PHE 64  64  64  PHE PHE A . n 
A 1 65  LYS 65  65  65  LYS LYS A . n 
A 1 66  PHE 66  66  66  PHE PHE A . n 
A 1 67  HIS 67  67  67  HIS HIS A . n 
A 1 68  LEU 68  68  68  LEU LEU A . n 
A 1 69  GLY 69  69  69  GLY GLY A . n 
A 1 70  GLN 70  70  70  GLN GLN A . n 
A 1 71  GLY 71  71  71  GLY GLY A . n 
A 1 72  GLU 72  72  72  GLU GLU A . n 
A 1 73  VAL 73  73  73  VAL VAL A . n 
A 1 74  ILE 74  74  74  ILE ILE A . n 
A 1 75  LYS 75  75  75  LYS LYS A . n 
A 1 76  GLY 76  76  76  GLY GLY A . n 
A 1 77  TRP 77  77  77  TRP TRP A . n 
A 1 78  ASP 78  78  78  ASP ASP A . n 
A 1 79  ILE 79  79  79  ILE ILE A . n 
A 1 80  CYS 80  80  80  CYS CYS A . n 
A 1 81  VAL 81  81  81  VAL VAL A . n 
A 1 82  ALA 82  82  82  ALA ALA A . n 
A 1 83  SER 83  83  83  SER SER A . n 
A 1 84  MET 84  84  84  MET MET A . n 
A 1 85  THR 85  85  85  THR THR A . n 
A 1 86  LYS 86  86  86  LYS LYS A . n 
A 1 87  ASN 87  87  87  ASN ASN A . n 
A 1 88  GLU 88  88  88  GLU GLU A . n 
A 1 89  LYS 89  89  89  LYS LYS A . n 
A 1 90  CYS 90  90  90  CYS CYS A . n 
A 1 91  SER 91  91  91  SER SER A . n 
A 1 92  VAL 92  92  92  VAL VAL A . n 
A 1 93  ARG 93  93  93  ARG ARG A . n 
A 1 94  LEU 94  94  94  LEU LEU A . n 
A 1 95  ASP 95  95  95  ASP ASP A . n 
A 1 96  SER 96  96  96  SER SER A . n 
A 1 97  LYS 97  97  97  LYS LYS A . n 
A 1 98  TYR 98  98  98  TYR TYR A . n 
A 1 99  GLY 99  99  99  GLY GLY A . n 
A 1 100 TYR 100 100 100 TYR TYR A . n 
A 1 101 GLY 101 101 101 GLY GLY A . n 
A 1 102 GLU 102 102 102 GLU GLU A . n 
A 1 103 GLU 103 103 103 GLU GLU A . n 
A 1 104 GLY 104 104 104 GLY GLY A . n 
A 1 105 CYS 105 105 105 CYS CYS A . n 
A 1 106 GLY 106 106 106 GLY GLY A . n 
A 1 107 GLU 107 107 107 GLU GLU A . n 
A 1 108 SER 108 108 108 SER SER A . n 
A 1 109 ILE 109 109 109 ILE ILE A . n 
A 1 110 PRO 110 110 110 PRO PRO A . n 
A 1 111 GLY 111 111 111 GLY GLY A . n 
A 1 112 ASN 112 112 112 ASN ASN A . n 
A 1 113 SER 113 113 113 SER SER A . n 
A 1 114 VAL 114 114 114 VAL VAL A . n 
A 1 115 LEU 115 115 115 LEU LEU A . n 
A 1 116 ILE 116 116 116 ILE ILE A . n 
A 1 117 PHE 117 117 117 PHE PHE A . n 
A 1 118 GLU 118 118 118 GLU GLU A . n 
A 1 119 ILE 119 119 119 ILE ILE A . n 
A 1 120 GLU 120 120 120 GLU GLU A . n 
A 1 121 LEU 121 121 121 LEU LEU A . n 
A 1 122 ILE 122 122 122 ILE ILE A . n 
A 1 123 SER 123 123 123 SER SER A . n 
A 1 124 PHE 124 124 124 PHE PHE A . n 
A 1 125 ARG 125 125 125 ARG ARG A . n 
A 1 126 GLU 126 126 126 GLU GLU A . n 
# 
loop_
_pdbx_nonpoly_scheme.asym_id 
_pdbx_nonpoly_scheme.entity_id 
_pdbx_nonpoly_scheme.mon_id 
_pdbx_nonpoly_scheme.ndb_seq_num 
_pdbx_nonpoly_scheme.pdb_seq_num 
_pdbx_nonpoly_scheme.auth_seq_num 
_pdbx_nonpoly_scheme.pdb_mon_id 
_pdbx_nonpoly_scheme.auth_mon_id 
_pdbx_nonpoly_scheme.pdb_strand_id 
_pdbx_nonpoly_scheme.pdb_ins_code 
B 2 D44 1   201 127 D44 D44 A . 
C 3 GOL 1   202 128 GOL GOL A . 
D 3 GOL 1   203 129 GOL GOL A . 
E 3 GOL 1   204 130 GOL GOL A . 
F 3 GOL 1   205 131 GOL GOL A . 
G 4 HOH 1   301 132 HOH HOH A . 
G 4 HOH 2   302 133 HOH HOH A . 
G 4 HOH 3   303 134 HOH HOH A . 
G 4 HOH 4   304 135 HOH HOH A . 
G 4 HOH 5   305 136 HOH HOH A . 
G 4 HOH 6   306 137 HOH HOH A . 
G 4 HOH 7   307 138 HOH HOH A . 
G 4 HOH 8   308 139 HOH HOH A . 
G 4 HOH 9   309 140 HOH HOH A . 
G 4 HOH 10  310 141 HOH HOH A . 
G 4 HOH 11  311 142 HOH HOH A . 
G 4 HOH 12  312 143 HOH HOH A . 
G 4 HOH 13  313 144 HOH HOH A . 
G 4 HOH 14  314 145 HOH HOH A . 
G 4 HOH 15  315 146 HOH HOH A . 
G 4 HOH 16  316 147 HOH HOH A . 
G 4 HOH 17  317 148 HOH HOH A . 
G 4 HOH 18  318 149 HOH HOH A . 
G 4 HOH 19  319 150 HOH HOH A . 
G 4 HOH 20  320 151 HOH HOH A . 
G 4 HOH 21  321 152 HOH HOH A . 
G 4 HOH 22  322 153 HOH HOH A . 
G 4 HOH 23  323 154 HOH HOH A . 
G 4 HOH 24  324 155 HOH HOH A . 
G 4 HOH 25  325 156 HOH HOH A . 
G 4 HOH 26  326 157 HOH HOH A . 
G 4 HOH 27  327 158 HOH HOH A . 
G 4 HOH 28  328 159 HOH HOH A . 
G 4 HOH 29  329 160 HOH HOH A . 
G 4 HOH 30  330 161 HOH HOH A . 
G 4 HOH 31  331 162 HOH HOH A . 
G 4 HOH 32  332 163 HOH HOH A . 
G 4 HOH 33  333 164 HOH HOH A . 
G 4 HOH 34  334 165 HOH HOH A . 
G 4 HOH 35  335 166 HOH HOH A . 
G 4 HOH 36  336 167 HOH HOH A . 
G 4 HOH 37  337 168 HOH HOH A . 
G 4 HOH 38  338 169 HOH HOH A . 
G 4 HOH 39  339 170 HOH HOH A . 
G 4 HOH 40  340 171 HOH HOH A . 
G 4 HOH 41  341 172 HOH HOH A . 
G 4 HOH 42  342 173 HOH HOH A . 
G 4 HOH 43  343 174 HOH HOH A . 
G 4 HOH 44  344 175 HOH HOH A . 
G 4 HOH 45  345 176 HOH HOH A . 
G 4 HOH 46  346 177 HOH HOH A . 
G 4 HOH 47  347 178 HOH HOH A . 
G 4 HOH 48  348 179 HOH HOH A . 
G 4 HOH 49  349 180 HOH HOH A . 
G 4 HOH 50  350 181 HOH HOH A . 
G 4 HOH 51  351 182 HOH HOH A . 
G 4 HOH 52  352 183 HOH HOH A . 
G 4 HOH 53  353 184 HOH HOH A . 
G 4 HOH 54  354 185 HOH HOH A . 
G 4 HOH 55  355 186 HOH HOH A . 
G 4 HOH 56  356 187 HOH HOH A . 
G 4 HOH 57  357 188 HOH HOH A . 
G 4 HOH 58  358 189 HOH HOH A . 
G 4 HOH 59  359 190 HOH HOH A . 
G 4 HOH 60  360 191 HOH HOH A . 
G 4 HOH 61  361 192 HOH HOH A . 
G 4 HOH 62  362 193 HOH HOH A . 
G 4 HOH 63  363 194 HOH HOH A . 
G 4 HOH 64  364 195 HOH HOH A . 
G 4 HOH 65  365 196 HOH HOH A . 
G 4 HOH 66  366 197 HOH HOH A . 
G 4 HOH 67  367 198 HOH HOH A . 
G 4 HOH 68  368 199 HOH HOH A . 
G 4 HOH 69  369 200 HOH HOH A . 
G 4 HOH 70  370 201 HOH HOH A . 
G 4 HOH 71  371 202 HOH HOH A . 
G 4 HOH 72  372 203 HOH HOH A . 
G 4 HOH 73  373 204 HOH HOH A . 
G 4 HOH 74  374 205 HOH HOH A . 
G 4 HOH 75  375 206 HOH HOH A . 
G 4 HOH 76  376 207 HOH HOH A . 
G 4 HOH 77  377 208 HOH HOH A . 
G 4 HOH 78  378 209 HOH HOH A . 
G 4 HOH 79  379 210 HOH HOH A . 
G 4 HOH 80  380 211 HOH HOH A . 
G 4 HOH 81  381 212 HOH HOH A . 
G 4 HOH 82  382 213 HOH HOH A . 
G 4 HOH 83  383 214 HOH HOH A . 
G 4 HOH 84  384 215 HOH HOH A . 
G 4 HOH 85  385 216 HOH HOH A . 
G 4 HOH 86  386 217 HOH HOH A . 
G 4 HOH 87  387 218 HOH HOH A . 
G 4 HOH 88  388 219 HOH HOH A . 
G 4 HOH 89  389 220 HOH HOH A . 
G 4 HOH 90  390 221 HOH HOH A . 
G 4 HOH 91  391 222 HOH HOH A . 
G 4 HOH 92  392 223 HOH HOH A . 
G 4 HOH 93  393 224 HOH HOH A . 
G 4 HOH 94  394 225 HOH HOH A . 
G 4 HOH 95  395 226 HOH HOH A . 
G 4 HOH 96  396 227 HOH HOH A . 
G 4 HOH 97  397 228 HOH HOH A . 
G 4 HOH 98  398 229 HOH HOH A . 
G 4 HOH 99  399 230 HOH HOH A . 
G 4 HOH 100 400 231 HOH HOH A . 
G 4 HOH 101 401 232 HOH HOH A . 
G 4 HOH 102 402 233 HOH HOH A . 
G 4 HOH 103 403 234 HOH HOH A . 
G 4 HOH 104 404 235 HOH HOH A . 
G 4 HOH 105 405 236 HOH HOH A . 
G 4 HOH 106 406 237 HOH HOH A . 
G 4 HOH 107 407 238 HOH HOH A . 
G 4 HOH 108 408 239 HOH HOH A . 
G 4 HOH 109 409 240 HOH HOH A . 
G 4 HOH 110 410 241 HOH HOH A . 
G 4 HOH 111 411 242 HOH HOH A . 
G 4 HOH 112 412 243 HOH HOH A . 
G 4 HOH 113 413 244 HOH HOH A . 
G 4 HOH 114 414 245 HOH HOH A . 
G 4 HOH 115 415 246 HOH HOH A . 
G 4 HOH 116 416 247 HOH HOH A . 
G 4 HOH 117 417 248 HOH HOH A . 
G 4 HOH 118 418 249 HOH HOH A . 
G 4 HOH 119 419 250 HOH HOH A . 
G 4 HOH 120 420 251 HOH HOH A . 
G 4 HOH 121 421 252 HOH HOH A . 
G 4 HOH 122 422 253 HOH HOH A . 
G 4 HOH 123 423 254 HOH HOH A . 
G 4 HOH 124 424 255 HOH HOH A . 
G 4 HOH 125 425 256 HOH HOH A . 
G 4 HOH 126 426 257 HOH HOH A . 
G 4 HOH 127 427 258 HOH HOH A . 
G 4 HOH 128 428 259 HOH HOH A . 
G 4 HOH 129 429 260 HOH HOH A . 
G 4 HOH 130 430 261 HOH HOH A . 
G 4 HOH 131 431 262 HOH HOH A . 
G 4 HOH 132 432 263 HOH HOH A . 
G 4 HOH 133 433 264 HOH HOH A . 
G 4 HOH 134 434 265 HOH HOH A . 
G 4 HOH 135 435 266 HOH HOH A . 
G 4 HOH 136 436 267 HOH HOH A . 
G 4 HOH 137 437 268 HOH HOH A . 
G 4 HOH 138 438 269 HOH HOH A . 
G 4 HOH 139 439 270 HOH HOH A . 
G 4 HOH 140 440 271 HOH HOH A . 
G 4 HOH 141 441 272 HOH HOH A . 
G 4 HOH 142 442 273 HOH HOH A . 
G 4 HOH 143 443 274 HOH HOH A . 
G 4 HOH 144 444 275 HOH HOH A . 
G 4 HOH 145 445 276 HOH HOH A . 
G 4 HOH 146 446 277 HOH HOH A . 
G 4 HOH 147 447 278 HOH HOH A . 
G 4 HOH 148 448 279 HOH HOH A . 
G 4 HOH 149 449 280 HOH HOH A . 
G 4 HOH 150 450 281 HOH HOH A . 
G 4 HOH 151 451 282 HOH HOH A . 
G 4 HOH 152 452 283 HOH HOH A . 
G 4 HOH 153 453 284 HOH HOH A . 
G 4 HOH 154 454 285 HOH HOH A . 
G 4 HOH 155 455 286 HOH HOH A . 
G 4 HOH 156 456 287 HOH HOH A . 
G 4 HOH 157 457 288 HOH HOH A . 
G 4 HOH 158 458 289 HOH HOH A . 
G 4 HOH 159 459 290 HOH HOH A . 
G 4 HOH 160 460 291 HOH HOH A . 
G 4 HOH 161 461 292 HOH HOH A . 
G 4 HOH 162 462 293 HOH HOH A . 
G 4 HOH 163 463 294 HOH HOH A . 
G 4 HOH 164 464 295 HOH HOH A . 
G 4 HOH 165 465 296 HOH HOH A . 
G 4 HOH 166 466 297 HOH HOH A . 
G 4 HOH 167 467 298 HOH HOH A . 
G 4 HOH 168 468 299 HOH HOH A . 
G 4 HOH 169 469 300 HOH HOH A . 
G 4 HOH 170 470 301 HOH HOH A . 
G 4 HOH 171 471 302 HOH HOH A . 
G 4 HOH 172 472 303 HOH HOH A . 
G 4 HOH 173 473 304 HOH HOH A . 
G 4 HOH 174 474 305 HOH HOH A . 
G 4 HOH 175 475 306 HOH HOH A . 
G 4 HOH 176 476 307 HOH HOH A . 
G 4 HOH 177 477 308 HOH HOH A . 
G 4 HOH 178 478 309 HOH HOH A . 
G 4 HOH 179 479 310 HOH HOH A . 
G 4 HOH 180 480 311 HOH HOH A . 
G 4 HOH 181 481 312 HOH HOH A . 
G 4 HOH 182 482 313 HOH HOH A . 
G 4 HOH 183 483 314 HOH HOH A . 
G 4 HOH 184 484 315 HOH HOH A . 
G 4 HOH 185 485 316 HOH HOH A . 
G 4 HOH 186 486 317 HOH HOH A . 
G 4 HOH 187 487 318 HOH HOH A . 
G 4 HOH 188 488 319 HOH HOH A . 
G 4 HOH 189 489 320 HOH HOH A . 
G 4 HOH 190 490 321 HOH HOH A . 
G 4 HOH 191 491 322 HOH HOH A . 
G 4 HOH 192 492 323 HOH HOH A . 
G 4 HOH 193 493 324 HOH HOH A . 
G 4 HOH 194 494 325 HOH HOH A . 
G 4 HOH 195 495 326 HOH HOH A . 
G 4 HOH 196 496 327 HOH HOH A . 
G 4 HOH 197 497 328 HOH HOH A . 
G 4 HOH 198 498 329 HOH HOH A . 
G 4 HOH 199 499 330 HOH HOH A . 
G 4 HOH 200 500 331 HOH HOH A . 
# 
loop_
_software.name 
_software.classification 
_software.version 
_software.citation_id 
_software.pdbx_ordinal 
PHASER phasing          .        ? 1 
REFMAC refinement       5.5.0109 ? 2 
d*TREK 'data reduction' .        ? 3 
d*TREK 'data scaling'   .        ? 4 
# 
_cell.entry_id           4J4O 
_cell.length_a           68.259 
_cell.length_b           68.259 
_cell.length_c           74.116 
_cell.angle_alpha        90.00 
_cell.angle_beta         90.00 
_cell.angle_gamma        120.00 
_cell.Z_PDB              6 
_cell.pdbx_unique_axis   ? 
_cell.length_a_esd       ? 
_cell.length_b_esd       ? 
_cell.length_c_esd       ? 
_cell.angle_alpha_esd    ? 
_cell.angle_beta_esd     ? 
_cell.angle_gamma_esd    ? 
# 
_symmetry.entry_id                         4J4O 
_symmetry.space_group_name_H-M             'P 32 2 1' 
_symmetry.pdbx_full_space_group_name_H-M   ? 
_symmetry.cell_setting                     ? 
_symmetry.Int_Tables_number                154 
_symmetry.space_group_name_Hall            ? 
# 
_exptl.entry_id          4J4O 
_exptl.method            'X-RAY DIFFRACTION' 
_exptl.crystals_number   1 
# 
_exptl_crystal.id                    1 
_exptl_crystal.density_meas          ? 
_exptl_crystal.density_Matthews      3.57 
_exptl_crystal.density_percent_sol   65.52 
_exptl_crystal.description           ? 
_exptl_crystal.F_000                 ? 
_exptl_crystal.preparation           ? 
# 
_exptl_crystal_grow.crystal_id      1 
_exptl_crystal_grow.method          'VAPOR DIFFUSION, HANGING DROP' 
_exptl_crystal_grow.temp            291 
_exptl_crystal_grow.temp_details    ? 
_exptl_crystal_grow.pH              9.0 
_exptl_crystal_grow.pdbx_details    '3.0M AMMONIUM SULPHATE, 0.1M BICINE, pH 9.0, VAPOR DIFFUSION, HANGING DROP, temperature 291K' 
_exptl_crystal_grow.pdbx_pH_range   . 
# 
_diffrn.id                     1 
_diffrn.ambient_temp           100 
_diffrn.ambient_temp_details   ? 
_diffrn.crystal_id             1 
# 
_diffrn_detector.diffrn_id              1 
_diffrn_detector.detector               'IMAGE PLATE' 
_diffrn_detector.type                   'RIGAKU RAXIS IV++' 
_diffrn_detector.pdbx_collection_date   2011-09-26 
_diffrn_detector.details                MIRRORS 
# 
_diffrn_radiation.diffrn_id                        1 
_diffrn_radiation.wavelength_id                    1 
_diffrn_radiation.pdbx_monochromatic_or_laue_m_l   M 
_diffrn_radiation.monochromator                    ? 
_diffrn_radiation.pdbx_diffrn_protocol             'SINGLE WAVELENGTH' 
_diffrn_radiation.pdbx_scattering_type             x-ray 
# 
_diffrn_radiation_wavelength.id           1 
_diffrn_radiation_wavelength.wavelength   1.5418 
_diffrn_radiation_wavelength.wt           1.0 
# 
_diffrn_source.diffrn_id                   1 
_diffrn_source.source                      'ROTATING ANODE' 
_diffrn_source.type                        'RIGAKU MICROMAX-007 HF' 
_diffrn_source.pdbx_synchrotron_site       ? 
_diffrn_source.pdbx_synchrotron_beamline   ? 
_diffrn_source.pdbx_wavelength             1.5418 
_diffrn_source.pdbx_wavelength_list        ? 
# 
_reflns.entry_id                     4J4O 
_reflns.observed_criterion_sigma_I   2.000 
_reflns.observed_criterion_sigma_F   ? 
_reflns.d_resolution_low             33.500 
_reflns.d_resolution_high            1.730 
_reflns.number_obs                   21268 
_reflns.number_all                   ? 
_reflns.percent_possible_obs         99.8 
_reflns.pdbx_Rmerge_I_obs            0.04900 
_reflns.pdbx_Rsym_value              ? 
_reflns.pdbx_netI_over_sigmaI        22.4000 
_reflns.B_iso_Wilson_estimate        ? 
_reflns.pdbx_redundancy              10.320 
_reflns.R_free_details               ? 
_reflns.limit_h_max                  ? 
_reflns.limit_h_min                  ? 
_reflns.limit_k_max                  ? 
_reflns.limit_k_min                  ? 
_reflns.limit_l_max                  ? 
_reflns.limit_l_min                  ? 
_reflns.observed_criterion_F_max     ? 
_reflns.observed_criterion_F_min     ? 
_reflns.pdbx_chi_squared             ? 
_reflns.pdbx_scaling_rejects         ? 
_reflns.pdbx_ordinal                 1 
_reflns.pdbx_diffrn_id               1 
# 
_reflns_shell.d_res_high                  1.73 
_reflns_shell.d_res_low                   1.79 
_reflns_shell.percent_possible_all        99.7 
_reflns_shell.Rmerge_I_obs                0.18700 
_reflns_shell.pdbx_Rsym_value             ? 
_reflns_shell.meanI_over_sigI_obs         6.900 
_reflns_shell.pdbx_redundancy             7.93 
_reflns_shell.percent_possible_obs        ? 
_reflns_shell.number_unique_all           ? 
_reflns_shell.number_measured_all         ? 
_reflns_shell.number_measured_obs         ? 
_reflns_shell.number_unique_obs           ? 
_reflns_shell.pdbx_chi_squared            ? 
_reflns_shell.pdbx_rejects                ? 
_reflns_shell.pdbx_netI_over_sigmaI_obs   ? 
_reflns_shell.number_possible             ? 
_reflns_shell.Rmerge_F_all                ? 
_reflns_shell.Rmerge_F_obs                ? 
_reflns_shell.Rmerge_I_all                ? 
_reflns_shell.meanI_over_sigI_all         ? 
_reflns_shell.pdbx_Rrim_I_all             ? 
_reflns_shell.pdbx_Rpim_I_all             ? 
_reflns_shell.pdbx_ordinal                1 
_reflns_shell.pdbx_diffrn_id              1 
# 
_refine.entry_id                                 4J4O 
_refine.ls_number_reflns_obs                     20015 
_refine.ls_number_reflns_all                     ? 
_refine.pdbx_ls_sigma_I                          ? 
_refine.pdbx_ls_sigma_F                          ? 
_refine.pdbx_data_cutoff_high_absF               ? 
_refine.pdbx_data_cutoff_low_absF                ? 
_refine.pdbx_data_cutoff_high_rms_absF           ? 
_refine.ls_d_res_low                             20.00 
_refine.ls_d_res_high                            1.73 
_refine.ls_percent_reflns_obs                    99.1 
_refine.ls_R_factor_obs                          0.179 
_refine.ls_R_factor_all                          ? 
_refine.ls_R_factor_R_work                       0.177 
_refine.ls_R_factor_R_free                       0.215 
_refine.ls_R_factor_R_free_error                 ? 
_refine.ls_R_factor_R_free_error_details         ? 
_refine.ls_percent_reflns_R_free                 5.200 
_refine.ls_number_reflns_R_free                  1088 
_refine.ls_number_parameters                     ? 
_refine.ls_number_restraints                     ? 
_refine.occupancy_min                            ? 
_refine.occupancy_max                            ? 
_refine.correlation_coeff_Fo_to_Fc               0.957 
_refine.correlation_coeff_Fo_to_Fc_free          0.936 
_refine.B_iso_mean                               22.59 
_refine.aniso_B[1][1]                            0.02000 
_refine.aniso_B[2][2]                            0.02000 
_refine.aniso_B[3][3]                            -0.02000 
_refine.aniso_B[1][2]                            0.01000 
_refine.aniso_B[1][3]                            0.00000 
_refine.aniso_B[2][3]                            0.00000 
_refine.solvent_model_details                    MASK 
_refine.solvent_model_param_ksol                 ? 
_refine.solvent_model_param_bsol                 ? 
_refine.pdbx_solvent_vdw_probe_radii             1.40 
_refine.pdbx_solvent_ion_probe_radii             0.80 
_refine.pdbx_solvent_shrinkage_radii             0.80 
_refine.pdbx_ls_cross_valid_method               THROUGHOUT 
_refine.details                                  ? 
_refine.pdbx_starting_model                      'PDB ENTRY 3IHZ' 
_refine.pdbx_method_to_determine_struct          'MOLECULAR REPLACEMENT' 
_refine.pdbx_isotropic_thermal_model             ? 
_refine.pdbx_stereochemistry_target_values       'MAXIMUM LIKELIHOOD' 
_refine.pdbx_stereochem_target_val_spec_case     ? 
_refine.pdbx_R_Free_selection_details            RANDOM 
_refine.pdbx_overall_ESU_R                       0.089 
_refine.pdbx_overall_ESU_R_Free                  0.093 
_refine.overall_SU_ML                            0.053 
_refine.pdbx_overall_phase_error                 ? 
_refine.overall_SU_B                             1.561 
_refine.overall_SU_R_Cruickshank_DPI             ? 
_refine.ls_redundancy_reflns_obs                 ? 
_refine.B_iso_min                                ? 
_refine.B_iso_max                                ? 
_refine.overall_SU_R_free                        ? 
_refine.ls_wR_factor_R_free                      ? 
_refine.ls_wR_factor_R_work                      ? 
_refine.overall_FOM_free_R_set                   ? 
_refine.overall_FOM_work_R_set                   ? 
_refine.pdbx_diffrn_id                           1 
_refine.pdbx_refine_id                           'X-RAY DIFFRACTION' 
_refine.pdbx_TLS_residual_ADP_flag               ? 
_refine.pdbx_overall_SU_R_free_Cruickshank_DPI   ? 
_refine.pdbx_overall_SU_R_Blow_DPI               ? 
_refine.pdbx_overall_SU_R_free_Blow_DPI          ? 
# 
_refine_hist.pdbx_refine_id                   'X-RAY DIFFRACTION' 
_refine_hist.cycle_id                         LAST 
_refine_hist.pdbx_number_atoms_protein        943 
_refine_hist.pdbx_number_atoms_nucleic_acid   0 
_refine_hist.pdbx_number_atoms_ligand         46 
_refine_hist.number_atoms_solvent             200 
_refine_hist.number_atoms_total               1189 
_refine_hist.d_res_high                       1.73 
_refine_hist.d_res_low                        20.00 
# 
loop_
_refine_ls_restr.type 
_refine_ls_restr.dev_ideal 
_refine_ls_restr.dev_ideal_target 
_refine_ls_restr.weight 
_refine_ls_restr.number 
_refine_ls_restr.pdbx_restraint_function 
_refine_ls_restr.pdbx_refine_id 
r_bond_refined_d       0.014  0.022  ? 1031 ? 'X-RAY DIFFRACTION' 
r_angle_refined_deg    1.563  1.999  ? 1382 ? 'X-RAY DIFFRACTION' 
r_dihedral_angle_1_deg 6.508  5.000  ? 129  ? 'X-RAY DIFFRACTION' 
r_dihedral_angle_2_deg 36.307 25.208 ? 48   ? 'X-RAY DIFFRACTION' 
r_dihedral_angle_3_deg 11.867 15.000 ? 185  ? 'X-RAY DIFFRACTION' 
r_dihedral_angle_4_deg 19.665 15.000 ? 5    ? 'X-RAY DIFFRACTION' 
r_chiral_restr         0.109  0.200  ? 142  ? 'X-RAY DIFFRACTION' 
r_gen_planes_refined   0.006  0.020  ? 773  ? 'X-RAY DIFFRACTION' 
r_mcbond_it            0.945  1.500  ? 608  ? 'X-RAY DIFFRACTION' 
r_mcangle_it           1.711  2.000  ? 980  ? 'X-RAY DIFFRACTION' 
r_scbond_it            2.607  3.000  ? 423  ? 'X-RAY DIFFRACTION' 
r_scangle_it           4.491  4.500  ? 398  ? 'X-RAY DIFFRACTION' 
# 
_refine_ls_shell.pdbx_refine_id                   'X-RAY DIFFRACTION' 
_refine_ls_shell.pdbx_total_number_of_bins_used   20 
_refine_ls_shell.d_res_high                       1.73 
_refine_ls_shell.d_res_low                        1.77 
_refine_ls_shell.number_reflns_R_work             1431 
_refine_ls_shell.R_factor_R_work                  0.2710 
_refine_ls_shell.percent_reflns_obs               98.31 
_refine_ls_shell.R_factor_R_free                  0.2780 
_refine_ls_shell.R_factor_R_free_error            ? 
_refine_ls_shell.percent_reflns_R_free            ? 
_refine_ls_shell.number_reflns_R_free             85 
_refine_ls_shell.number_reflns_all                ? 
_refine_ls_shell.R_factor_all                     ? 
_refine_ls_shell.number_reflns_obs                ? 
_refine_ls_shell.redundancy_reflns_obs            ? 
# 
_struct.entry_id                  4J4O 
_struct.title                     'Crystal structure of FK506 binding domain of plasmodium VIVAX FKBP35 in complex with D44' 
_struct.pdbx_model_details        ? 
_struct.pdbx_CASP_flag            ? 
_struct.pdbx_model_type_details   ? 
# 
_struct_keywords.entry_id        4J4O 
_struct_keywords.pdbx_keywords   'ISOMERASE/ISOMERASE INHIBITOR' 
_struct_keywords.text            'D44, FKBP35, FK506, ISOMERASE-ISOMERASE INHIBITOR complex' 
# 
loop_
_struct_asym.id 
_struct_asym.pdbx_blank_PDB_chainid_flag 
_struct_asym.pdbx_modified 
_struct_asym.entity_id 
_struct_asym.details 
A N N 1 ? 
B N N 2 ? 
C N N 3 ? 
D N N 3 ? 
E N N 3 ? 
F N N 3 ? 
G N N 4 ? 
# 
_struct_ref.id                         1 
_struct_ref.db_name                    UNP 
_struct_ref.db_code                    A5K8X6_PLAVS 
_struct_ref.pdbx_db_accession          A5K8X6 
_struct_ref.entity_id                  1 
_struct_ref.pdbx_seq_one_letter_code   
;MEQETLEQVHLTEDGGVVKTILRKGEGGEENAPKKGNEVTVHYVGKLESSGKVFDSSRERNVPFKFHLGQGEVIKGWDIC
VASMTKNEKCSVRLDSKYGYGEEGCGESIPGNSVLIFEIELISFRE
;
_struct_ref.pdbx_align_begin           1 
_struct_ref.pdbx_db_isoform            ? 
# 
_struct_ref_seq.align_id                      1 
_struct_ref_seq.ref_id                        1 
_struct_ref_seq.pdbx_PDB_id_code              4J4O 
_struct_ref_seq.pdbx_strand_id                A 
_struct_ref_seq.seq_align_beg                 1 
_struct_ref_seq.pdbx_seq_align_beg_ins_code   ? 
_struct_ref_seq.seq_align_end                 126 
_struct_ref_seq.pdbx_seq_align_end_ins_code   ? 
_struct_ref_seq.pdbx_db_accession             A5K8X6 
_struct_ref_seq.db_align_beg                  1 
_struct_ref_seq.pdbx_db_align_beg_ins_code    ? 
_struct_ref_seq.db_align_end                  126 
_struct_ref_seq.pdbx_db_align_end_ins_code    ? 
_struct_ref_seq.pdbx_auth_seq_align_beg       1 
_struct_ref_seq.pdbx_auth_seq_align_end       126 
# 
_pdbx_struct_assembly.id                   1 
_pdbx_struct_assembly.details              author_and_software_defined_assembly 
_pdbx_struct_assembly.method_details       PISA 
_pdbx_struct_assembly.oligomeric_details   dimeric 
_pdbx_struct_assembly.oligomeric_count     2 
# 
loop_
_pdbx_struct_assembly_prop.biol_id 
_pdbx_struct_assembly_prop.type 
_pdbx_struct_assembly_prop.value 
_pdbx_struct_assembly_prop.details 
1 'ABSA (A^2)' 3480  ? 
1 MORE         -9    ? 
1 'SSA (A^2)'  11560 ? 
# 
_pdbx_struct_assembly_gen.assembly_id       1 
_pdbx_struct_assembly_gen.oper_expression   1,2 
_pdbx_struct_assembly_gen.asym_id_list      A,B,C,D,E,F,G 
# 
loop_
_pdbx_struct_oper_list.id 
_pdbx_struct_oper_list.type 
_pdbx_struct_oper_list.name 
_pdbx_struct_oper_list.symmetry_operation 
_pdbx_struct_oper_list.matrix[1][1] 
_pdbx_struct_oper_list.matrix[1][2] 
_pdbx_struct_oper_list.matrix[1][3] 
_pdbx_struct_oper_list.vector[1] 
_pdbx_struct_oper_list.matrix[2][1] 
_pdbx_struct_oper_list.matrix[2][2] 
_pdbx_struct_oper_list.matrix[2][3] 
_pdbx_struct_oper_list.vector[2] 
_pdbx_struct_oper_list.matrix[3][1] 
_pdbx_struct_oper_list.matrix[3][2] 
_pdbx_struct_oper_list.matrix[3][3] 
_pdbx_struct_oper_list.vector[3] 
1 'identity operation'         1_555 x,y,z          1.0000000000  0.0000000000 0.0000000000  0.0000000000 0.0000000000 1.0000000000  0.0000000000  0.0000000000   0.0000000000  0.0000000000  1.0000000000  0.0000000000   
2 'crystal symmetry operation' 6_554 -x,-x+y,-z-1/3 -0.1555943552 0.6070288067 -0.7792986747 0.1555518623 0.6070288067 -0.5636173509 -0.5602245171 -20.1265910148 -0.7792986747 -0.5602245171 -0.2807882939 -15.5089082628 
# 
_struct_biol.id        1 
_struct_biol.details   ? 
# 
loop_
_struct_conf.conf_type_id 
_struct_conf.id 
_struct_conf.pdbx_PDB_helix_id 
_struct_conf.beg_label_comp_id 
_struct_conf.beg_label_asym_id 
_struct_conf.beg_label_seq_id 
_struct_conf.pdbx_beg_PDB_ins_code 
_struct_conf.end_label_comp_id 
_struct_conf.end_label_asym_id 
_struct_conf.end_label_seq_id 
_struct_conf.pdbx_end_PDB_ins_code 
_struct_conf.beg_auth_comp_id 
_struct_conf.beg_auth_asym_id 
_struct_conf.beg_auth_seq_id 
_struct_conf.end_auth_comp_id 
_struct_conf.end_auth_asym_id 
_struct_conf.end_auth_seq_id 
_struct_conf.pdbx_PDB_helix_class 
_struct_conf.details 
_struct_conf.pdbx_PDB_helix_length 
HELX_P HELX_P1 1 ILE A 74 ? SER A 83 ? ILE A 74 SER A 83 1 ? 10 
HELX_P HELX_P2 2 SER A 96 ? GLY A 99 ? SER A 96 GLY A 99 5 ? 4  
# 
_struct_conf_type.id          HELX_P 
_struct_conf_type.criteria    ? 
_struct_conf_type.reference   ? 
# 
_struct_conn.id                            disulf1 
_struct_conn.conn_type_id                  disulf 
_struct_conn.pdbx_leaving_atom_flag        ? 
_struct_conn.pdbx_PDB_id                   ? 
_struct_conn.ptnr1_label_asym_id           A 
_struct_conn.ptnr1_label_comp_id           CYS 
_struct_conn.ptnr1_label_seq_id            105 
_struct_conn.ptnr1_label_atom_id           SG 
_struct_conn.pdbx_ptnr1_label_alt_id       ? 
_struct_conn.pdbx_ptnr1_PDB_ins_code       ? 
_struct_conn.pdbx_ptnr1_standard_comp_id   ? 
_struct_conn.ptnr1_symmetry                1_555 
_struct_conn.ptnr2_label_asym_id           A 
_struct_conn.ptnr2_label_comp_id           CYS 
_struct_conn.ptnr2_label_seq_id            105 
_struct_conn.ptnr2_label_atom_id           SG 
_struct_conn.pdbx_ptnr2_label_alt_id       ? 
_struct_conn.pdbx_ptnr2_PDB_ins_code       ? 
_struct_conn.ptnr1_auth_asym_id            A 
_struct_conn.ptnr1_auth_comp_id            CYS 
_struct_conn.ptnr1_auth_seq_id             105 
_struct_conn.ptnr2_auth_asym_id            A 
_struct_conn.ptnr2_auth_comp_id            CYS 
_struct_conn.ptnr2_auth_seq_id             105 
_struct_conn.ptnr2_symmetry                6_554 
_struct_conn.pdbx_ptnr3_label_atom_id      ? 
_struct_conn.pdbx_ptnr3_label_seq_id       ? 
_struct_conn.pdbx_ptnr3_label_comp_id      ? 
_struct_conn.pdbx_ptnr3_label_asym_id      ? 
_struct_conn.pdbx_ptnr3_label_alt_id       ? 
_struct_conn.pdbx_ptnr3_PDB_ins_code       ? 
_struct_conn.details                       ? 
_struct_conn.pdbx_dist_value               2.080 
_struct_conn.pdbx_value_order              ? 
_struct_conn.pdbx_role                     ? 
# 
_struct_conn_type.id          disulf 
_struct_conn_type.criteria    ? 
_struct_conn_type.reference   ? 
# 
_pdbx_modification_feature.ordinal                            1 
_pdbx_modification_feature.label_comp_id                      CYS 
_pdbx_modification_feature.label_asym_id                      A 
_pdbx_modification_feature.label_seq_id                       105 
_pdbx_modification_feature.label_alt_id                       ? 
_pdbx_modification_feature.modified_residue_label_comp_id     CYS 
_pdbx_modification_feature.modified_residue_label_asym_id     A 
_pdbx_modification_feature.modified_residue_label_seq_id      105 
_pdbx_modification_feature.modified_residue_label_alt_id      ? 
_pdbx_modification_feature.auth_comp_id                       CYS 
_pdbx_modification_feature.auth_asym_id                       A 
_pdbx_modification_feature.auth_seq_id                        105 
_pdbx_modification_feature.PDB_ins_code                       ? 
_pdbx_modification_feature.symmetry                           1_555 
_pdbx_modification_feature.modified_residue_auth_comp_id      CYS 
_pdbx_modification_feature.modified_residue_auth_asym_id      A 
_pdbx_modification_feature.modified_residue_auth_seq_id       105 
_pdbx_modification_feature.modified_residue_PDB_ins_code      ? 
_pdbx_modification_feature.modified_residue_symmetry          6_554 
_pdbx_modification_feature.comp_id_linking_atom               SG 
_pdbx_modification_feature.modified_residue_id_linking_atom   SG 
_pdbx_modification_feature.modified_residue_id                . 
_pdbx_modification_feature.ref_pcm_id                         . 
_pdbx_modification_feature.ref_comp_id                        . 
_pdbx_modification_feature.type                               None 
_pdbx_modification_feature.category                           'Disulfide bridge' 
# 
loop_
_struct_sheet.id 
_struct_sheet.type 
_struct_sheet.number_strands 
_struct_sheet.details 
A ? 6 ? 
B ? 6 ? 
# 
loop_
_struct_sheet_order.sheet_id 
_struct_sheet_order.range_id_1 
_struct_sheet_order.range_id_2 
_struct_sheet_order.offset 
_struct_sheet_order.sense 
A 1 2 ? anti-parallel 
A 2 3 ? anti-parallel 
A 3 4 ? anti-parallel 
A 4 5 ? anti-parallel 
A 5 6 ? anti-parallel 
B 1 2 ? anti-parallel 
B 2 3 ? anti-parallel 
B 3 4 ? anti-parallel 
B 4 5 ? anti-parallel 
B 5 6 ? anti-parallel 
# 
loop_
_struct_sheet_range.sheet_id 
_struct_sheet_range.id 
_struct_sheet_range.beg_label_comp_id 
_struct_sheet_range.beg_label_asym_id 
_struct_sheet_range.beg_label_seq_id 
_struct_sheet_range.pdbx_beg_PDB_ins_code 
_struct_sheet_range.end_label_comp_id 
_struct_sheet_range.end_label_asym_id 
_struct_sheet_range.end_label_seq_id 
_struct_sheet_range.pdbx_end_PDB_ins_code 
_struct_sheet_range.beg_auth_comp_id 
_struct_sheet_range.beg_auth_asym_id 
_struct_sheet_range.beg_auth_seq_id 
_struct_sheet_range.end_auth_comp_id 
_struct_sheet_range.end_auth_asym_id 
_struct_sheet_range.end_auth_seq_id 
A 1 GLN A 8   ? HIS A 10  ? GLN A 8   HIS A 10  
A 2 VAL A 17  ? ARG A 23  ? VAL A 17  ARG A 23  
A 3 LYS A 89  ? LEU A 94  ? LYS A 89  LEU A 94  
A 4 LEU A 115 ? ARG A 125 ? LEU A 115 ARG A 125 
A 5 GLU A 38  ? LEU A 47  ? GLU A 38  LEU A 47  
A 6 VAL A 53  ? SER A 56  ? VAL A 53  SER A 56  
B 1 GLN A 8   ? HIS A 10  ? GLN A 8   HIS A 10  
B 2 VAL A 17  ? ARG A 23  ? VAL A 17  ARG A 23  
B 3 LYS A 89  ? LEU A 94  ? LYS A 89  LEU A 94  
B 4 LEU A 115 ? ARG A 125 ? LEU A 115 ARG A 125 
B 5 GLU A 38  ? LEU A 47  ? GLU A 38  LEU A 47  
B 6 PHE A 64  ? HIS A 67  ? PHE A 64  HIS A 67  
# 
loop_
_pdbx_struct_sheet_hbond.sheet_id 
_pdbx_struct_sheet_hbond.range_id_1 
_pdbx_struct_sheet_hbond.range_id_2 
_pdbx_struct_sheet_hbond.range_1_label_atom_id 
_pdbx_struct_sheet_hbond.range_1_label_comp_id 
_pdbx_struct_sheet_hbond.range_1_label_asym_id 
_pdbx_struct_sheet_hbond.range_1_label_seq_id 
_pdbx_struct_sheet_hbond.range_1_PDB_ins_code 
_pdbx_struct_sheet_hbond.range_1_auth_atom_id 
_pdbx_struct_sheet_hbond.range_1_auth_comp_id 
_pdbx_struct_sheet_hbond.range_1_auth_asym_id 
_pdbx_struct_sheet_hbond.range_1_auth_seq_id 
_pdbx_struct_sheet_hbond.range_2_label_atom_id 
_pdbx_struct_sheet_hbond.range_2_label_comp_id 
_pdbx_struct_sheet_hbond.range_2_label_asym_id 
_pdbx_struct_sheet_hbond.range_2_label_seq_id 
_pdbx_struct_sheet_hbond.range_2_PDB_ins_code 
_pdbx_struct_sheet_hbond.range_2_auth_atom_id 
_pdbx_struct_sheet_hbond.range_2_auth_comp_id 
_pdbx_struct_sheet_hbond.range_2_auth_asym_id 
_pdbx_struct_sheet_hbond.range_2_auth_seq_id 
A 1 2 N VAL A 9   ? N VAL A 9   O LYS A 19  ? O LYS A 19  
A 2 3 N THR A 20  ? N THR A 20  O SER A 91  ? O SER A 91  
A 3 4 N LEU A 94  ? N LEU A 94  O LEU A 115 ? O LEU A 115 
A 4 5 O ILE A 116 ? O ILE A 116 N LYS A 46  ? N LYS A 46  
A 5 6 N GLY A 45  ? N GLY A 45  O ASP A 55  ? O ASP A 55  
B 1 2 N VAL A 9   ? N VAL A 9   O LYS A 19  ? O LYS A 19  
B 2 3 N THR A 20  ? N THR A 20  O SER A 91  ? O SER A 91  
B 3 4 N LEU A 94  ? N LEU A 94  O LEU A 115 ? O LEU A 115 
B 4 5 O ILE A 116 ? O ILE A 116 N LYS A 46  ? N LYS A 46  
B 5 6 N VAL A 39  ? N VAL A 39  O PHE A 66  ? O PHE A 66  
# 
loop_
_struct_site.id 
_struct_site.pdbx_evidence_code 
_struct_site.pdbx_auth_asym_id 
_struct_site.pdbx_auth_comp_id 
_struct_site.pdbx_auth_seq_id 
_struct_site.pdbx_auth_ins_code 
_struct_site.pdbx_num_residues 
_struct_site.details 
AC1 Software A D44 201 ? 14 'BINDING SITE FOR RESIDUE D44 A 201' 
AC2 Software A GOL 202 ? 8  'BINDING SITE FOR RESIDUE GOL A 202' 
AC3 Software A GOL 203 ? 6  'BINDING SITE FOR RESIDUE GOL A 203' 
AC4 Software A GOL 204 ? 6  'BINDING SITE FOR RESIDUE GOL A 204' 
AC5 Software A GOL 205 ? 6  'BINDING SITE FOR RESIDUE GOL A 205' 
# 
loop_
_struct_site_gen.id 
_struct_site_gen.site_id 
_struct_site_gen.pdbx_num_res 
_struct_site_gen.label_comp_id 
_struct_site_gen.label_asym_id 
_struct_site_gen.label_seq_id 
_struct_site_gen.pdbx_auth_ins_code 
_struct_site_gen.auth_comp_id 
_struct_site_gen.auth_asym_id 
_struct_site_gen.auth_seq_id 
_struct_site_gen.label_atom_id 
_struct_site_gen.label_alt_id 
_struct_site_gen.symmetry 
_struct_site_gen.details 
1  AC1 14 TYR A 43  ? TYR A 43  . ? 1_555 ? 
2  AC1 14 ASP A 55  ? ASP A 55  . ? 1_555 ? 
3  AC1 14 PHE A 64  ? PHE A 64  . ? 1_555 ? 
4  AC1 14 GLU A 72  ? GLU A 72  . ? 1_555 ? 
5  AC1 14 VAL A 73  ? VAL A 73  . ? 1_555 ? 
6  AC1 14 ILE A 74  ? ILE A 74  . ? 1_555 ? 
7  AC1 14 TRP A 77  ? TRP A 77  . ? 1_555 ? 
8  AC1 14 TYR A 100 ? TYR A 100 . ? 1_555 ? 
9  AC1 14 ILE A 109 ? ILE A 109 . ? 1_555 ? 
10 AC1 14 GOL C .   ? GOL A 202 . ? 1_555 ? 
11 AC1 14 GOL C .   ? GOL A 202 . ? 6_554 ? 
12 AC1 14 GOL F .   ? GOL A 205 . ? 1_555 ? 
13 AC1 14 GOL F .   ? GOL A 205 . ? 6_554 ? 
14 AC1 14 HOH G .   ? HOH A 404 . ? 1_555 ? 
15 AC2 8  GLU A 72  ? GLU A 72  . ? 1_555 ? 
16 AC2 8  TYR A 100 ? TYR A 100 . ? 1_555 ? 
17 AC2 8  D44 B .   ? D44 A 201 . ? 6_554 ? 
18 AC2 8  D44 B .   ? D44 A 201 . ? 1_555 ? 
19 AC2 8  GOL F .   ? GOL A 205 . ? 1_555 ? 
20 AC2 8  GOL F .   ? GOL A 205 . ? 6_554 ? 
21 AC2 8  HOH G .   ? HOH A 458 . ? 1_555 ? 
22 AC2 8  HOH G .   ? HOH A 497 . ? 6_554 ? 
23 AC3 6  THR A 12  ? THR A 12  . ? 1_555 ? 
24 AC3 6  GLU A 13  ? GLU A 13  . ? 1_555 ? 
25 AC3 6  ASP A 14  ? ASP A 14  . ? 1_555 ? 
26 AC3 6  TYR A 98  ? TYR A 98  . ? 1_555 ? 
27 AC3 6  HOH G .   ? HOH A 316 . ? 1_555 ? 
28 AC3 6  HOH G .   ? HOH A 456 . ? 1_555 ? 
29 AC4 6  GLU A 30  ? GLU A 30  . ? 1_555 ? 
30 AC4 6  LYS A 86  ? LYS A 86  . ? 1_555 ? 
31 AC4 6  SER A 123 ? SER A 123 . ? 1_555 ? 
32 AC4 6  PHE A 124 ? PHE A 124 . ? 1_555 ? 
33 AC4 6  HOH G .   ? HOH A 365 . ? 1_555 ? 
34 AC4 6  HOH G .   ? HOH A 495 . ? 1_555 ? 
35 AC5 6  TYR A 100 ? TYR A 100 . ? 1_555 ? 
36 AC5 6  TYR A 100 ? TYR A 100 . ? 6_554 ? 
37 AC5 6  D44 B .   ? D44 A 201 . ? 1_555 ? 
38 AC5 6  D44 B .   ? D44 A 201 . ? 6_554 ? 
39 AC5 6  GOL C .   ? GOL A 202 . ? 6_554 ? 
40 AC5 6  GOL C .   ? GOL A 202 . ? 1_555 ? 
# 
_pdbx_entry_details.entry_id                   4J4O 
_pdbx_entry_details.compound_details           ? 
_pdbx_entry_details.source_details             ? 
_pdbx_entry_details.nonpolymer_details         ? 
_pdbx_entry_details.sequence_details           ? 
_pdbx_entry_details.has_ligand_of_interest     ? 
_pdbx_entry_details.has_protein_modification   Y 
# 
_pdbx_validate_symm_contact.id                1 
_pdbx_validate_symm_contact.PDB_model_num     1 
_pdbx_validate_symm_contact.auth_atom_id_1    O 
_pdbx_validate_symm_contact.auth_asym_id_1    A 
_pdbx_validate_symm_contact.auth_comp_id_1    HOH 
_pdbx_validate_symm_contact.auth_seq_id_1     347 
_pdbx_validate_symm_contact.PDB_ins_code_1    ? 
_pdbx_validate_symm_contact.label_alt_id_1    ? 
_pdbx_validate_symm_contact.site_symmetry_1   1_555 
_pdbx_validate_symm_contact.auth_atom_id_2    O 
_pdbx_validate_symm_contact.auth_asym_id_2    A 
_pdbx_validate_symm_contact.auth_comp_id_2    HOH 
_pdbx_validate_symm_contact.auth_seq_id_2     428 
_pdbx_validate_symm_contact.PDB_ins_code_2    ? 
_pdbx_validate_symm_contact.label_alt_id_2    ? 
_pdbx_validate_symm_contact.site_symmetry_2   6_554 
_pdbx_validate_symm_contact.dist              2.17 
# 
_pdbx_validate_torsion.id              1 
_pdbx_validate_torsion.PDB_model_num   1 
_pdbx_validate_torsion.auth_comp_id    ASN 
_pdbx_validate_torsion.auth_asym_id    A 
_pdbx_validate_torsion.auth_seq_id     87 
_pdbx_validate_torsion.PDB_ins_code    ? 
_pdbx_validate_torsion.label_alt_id    ? 
_pdbx_validate_torsion.phi             77.90 
_pdbx_validate_torsion.psi             -1.61 
# 
loop_
_pdbx_struct_special_symmetry.id 
_pdbx_struct_special_symmetry.PDB_model_num 
_pdbx_struct_special_symmetry.auth_asym_id 
_pdbx_struct_special_symmetry.auth_comp_id 
_pdbx_struct_special_symmetry.auth_seq_id 
_pdbx_struct_special_symmetry.PDB_ins_code 
_pdbx_struct_special_symmetry.label_asym_id 
_pdbx_struct_special_symmetry.label_comp_id 
_pdbx_struct_special_symmetry.label_seq_id 
1 1 A GOL 205 ? F GOL . 
2 1 A HOH 354 ? G HOH . 
# 
loop_
_pdbx_unobs_or_zero_occ_residues.id 
_pdbx_unobs_or_zero_occ_residues.PDB_model_num 
_pdbx_unobs_or_zero_occ_residues.polymer_flag 
_pdbx_unobs_or_zero_occ_residues.occupancy_flag 
_pdbx_unobs_or_zero_occ_residues.auth_asym_id 
_pdbx_unobs_or_zero_occ_residues.auth_comp_id 
_pdbx_unobs_or_zero_occ_residues.auth_seq_id 
_pdbx_unobs_or_zero_occ_residues.PDB_ins_code 
_pdbx_unobs_or_zero_occ_residues.label_asym_id 
_pdbx_unobs_or_zero_occ_residues.label_comp_id 
_pdbx_unobs_or_zero_occ_residues.label_seq_id 
1 1 Y 1 A MET 1 ? A MET 1 
2 1 Y 1 A GLU 2 ? A GLU 2 
3 1 Y 1 A GLN 3 ? A GLN 3 
4 1 Y 1 A GLU 4 ? A GLU 4 
# 
loop_
_chem_comp_atom.comp_id 
_chem_comp_atom.atom_id 
_chem_comp_atom.type_symbol 
_chem_comp_atom.pdbx_aromatic_flag 
_chem_comp_atom.pdbx_stereo_config 
_chem_comp_atom.pdbx_ordinal 
ALA N    N N N 1   
ALA CA   C N S 2   
ALA C    C N N 3   
ALA O    O N N 4   
ALA CB   C N N 5   
ALA OXT  O N N 6   
ALA H    H N N 7   
ALA H2   H N N 8   
ALA HA   H N N 9   
ALA HB1  H N N 10  
ALA HB2  H N N 11  
ALA HB3  H N N 12  
ALA HXT  H N N 13  
ARG N    N N N 14  
ARG CA   C N S 15  
ARG C    C N N 16  
ARG O    O N N 17  
ARG CB   C N N 18  
ARG CG   C N N 19  
ARG CD   C N N 20  
ARG NE   N N N 21  
ARG CZ   C N N 22  
ARG NH1  N N N 23  
ARG NH2  N N N 24  
ARG OXT  O N N 25  
ARG H    H N N 26  
ARG H2   H N N 27  
ARG HA   H N N 28  
ARG HB2  H N N 29  
ARG HB3  H N N 30  
ARG HG2  H N N 31  
ARG HG3  H N N 32  
ARG HD2  H N N 33  
ARG HD3  H N N 34  
ARG HE   H N N 35  
ARG HH11 H N N 36  
ARG HH12 H N N 37  
ARG HH21 H N N 38  
ARG HH22 H N N 39  
ARG HXT  H N N 40  
ASN N    N N N 41  
ASN CA   C N S 42  
ASN C    C N N 43  
ASN O    O N N 44  
ASN CB   C N N 45  
ASN CG   C N N 46  
ASN OD1  O N N 47  
ASN ND2  N N N 48  
ASN OXT  O N N 49  
ASN H    H N N 50  
ASN H2   H N N 51  
ASN HA   H N N 52  
ASN HB2  H N N 53  
ASN HB3  H N N 54  
ASN HD21 H N N 55  
ASN HD22 H N N 56  
ASN HXT  H N N 57  
ASP N    N N N 58  
ASP CA   C N S 59  
ASP C    C N N 60  
ASP O    O N N 61  
ASP CB   C N N 62  
ASP CG   C N N 63  
ASP OD1  O N N 64  
ASP OD2  O N N 65  
ASP OXT  O N N 66  
ASP H    H N N 67  
ASP H2   H N N 68  
ASP HA   H N N 69  
ASP HB2  H N N 70  
ASP HB3  H N N 71  
ASP HD2  H N N 72  
ASP HXT  H N N 73  
CYS N    N N N 74  
CYS CA   C N R 75  
CYS C    C N N 76  
CYS O    O N N 77  
CYS CB   C N N 78  
CYS SG   S N N 79  
CYS OXT  O N N 80  
CYS H    H N N 81  
CYS H2   H N N 82  
CYS HA   H N N 83  
CYS HB2  H N N 84  
CYS HB3  H N N 85  
CYS HG   H N N 86  
CYS HXT  H N N 87  
D44 O1   O N N 88  
D44 C2   C N N 89  
D44 N3   N N N 90  
D44 C4   C Y N 91  
D44 C9   C Y N 92  
D44 C8   C Y N 93  
D44 C7   C Y N 94  
D44 C6   C Y N 95  
D44 C5   C Y N 96  
D44 C10  C N N 97  
D44 C11  C N N 98  
D44 C12  C N N 99  
D44 S13  S N N 100 
D44 C14  C Y N 101 
D44 N18  N Y N 102 
D44 C17  C Y N 103 
D44 N22  N Y N 104 
D44 C21  C Y N 105 
D44 C20  C Y N 106 
D44 C19  C Y N 107 
D44 C16  C Y N 108 
D44 N15  N Y N 109 
D44 H1   H N N 110 
D44 H2   H N N 111 
D44 H3   H N N 112 
D44 H4   H N N 113 
D44 H5   H N N 114 
D44 H6   H N N 115 
D44 H7   H N N 116 
D44 H8   H N N 117 
D44 H9   H N N 118 
D44 H10  H N N 119 
D44 H11  H N N 120 
D44 H12  H N N 121 
D44 H13  H N N 122 
D44 H14  H N N 123 
D44 H15  H N N 124 
D44 H16  H N N 125 
GLN N    N N N 126 
GLN CA   C N S 127 
GLN C    C N N 128 
GLN O    O N N 129 
GLN CB   C N N 130 
GLN CG   C N N 131 
GLN CD   C N N 132 
GLN OE1  O N N 133 
GLN NE2  N N N 134 
GLN OXT  O N N 135 
GLN H    H N N 136 
GLN H2   H N N 137 
GLN HA   H N N 138 
GLN HB2  H N N 139 
GLN HB3  H N N 140 
GLN HG2  H N N 141 
GLN HG3  H N N 142 
GLN HE21 H N N 143 
GLN HE22 H N N 144 
GLN HXT  H N N 145 
GLU N    N N N 146 
GLU CA   C N S 147 
GLU C    C N N 148 
GLU O    O N N 149 
GLU CB   C N N 150 
GLU CG   C N N 151 
GLU CD   C N N 152 
GLU OE1  O N N 153 
GLU OE2  O N N 154 
GLU OXT  O N N 155 
GLU H    H N N 156 
GLU H2   H N N 157 
GLU HA   H N N 158 
GLU HB2  H N N 159 
GLU HB3  H N N 160 
GLU HG2  H N N 161 
GLU HG3  H N N 162 
GLU HE2  H N N 163 
GLU HXT  H N N 164 
GLY N    N N N 165 
GLY CA   C N N 166 
GLY C    C N N 167 
GLY O    O N N 168 
GLY OXT  O N N 169 
GLY H    H N N 170 
GLY H2   H N N 171 
GLY HA2  H N N 172 
GLY HA3  H N N 173 
GLY HXT  H N N 174 
GOL C1   C N N 175 
GOL O1   O N N 176 
GOL C2   C N N 177 
GOL O2   O N N 178 
GOL C3   C N N 179 
GOL O3   O N N 180 
GOL H11  H N N 181 
GOL H12  H N N 182 
GOL HO1  H N N 183 
GOL H2   H N N 184 
GOL HO2  H N N 185 
GOL H31  H N N 186 
GOL H32  H N N 187 
GOL HO3  H N N 188 
HIS N    N N N 189 
HIS CA   C N S 190 
HIS C    C N N 191 
HIS O    O N N 192 
HIS CB   C N N 193 
HIS CG   C Y N 194 
HIS ND1  N Y N 195 
HIS CD2  C Y N 196 
HIS CE1  C Y N 197 
HIS NE2  N Y N 198 
HIS OXT  O N N 199 
HIS H    H N N 200 
HIS H2   H N N 201 
HIS HA   H N N 202 
HIS HB2  H N N 203 
HIS HB3  H N N 204 
HIS HD1  H N N 205 
HIS HD2  H N N 206 
HIS HE1  H N N 207 
HIS HE2  H N N 208 
HIS HXT  H N N 209 
HOH O    O N N 210 
HOH H1   H N N 211 
HOH H2   H N N 212 
ILE N    N N N 213 
ILE CA   C N S 214 
ILE C    C N N 215 
ILE O    O N N 216 
ILE CB   C N S 217 
ILE CG1  C N N 218 
ILE CG2  C N N 219 
ILE CD1  C N N 220 
ILE OXT  O N N 221 
ILE H    H N N 222 
ILE H2   H N N 223 
ILE HA   H N N 224 
ILE HB   H N N 225 
ILE HG12 H N N 226 
ILE HG13 H N N 227 
ILE HG21 H N N 228 
ILE HG22 H N N 229 
ILE HG23 H N N 230 
ILE HD11 H N N 231 
ILE HD12 H N N 232 
ILE HD13 H N N 233 
ILE HXT  H N N 234 
LEU N    N N N 235 
LEU CA   C N S 236 
LEU C    C N N 237 
LEU O    O N N 238 
LEU CB   C N N 239 
LEU CG   C N N 240 
LEU CD1  C N N 241 
LEU CD2  C N N 242 
LEU OXT  O N N 243 
LEU H    H N N 244 
LEU H2   H N N 245 
LEU HA   H N N 246 
LEU HB2  H N N 247 
LEU HB3  H N N 248 
LEU HG   H N N 249 
LEU HD11 H N N 250 
LEU HD12 H N N 251 
LEU HD13 H N N 252 
LEU HD21 H N N 253 
LEU HD22 H N N 254 
LEU HD23 H N N 255 
LEU HXT  H N N 256 
LYS N    N N N 257 
LYS CA   C N S 258 
LYS C    C N N 259 
LYS O    O N N 260 
LYS CB   C N N 261 
LYS CG   C N N 262 
LYS CD   C N N 263 
LYS CE   C N N 264 
LYS NZ   N N N 265 
LYS OXT  O N N 266 
LYS H    H N N 267 
LYS H2   H N N 268 
LYS HA   H N N 269 
LYS HB2  H N N 270 
LYS HB3  H N N 271 
LYS HG2  H N N 272 
LYS HG3  H N N 273 
LYS HD2  H N N 274 
LYS HD3  H N N 275 
LYS HE2  H N N 276 
LYS HE3  H N N 277 
LYS HZ1  H N N 278 
LYS HZ2  H N N 279 
LYS HZ3  H N N 280 
LYS HXT  H N N 281 
MET N    N N N 282 
MET CA   C N S 283 
MET C    C N N 284 
MET O    O N N 285 
MET CB   C N N 286 
MET CG   C N N 287 
MET SD   S N N 288 
MET CE   C N N 289 
MET OXT  O N N 290 
MET H    H N N 291 
MET H2   H N N 292 
MET HA   H N N 293 
MET HB2  H N N 294 
MET HB3  H N N 295 
MET HG2  H N N 296 
MET HG3  H N N 297 
MET HE1  H N N 298 
MET HE2  H N N 299 
MET HE3  H N N 300 
MET HXT  H N N 301 
PHE N    N N N 302 
PHE CA   C N S 303 
PHE C    C N N 304 
PHE O    O N N 305 
PHE CB   C N N 306 
PHE CG   C Y N 307 
PHE CD1  C Y N 308 
PHE CD2  C Y N 309 
PHE CE1  C Y N 310 
PHE CE2  C Y N 311 
PHE CZ   C Y N 312 
PHE OXT  O N N 313 
PHE H    H N N 314 
PHE H2   H N N 315 
PHE HA   H N N 316 
PHE HB2  H N N 317 
PHE HB3  H N N 318 
PHE HD1  H N N 319 
PHE HD2  H N N 320 
PHE HE1  H N N 321 
PHE HE2  H N N 322 
PHE HZ   H N N 323 
PHE HXT  H N N 324 
PRO N    N N N 325 
PRO CA   C N S 326 
PRO C    C N N 327 
PRO O    O N N 328 
PRO CB   C N N 329 
PRO CG   C N N 330 
PRO CD   C N N 331 
PRO OXT  O N N 332 
PRO H    H N N 333 
PRO HA   H N N 334 
PRO HB2  H N N 335 
PRO HB3  H N N 336 
PRO HG2  H N N 337 
PRO HG3  H N N 338 
PRO HD2  H N N 339 
PRO HD3  H N N 340 
PRO HXT  H N N 341 
SER N    N N N 342 
SER CA   C N S 343 
SER C    C N N 344 
SER O    O N N 345 
SER CB   C N N 346 
SER OG   O N N 347 
SER OXT  O N N 348 
SER H    H N N 349 
SER H2   H N N 350 
SER HA   H N N 351 
SER HB2  H N N 352 
SER HB3  H N N 353 
SER HG   H N N 354 
SER HXT  H N N 355 
THR N    N N N 356 
THR CA   C N S 357 
THR C    C N N 358 
THR O    O N N 359 
THR CB   C N R 360 
THR OG1  O N N 361 
THR CG2  C N N 362 
THR OXT  O N N 363 
THR H    H N N 364 
THR H2   H N N 365 
THR HA   H N N 366 
THR HB   H N N 367 
THR HG1  H N N 368 
THR HG21 H N N 369 
THR HG22 H N N 370 
THR HG23 H N N 371 
THR HXT  H N N 372 
TRP N    N N N 373 
TRP CA   C N S 374 
TRP C    C N N 375 
TRP O    O N N 376 
TRP CB   C N N 377 
TRP CG   C Y N 378 
TRP CD1  C Y N 379 
TRP CD2  C Y N 380 
TRP NE1  N Y N 381 
TRP CE2  C Y N 382 
TRP CE3  C Y N 383 
TRP CZ2  C Y N 384 
TRP CZ3  C Y N 385 
TRP CH2  C Y N 386 
TRP OXT  O N N 387 
TRP H    H N N 388 
TRP H2   H N N 389 
TRP HA   H N N 390 
TRP HB2  H N N 391 
TRP HB3  H N N 392 
TRP HD1  H N N 393 
TRP HE1  H N N 394 
TRP HE3  H N N 395 
TRP HZ2  H N N 396 
TRP HZ3  H N N 397 
TRP HH2  H N N 398 
TRP HXT  H N N 399 
TYR N    N N N 400 
TYR CA   C N S 401 
TYR C    C N N 402 
TYR O    O N N 403 
TYR CB   C N N 404 
TYR CG   C Y N 405 
TYR CD1  C Y N 406 
TYR CD2  C Y N 407 
TYR CE1  C Y N 408 
TYR CE2  C Y N 409 
TYR CZ   C Y N 410 
TYR OH   O N N 411 
TYR OXT  O N N 412 
TYR H    H N N 413 
TYR H2   H N N 414 
TYR HA   H N N 415 
TYR HB2  H N N 416 
TYR HB3  H N N 417 
TYR HD1  H N N 418 
TYR HD2  H N N 419 
TYR HE1  H N N 420 
TYR HE2  H N N 421 
TYR HH   H N N 422 
TYR HXT  H N N 423 
VAL N    N N N 424 
VAL CA   C N S 425 
VAL C    C N N 426 
VAL O    O N N 427 
VAL CB   C N N 428 
VAL CG1  C N N 429 
VAL CG2  C N N 430 
VAL OXT  O N N 431 
VAL H    H N N 432 
VAL H2   H N N 433 
VAL HA   H N N 434 
VAL HB   H N N 435 
VAL HG11 H N N 436 
VAL HG12 H N N 437 
VAL HG13 H N N 438 
VAL HG21 H N N 439 
VAL HG22 H N N 440 
VAL HG23 H N N 441 
VAL HXT  H N N 442 
# 
loop_
_chem_comp_bond.comp_id 
_chem_comp_bond.atom_id_1 
_chem_comp_bond.atom_id_2 
_chem_comp_bond.value_order 
_chem_comp_bond.pdbx_aromatic_flag 
_chem_comp_bond.pdbx_stereo_config 
_chem_comp_bond.pdbx_ordinal 
ALA N   CA   sing N N 1   
ALA N   H    sing N N 2   
ALA N   H2   sing N N 3   
ALA CA  C    sing N N 4   
ALA CA  CB   sing N N 5   
ALA CA  HA   sing N N 6   
ALA C   O    doub N N 7   
ALA C   OXT  sing N N 8   
ALA CB  HB1  sing N N 9   
ALA CB  HB2  sing N N 10  
ALA CB  HB3  sing N N 11  
ALA OXT HXT  sing N N 12  
ARG N   CA   sing N N 13  
ARG N   H    sing N N 14  
ARG N   H2   sing N N 15  
ARG CA  C    sing N N 16  
ARG CA  CB   sing N N 17  
ARG CA  HA   sing N N 18  
ARG C   O    doub N N 19  
ARG C   OXT  sing N N 20  
ARG CB  CG   sing N N 21  
ARG CB  HB2  sing N N 22  
ARG CB  HB3  sing N N 23  
ARG CG  CD   sing N N 24  
ARG CG  HG2  sing N N 25  
ARG CG  HG3  sing N N 26  
ARG CD  NE   sing N N 27  
ARG CD  HD2  sing N N 28  
ARG CD  HD3  sing N N 29  
ARG NE  CZ   sing N N 30  
ARG NE  HE   sing N N 31  
ARG CZ  NH1  sing N N 32  
ARG CZ  NH2  doub N N 33  
ARG NH1 HH11 sing N N 34  
ARG NH1 HH12 sing N N 35  
ARG NH2 HH21 sing N N 36  
ARG NH2 HH22 sing N N 37  
ARG OXT HXT  sing N N 38  
ASN N   CA   sing N N 39  
ASN N   H    sing N N 40  
ASN N   H2   sing N N 41  
ASN CA  C    sing N N 42  
ASN CA  CB   sing N N 43  
ASN CA  HA   sing N N 44  
ASN C   O    doub N N 45  
ASN C   OXT  sing N N 46  
ASN CB  CG   sing N N 47  
ASN CB  HB2  sing N N 48  
ASN CB  HB3  sing N N 49  
ASN CG  OD1  doub N N 50  
ASN CG  ND2  sing N N 51  
ASN ND2 HD21 sing N N 52  
ASN ND2 HD22 sing N N 53  
ASN OXT HXT  sing N N 54  
ASP N   CA   sing N N 55  
ASP N   H    sing N N 56  
ASP N   H2   sing N N 57  
ASP CA  C    sing N N 58  
ASP CA  CB   sing N N 59  
ASP CA  HA   sing N N 60  
ASP C   O    doub N N 61  
ASP C   OXT  sing N N 62  
ASP CB  CG   sing N N 63  
ASP CB  HB2  sing N N 64  
ASP CB  HB3  sing N N 65  
ASP CG  OD1  doub N N 66  
ASP CG  OD2  sing N N 67  
ASP OD2 HD2  sing N N 68  
ASP OXT HXT  sing N N 69  
CYS N   CA   sing N N 70  
CYS N   H    sing N N 71  
CYS N   H2   sing N N 72  
CYS CA  C    sing N N 73  
CYS CA  CB   sing N N 74  
CYS CA  HA   sing N N 75  
CYS C   O    doub N N 76  
CYS C   OXT  sing N N 77  
CYS CB  SG   sing N N 78  
CYS CB  HB2  sing N N 79  
CYS CB  HB3  sing N N 80  
CYS SG  HG   sing N N 81  
CYS OXT HXT  sing N N 82  
D44 N22 C21  doub Y N 83  
D44 N22 C17  sing Y N 84  
D44 N18 C17  sing Y N 85  
D44 N18 C14  sing Y N 86  
D44 C21 C20  sing Y N 87  
D44 C17 C16  doub Y N 88  
D44 S13 C14  sing N N 89  
D44 S13 C12  sing N N 90  
D44 C14 N15  doub Y N 91  
D44 C20 C19  doub Y N 92  
D44 C16 N15  sing Y N 93  
D44 C16 C19  sing Y N 94  
D44 C12 C2   sing N N 95  
D44 C11 C10  sing N N 96  
D44 C2  N3   sing N N 97  
D44 C2  O1   doub N N 98  
D44 C10 C5   sing N N 99  
D44 N3  C4   sing N N 100 
D44 C4  C5   doub Y N 101 
D44 C4  C9   sing Y N 102 
D44 C5  C6   sing Y N 103 
D44 C9  C8   doub Y N 104 
D44 C6  C7   doub Y N 105 
D44 C8  C7   sing Y N 106 
D44 N3  H1   sing N N 107 
D44 C9  H2   sing N N 108 
D44 C8  H3   sing N N 109 
D44 C7  H4   sing N N 110 
D44 C6  H5   sing N N 111 
D44 C10 H6   sing N N 112 
D44 C10 H7   sing N N 113 
D44 C11 H8   sing N N 114 
D44 C11 H9   sing N N 115 
D44 C11 H10  sing N N 116 
D44 C12 H11  sing N N 117 
D44 C12 H12  sing N N 118 
D44 N18 H13  sing N N 119 
D44 C21 H14  sing N N 120 
D44 C20 H15  sing N N 121 
D44 C19 H16  sing N N 122 
GLN N   CA   sing N N 123 
GLN N   H    sing N N 124 
GLN N   H2   sing N N 125 
GLN CA  C    sing N N 126 
GLN CA  CB   sing N N 127 
GLN CA  HA   sing N N 128 
GLN C   O    doub N N 129 
GLN C   OXT  sing N N 130 
GLN CB  CG   sing N N 131 
GLN CB  HB2  sing N N 132 
GLN CB  HB3  sing N N 133 
GLN CG  CD   sing N N 134 
GLN CG  HG2  sing N N 135 
GLN CG  HG3  sing N N 136 
GLN CD  OE1  doub N N 137 
GLN CD  NE2  sing N N 138 
GLN NE2 HE21 sing N N 139 
GLN NE2 HE22 sing N N 140 
GLN OXT HXT  sing N N 141 
GLU N   CA   sing N N 142 
GLU N   H    sing N N 143 
GLU N   H2   sing N N 144 
GLU CA  C    sing N N 145 
GLU CA  CB   sing N N 146 
GLU CA  HA   sing N N 147 
GLU C   O    doub N N 148 
GLU C   OXT  sing N N 149 
GLU CB  CG   sing N N 150 
GLU CB  HB2  sing N N 151 
GLU CB  HB3  sing N N 152 
GLU CG  CD   sing N N 153 
GLU CG  HG2  sing N N 154 
GLU CG  HG3  sing N N 155 
GLU CD  OE1  doub N N 156 
GLU CD  OE2  sing N N 157 
GLU OE2 HE2  sing N N 158 
GLU OXT HXT  sing N N 159 
GLY N   CA   sing N N 160 
GLY N   H    sing N N 161 
GLY N   H2   sing N N 162 
GLY CA  C    sing N N 163 
GLY CA  HA2  sing N N 164 
GLY CA  HA3  sing N N 165 
GLY C   O    doub N N 166 
GLY C   OXT  sing N N 167 
GLY OXT HXT  sing N N 168 
GOL C1  O1   sing N N 169 
GOL C1  C2   sing N N 170 
GOL C1  H11  sing N N 171 
GOL C1  H12  sing N N 172 
GOL O1  HO1  sing N N 173 
GOL C2  O2   sing N N 174 
GOL C2  C3   sing N N 175 
GOL C2  H2   sing N N 176 
GOL O2  HO2  sing N N 177 
GOL C3  O3   sing N N 178 
GOL C3  H31  sing N N 179 
GOL C3  H32  sing N N 180 
GOL O3  HO3  sing N N 181 
HIS N   CA   sing N N 182 
HIS N   H    sing N N 183 
HIS N   H2   sing N N 184 
HIS CA  C    sing N N 185 
HIS CA  CB   sing N N 186 
HIS CA  HA   sing N N 187 
HIS C   O    doub N N 188 
HIS C   OXT  sing N N 189 
HIS CB  CG   sing N N 190 
HIS CB  HB2  sing N N 191 
HIS CB  HB3  sing N N 192 
HIS CG  ND1  sing Y N 193 
HIS CG  CD2  doub Y N 194 
HIS ND1 CE1  doub Y N 195 
HIS ND1 HD1  sing N N 196 
HIS CD2 NE2  sing Y N 197 
HIS CD2 HD2  sing N N 198 
HIS CE1 NE2  sing Y N 199 
HIS CE1 HE1  sing N N 200 
HIS NE2 HE2  sing N N 201 
HIS OXT HXT  sing N N 202 
HOH O   H1   sing N N 203 
HOH O   H2   sing N N 204 
ILE N   CA   sing N N 205 
ILE N   H    sing N N 206 
ILE N   H2   sing N N 207 
ILE CA  C    sing N N 208 
ILE CA  CB   sing N N 209 
ILE CA  HA   sing N N 210 
ILE C   O    doub N N 211 
ILE C   OXT  sing N N 212 
ILE CB  CG1  sing N N 213 
ILE CB  CG2  sing N N 214 
ILE CB  HB   sing N N 215 
ILE CG1 CD1  sing N N 216 
ILE CG1 HG12 sing N N 217 
ILE CG1 HG13 sing N N 218 
ILE CG2 HG21 sing N N 219 
ILE CG2 HG22 sing N N 220 
ILE CG2 HG23 sing N N 221 
ILE CD1 HD11 sing N N 222 
ILE CD1 HD12 sing N N 223 
ILE CD1 HD13 sing N N 224 
ILE OXT HXT  sing N N 225 
LEU N   CA   sing N N 226 
LEU N   H    sing N N 227 
LEU N   H2   sing N N 228 
LEU CA  C    sing N N 229 
LEU CA  CB   sing N N 230 
LEU CA  HA   sing N N 231 
LEU C   O    doub N N 232 
LEU C   OXT  sing N N 233 
LEU CB  CG   sing N N 234 
LEU CB  HB2  sing N N 235 
LEU CB  HB3  sing N N 236 
LEU CG  CD1  sing N N 237 
LEU CG  CD2  sing N N 238 
LEU CG  HG   sing N N 239 
LEU CD1 HD11 sing N N 240 
LEU CD1 HD12 sing N N 241 
LEU CD1 HD13 sing N N 242 
LEU CD2 HD21 sing N N 243 
LEU CD2 HD22 sing N N 244 
LEU CD2 HD23 sing N N 245 
LEU OXT HXT  sing N N 246 
LYS N   CA   sing N N 247 
LYS N   H    sing N N 248 
LYS N   H2   sing N N 249 
LYS CA  C    sing N N 250 
LYS CA  CB   sing N N 251 
LYS CA  HA   sing N N 252 
LYS C   O    doub N N 253 
LYS C   OXT  sing N N 254 
LYS CB  CG   sing N N 255 
LYS CB  HB2  sing N N 256 
LYS CB  HB3  sing N N 257 
LYS CG  CD   sing N N 258 
LYS CG  HG2  sing N N 259 
LYS CG  HG3  sing N N 260 
LYS CD  CE   sing N N 261 
LYS CD  HD2  sing N N 262 
LYS CD  HD3  sing N N 263 
LYS CE  NZ   sing N N 264 
LYS CE  HE2  sing N N 265 
LYS CE  HE3  sing N N 266 
LYS NZ  HZ1  sing N N 267 
LYS NZ  HZ2  sing N N 268 
LYS NZ  HZ3  sing N N 269 
LYS OXT HXT  sing N N 270 
MET N   CA   sing N N 271 
MET N   H    sing N N 272 
MET N   H2   sing N N 273 
MET CA  C    sing N N 274 
MET CA  CB   sing N N 275 
MET CA  HA   sing N N 276 
MET C   O    doub N N 277 
MET C   OXT  sing N N 278 
MET CB  CG   sing N N 279 
MET CB  HB2  sing N N 280 
MET CB  HB3  sing N N 281 
MET CG  SD   sing N N 282 
MET CG  HG2  sing N N 283 
MET CG  HG3  sing N N 284 
MET SD  CE   sing N N 285 
MET CE  HE1  sing N N 286 
MET CE  HE2  sing N N 287 
MET CE  HE3  sing N N 288 
MET OXT HXT  sing N N 289 
PHE N   CA   sing N N 290 
PHE N   H    sing N N 291 
PHE N   H2   sing N N 292 
PHE CA  C    sing N N 293 
PHE CA  CB   sing N N 294 
PHE CA  HA   sing N N 295 
PHE C   O    doub N N 296 
PHE C   OXT  sing N N 297 
PHE CB  CG   sing N N 298 
PHE CB  HB2  sing N N 299 
PHE CB  HB3  sing N N 300 
PHE CG  CD1  doub Y N 301 
PHE CG  CD2  sing Y N 302 
PHE CD1 CE1  sing Y N 303 
PHE CD1 HD1  sing N N 304 
PHE CD2 CE2  doub Y N 305 
PHE CD2 HD2  sing N N 306 
PHE CE1 CZ   doub Y N 307 
PHE CE1 HE1  sing N N 308 
PHE CE2 CZ   sing Y N 309 
PHE CE2 HE2  sing N N 310 
PHE CZ  HZ   sing N N 311 
PHE OXT HXT  sing N N 312 
PRO N   CA   sing N N 313 
PRO N   CD   sing N N 314 
PRO N   H    sing N N 315 
PRO CA  C    sing N N 316 
PRO CA  CB   sing N N 317 
PRO CA  HA   sing N N 318 
PRO C   O    doub N N 319 
PRO C   OXT  sing N N 320 
PRO CB  CG   sing N N 321 
PRO CB  HB2  sing N N 322 
PRO CB  HB3  sing N N 323 
PRO CG  CD   sing N N 324 
PRO CG  HG2  sing N N 325 
PRO CG  HG3  sing N N 326 
PRO CD  HD2  sing N N 327 
PRO CD  HD3  sing N N 328 
PRO OXT HXT  sing N N 329 
SER N   CA   sing N N 330 
SER N   H    sing N N 331 
SER N   H2   sing N N 332 
SER CA  C    sing N N 333 
SER CA  CB   sing N N 334 
SER CA  HA   sing N N 335 
SER C   O    doub N N 336 
SER C   OXT  sing N N 337 
SER CB  OG   sing N N 338 
SER CB  HB2  sing N N 339 
SER CB  HB3  sing N N 340 
SER OG  HG   sing N N 341 
SER OXT HXT  sing N N 342 
THR N   CA   sing N N 343 
THR N   H    sing N N 344 
THR N   H2   sing N N 345 
THR CA  C    sing N N 346 
THR CA  CB   sing N N 347 
THR CA  HA   sing N N 348 
THR C   O    doub N N 349 
THR C   OXT  sing N N 350 
THR CB  OG1  sing N N 351 
THR CB  CG2  sing N N 352 
THR CB  HB   sing N N 353 
THR OG1 HG1  sing N N 354 
THR CG2 HG21 sing N N 355 
THR CG2 HG22 sing N N 356 
THR CG2 HG23 sing N N 357 
THR OXT HXT  sing N N 358 
TRP N   CA   sing N N 359 
TRP N   H    sing N N 360 
TRP N   H2   sing N N 361 
TRP CA  C    sing N N 362 
TRP CA  CB   sing N N 363 
TRP CA  HA   sing N N 364 
TRP C   O    doub N N 365 
TRP C   OXT  sing N N 366 
TRP CB  CG   sing N N 367 
TRP CB  HB2  sing N N 368 
TRP CB  HB3  sing N N 369 
TRP CG  CD1  doub Y N 370 
TRP CG  CD2  sing Y N 371 
TRP CD1 NE1  sing Y N 372 
TRP CD1 HD1  sing N N 373 
TRP CD2 CE2  doub Y N 374 
TRP CD2 CE3  sing Y N 375 
TRP NE1 CE2  sing Y N 376 
TRP NE1 HE1  sing N N 377 
TRP CE2 CZ2  sing Y N 378 
TRP CE3 CZ3  doub Y N 379 
TRP CE3 HE3  sing N N 380 
TRP CZ2 CH2  doub Y N 381 
TRP CZ2 HZ2  sing N N 382 
TRP CZ3 CH2  sing Y N 383 
TRP CZ3 HZ3  sing N N 384 
TRP CH2 HH2  sing N N 385 
TRP OXT HXT  sing N N 386 
TYR N   CA   sing N N 387 
TYR N   H    sing N N 388 
TYR N   H2   sing N N 389 
TYR CA  C    sing N N 390 
TYR CA  CB   sing N N 391 
TYR CA  HA   sing N N 392 
TYR C   O    doub N N 393 
TYR C   OXT  sing N N 394 
TYR CB  CG   sing N N 395 
TYR CB  HB2  sing N N 396 
TYR CB  HB3  sing N N 397 
TYR CG  CD1  doub Y N 398 
TYR CG  CD2  sing Y N 399 
TYR CD1 CE1  sing Y N 400 
TYR CD1 HD1  sing N N 401 
TYR CD2 CE2  doub Y N 402 
TYR CD2 HD2  sing N N 403 
TYR CE1 CZ   doub Y N 404 
TYR CE1 HE1  sing N N 405 
TYR CE2 CZ   sing Y N 406 
TYR CE2 HE2  sing N N 407 
TYR CZ  OH   sing N N 408 
TYR OH  HH   sing N N 409 
TYR OXT HXT  sing N N 410 
VAL N   CA   sing N N 411 
VAL N   H    sing N N 412 
VAL N   H2   sing N N 413 
VAL CA  C    sing N N 414 
VAL CA  CB   sing N N 415 
VAL CA  HA   sing N N 416 
VAL C   O    doub N N 417 
VAL C   OXT  sing N N 418 
VAL CB  CG1  sing N N 419 
VAL CB  CG2  sing N N 420 
VAL CB  HB   sing N N 421 
VAL CG1 HG11 sing N N 422 
VAL CG1 HG12 sing N N 423 
VAL CG1 HG13 sing N N 424 
VAL CG2 HG21 sing N N 425 
VAL CG2 HG22 sing N N 426 
VAL CG2 HG23 sing N N 427 
VAL OXT HXT  sing N N 428 
# 
_pdbx_initial_refinement_model.id               1 
_pdbx_initial_refinement_model.entity_id_list   ? 
_pdbx_initial_refinement_model.type             'experimental model' 
_pdbx_initial_refinement_model.source_name      PDB 
_pdbx_initial_refinement_model.accession_code   3IHZ 
_pdbx_initial_refinement_model.details          'PDB ENTRY 3IHZ' 
# 
_atom_sites.entry_id                    4J4O 
_atom_sites.fract_transf_matrix[1][1]   -0.01053913 
_atom_sites.fract_transf_matrix[1][2]   -0.00210923 
_atom_sites.fract_transf_matrix[1][3]   -0.01306286 
_atom_sites.fract_transf_matrix[2][1]   -0.01478848 
_atom_sites.fract_transf_matrix[2][2]   -0.00789764 
_atom_sites.fract_transf_matrix[2][3]   0.00225372 
_atom_sites.fract_transf_matrix[3][1]   -0.00587544 
_atom_sites.fract_transf_matrix[3][2]   0.01181040 
_atom_sites.fract_transf_matrix[3][3]   0.00283331 
_atom_sites.fract_transf_vector[1]      -0.121706 
_atom_sites.fract_transf_vector[2]      0.360165 
_atom_sites.fract_transf_vector[3]      -0.025383 
# 
loop_
_atom_type.symbol 
C 
N 
O 
S 
# 
loop_
_atom_site.group_PDB 
_atom_site.id 
_atom_site.type_symbol 
_atom_site.label_atom_id 
_atom_site.label_alt_id 
_atom_site.label_comp_id 
_atom_site.label_asym_id 
_atom_site.label_entity_id 
_atom_site.label_seq_id 
_atom_site.pdbx_PDB_ins_code 
_atom_site.Cartn_x 
_atom_site.Cartn_y 
_atom_site.Cartn_z 
_atom_site.occupancy 
_atom_site.B_iso_or_equiv 
_atom_site.pdbx_formal_charge 
_atom_site.auth_seq_id 
_atom_site.auth_comp_id 
_atom_site.auth_asym_id 
_atom_site.auth_atom_id 
_atom_site.pdbx_PDB_model_num 
ATOM   1    N N   . THR A 1 5   ? -7.110  14.353  11.463  1.00 33.91 ? 5   THR A N   1 
ATOM   2    C CA  . THR A 1 5   ? -5.993  13.398  11.230  1.00 33.01 ? 5   THR A CA  1 
ATOM   3    C C   . THR A 1 5   ? -5.290  13.746  9.928   1.00 30.95 ? 5   THR A C   1 
ATOM   4    O O   . THR A 1 5   ? -4.562  14.752  9.904   1.00 31.38 ? 5   THR A O   1 
ATOM   5    C CB  . THR A 1 5   ? -6.368  11.873  11.438  1.00 33.55 ? 5   THR A CB  1 
ATOM   6    O OG1 . THR A 1 5   ? -6.009  11.506  12.777  1.00 37.51 ? 5   THR A OG1 1 
ATOM   7    C CG2 . THR A 1 5   ? -5.582  10.909  10.495  1.00 33.45 ? 5   THR A CG2 1 
ATOM   8    N N   . LEU A 1 6   ? -5.493  12.953  8.869   1.00 27.68 ? 6   LEU A N   1 
ATOM   9    C CA  . LEU A 1 6   ? -4.586  12.988  7.742   1.00 24.67 ? 6   LEU A CA  1 
ATOM   10   C C   . LEU A 1 6   ? -3.150  12.891  8.315   1.00 21.77 ? 6   LEU A C   1 
ATOM   11   O O   . LEU A 1 6   ? -2.222  13.544  7.810   1.00 21.18 ? 6   LEU A O   1 
ATOM   12   C CB  . LEU A 1 6   ? -4.743  14.273  6.917   1.00 25.37 ? 6   LEU A CB  1 
ATOM   13   C CG  . LEU A 1 6   ? -5.896  14.372  5.901   1.00 26.79 ? 6   LEU A CG  1 
ATOM   14   C CD1 . LEU A 1 6   ? -5.918  15.757  5.302   1.00 28.20 ? 6   LEU A CD1 1 
ATOM   15   C CD2 . LEU A 1 6   ? -5.770  13.323  4.800   1.00 27.85 ? 6   LEU A CD2 1 
ATOM   16   N N   . GLU A 1 7   ? -2.994  12.077  9.354   1.00 18.99 ? 7   GLU A N   1 
ATOM   17   C CA  . GLU A 1 7   ? -1.663  11.810  9.926   1.00 16.86 ? 7   GLU A CA  1 
ATOM   18   C C   . GLU A 1 7   ? -0.734  11.301  8.845   1.00 16.15 ? 7   GLU A C   1 
ATOM   19   O O   . GLU A 1 7   ? -1.105  10.435  8.049   1.00 15.34 ? 7   GLU A O   1 
ATOM   20   C CB  . GLU A 1 7   ? -1.730  10.787  11.044  1.00 17.59 ? 7   GLU A CB  1 
ATOM   21   C CG  . GLU A 1 7   ? -0.351  10.435  11.616  1.00 17.70 ? 7   GLU A CG  1 
ATOM   22   C CD  . GLU A 1 7   ? -0.385  9.411   12.736  1.00 21.37 ? 7   GLU A CD  1 
ATOM   23   O OE1 . GLU A 1 7   ? 0.709   9.060   13.227  1.00 21.56 ? 7   GLU A OE1 1 
ATOM   24   O OE2 . GLU A 1 7   ? -1.494  8.950   13.116  1.00 23.82 ? 7   GLU A OE2 1 
ATOM   25   N N   . GLN A 1 8   ? 0.484   11.844  8.828   1.00 14.00 ? 8   GLN A N   1 
ATOM   26   C CA  . GLN A 1 8   ? 1.525   11.409  7.917   1.00 14.47 ? 8   GLN A CA  1 
ATOM   27   C C   . GLN A 1 8   ? 2.501   10.523  8.680   1.00 15.22 ? 8   GLN A C   1 
ATOM   28   O O   . GLN A 1 8   ? 3.032   10.916  9.725   1.00 14.87 ? 8   GLN A O   1 
ATOM   29   C CB  . GLN A 1 8   ? 2.245   12.652  7.366   1.00 14.72 ? 8   GLN A CB  1 
ATOM   30   C CG  . GLN A 1 8   ? 3.259   12.364  6.291   1.00 17.10 ? 8   GLN A CG  1 
ATOM   31   C CD  . GLN A 1 8   ? 3.889   13.632  5.780   1.00 20.37 ? 8   GLN A CD  1 
ATOM   32   O OE1 . GLN A 1 8   ? 3.933   14.641  6.489   1.00 15.90 ? 8   GLN A OE1 1 
ATOM   33   N NE2 . GLN A 1 8   ? 4.391   13.598  4.543   1.00 20.60 ? 8   GLN A NE2 1 
ATOM   34   N N   . VAL A 1 9   ? 2.738   9.321   8.160   1.00 14.33 ? 9   VAL A N   1 
ATOM   35   C CA  . VAL A 1 9   ? 3.553   8.331   8.857   1.00 15.44 ? 9   VAL A CA  1 
ATOM   36   C C   . VAL A 1 9   ? 4.737   7.973   7.968   1.00 15.24 ? 9   VAL A C   1 
ATOM   37   O O   . VAL A 1 9   ? 4.580   7.494   6.839   1.00 14.67 ? 9   VAL A O   1 
ATOM   38   C CB  . VAL A 1 9   ? 2.764   7.047   9.188   1.00 15.55 ? 9   VAL A CB  1 
ATOM   39   C CG1 . VAL A 1 9   ? 3.631   6.114   10.064  1.00 17.72 ? 9   VAL A CG1 1 
ATOM   40   C CG2 . VAL A 1 9   ? 1.439   7.369   9.891   1.00 16.13 ? 9   VAL A CG2 1 
ATOM   41   N N   . HIS A 1 10  ? 5.938   8.255   8.474   1.00 14.97 ? 10  HIS A N   1 
ATOM   42   C CA  A HIS A 1 10  ? 7.175   7.935   7.734   0.49 14.70 ? 10  HIS A CA  1 
ATOM   43   C CA  B HIS A 1 10  ? 7.174   7.928   7.768   0.51 14.67 ? 10  HIS A CA  1 
ATOM   44   C C   . HIS A 1 10  ? 7.539   6.490   8.092   1.00 13.68 ? 10  HIS A C   1 
ATOM   45   O O   . HIS A 1 10  ? 7.635   6.125   9.277   1.00 14.80 ? 10  HIS A O   1 
ATOM   46   C CB  A HIS A 1 10  ? 8.334   8.910   8.086   0.49 14.42 ? 10  HIS A CB  1 
ATOM   47   C CB  B HIS A 1 10  ? 8.258   8.903   8.244   0.51 14.39 ? 10  HIS A CB  1 
ATOM   48   C CG  A HIS A 1 10  ? 8.440   10.113  7.179   0.49 14.12 ? 10  HIS A CG  1 
ATOM   49   C CG  B HIS A 1 10  ? 7.845   10.332  8.105   0.51 13.41 ? 10  HIS A CG  1 
ATOM   50   N ND1 A HIS A 1 10  ? 7.695   11.257  7.367   0.49 13.36 ? 10  HIS A ND1 1 
ATOM   51   N ND1 B HIS A 1 10  ? 6.944   10.934  8.958   0.51 16.39 ? 10  HIS A ND1 1 
ATOM   52   C CD2 A HIS A 1 10  ? 9.219   10.351  6.093   0.49 13.84 ? 10  HIS A CD2 1 
ATOM   53   C CD2 B HIS A 1 10  ? 8.134   11.251  7.157   0.51 14.10 ? 10  HIS A CD2 1 
ATOM   54   C CE1 A HIS A 1 10  ? 7.990   12.139  6.425   0.49 13.43 ? 10  HIS A CE1 1 
ATOM   55   C CE1 B HIS A 1 10  ? 6.719   12.173  8.557   0.51 14.20 ? 10  HIS A CE1 1 
ATOM   56   N NE2 A HIS A 1 10  ? 8.914   11.612  5.640   0.49 16.07 ? 10  HIS A NE2 1 
ATOM   57   N NE2 B HIS A 1 10  ? 7.441   12.395  7.474   0.51 14.07 ? 10  HIS A NE2 1 
ATOM   58   N N   . LEU A 1 11  ? 7.707   5.651   7.059   1.00 13.79 ? 11  LEU A N   1 
ATOM   59   C CA  . LEU A 1 11  ? 7.874   4.226   7.292   1.00 13.39 ? 11  LEU A CA  1 
ATOM   60   C C   . LEU A 1 11  ? 9.241   3.647   6.937   1.00 13.83 ? 11  LEU A C   1 
ATOM   61   O O   . LEU A 1 11  ? 9.525   2.489   7.295   1.00 14.73 ? 11  LEU A O   1 
ATOM   62   C CB  . LEU A 1 11  ? 6.782   3.448   6.535   1.00 12.87 ? 11  LEU A CB  1 
ATOM   63   C CG  . LEU A 1 11  ? 5.373   3.724   7.066   1.00 12.44 ? 11  LEU A CG  1 
ATOM   64   C CD1 . LEU A 1 11  ? 4.355   3.017   6.122   1.00 15.30 ? 11  LEU A CD1 1 
ATOM   65   C CD2 . LEU A 1 11  ? 5.242   3.167   8.449   1.00 14.30 ? 11  LEU A CD2 1 
ATOM   66   N N   . THR A 1 12  ? 10.061  4.440   6.248   1.00 13.87 ? 12  THR A N   1 
ATOM   67   C CA  . THR A 1 12  ? 11.453  4.068   5.964   1.00 14.53 ? 12  THR A CA  1 
ATOM   68   C C   . THR A 1 12  ? 12.380  5.267   6.199   1.00 15.52 ? 12  THR A C   1 
ATOM   69   O O   . THR A 1 12  ? 11.977  6.408   6.023   1.00 15.68 ? 12  THR A O   1 
ATOM   70   C CB  . THR A 1 12  ? 11.669  3.572   4.521   1.00 14.49 ? 12  THR A CB  1 
ATOM   71   O OG1 . THR A 1 12  ? 11.288  4.570   3.559   1.00 15.40 ? 12  THR A OG1 1 
ATOM   72   C CG2 . THR A 1 12  ? 10.882  2.256   4.263   1.00 14.65 ? 12  THR A CG2 1 
ATOM   73   N N   . GLU A 1 13  ? 13.623  4.974   6.567   1.00 15.66 ? 13  GLU A N   1 
ATOM   74   C CA  . GLU A 1 13  ? 14.585  6.056   6.910   1.00 17.05 ? 13  GLU A CA  1 
ATOM   75   C C   . GLU A 1 13  ? 14.922  6.953   5.733   1.00 17.10 ? 13  GLU A C   1 
ATOM   76   O O   . GLU A 1 13  ? 15.216  8.139   5.914   1.00 17.24 ? 13  GLU A O   1 
ATOM   77   C CB  . GLU A 1 13  ? 15.855  5.454   7.514   1.00 15.97 ? 13  GLU A CB  1 
ATOM   78   C CG  . GLU A 1 13  ? 15.573  4.736   8.834   1.00 17.27 ? 13  GLU A CG  1 
ATOM   79   C CD  . GLU A 1 13  ? 16.727  3.884   9.313   1.00 18.61 ? 13  GLU A CD  1 
ATOM   80   O OE1 . GLU A 1 13  ? 17.866  4.104   8.845   1.00 20.50 ? 13  GLU A OE1 1 
ATOM   81   O OE2 . GLU A 1 13  ? 16.483  2.983   10.129  1.00 19.16 ? 13  GLU A OE2 1 
ATOM   82   N N   . ASP A 1 14  ? 14.846  6.395   4.518   1.00 17.89 ? 14  ASP A N   1 
ATOM   83   C CA  . ASP A 1 14  ? 15.195  7.121   3.300   1.00 17.71 ? 14  ASP A CA  1 
ATOM   84   C C   . ASP A 1 14  ? 14.066  7.977   2.706   1.00 18.32 ? 14  ASP A C   1 
ATOM   85   O O   . ASP A 1 14  ? 14.231  8.571   1.654   1.00 18.64 ? 14  ASP A O   1 
ATOM   86   C CB  . ASP A 1 14  ? 15.756  6.141   2.261   1.00 18.00 ? 14  ASP A CB  1 
ATOM   87   C CG  . ASP A 1 14  ? 14.758  5.033   1.914   1.00 18.50 ? 14  ASP A CG  1 
ATOM   88   O OD1 . ASP A 1 14  ? 13.548  5.240   2.178   1.00 16.51 ? 14  ASP A OD1 1 
ATOM   89   O OD2 . ASP A 1 14  ? 15.199  3.969   1.424   1.00 19.12 ? 14  ASP A OD2 1 
ATOM   90   N N   . GLY A 1 15  ? 12.917  8.023   3.382   1.00 17.97 ? 15  GLY A N   1 
ATOM   91   C CA  . GLY A 1 15  ? 11.768  8.795   2.896   1.00 17.91 ? 15  GLY A CA  1 
ATOM   92   C C   . GLY A 1 15  ? 11.021  8.131   1.747   1.00 17.48 ? 15  GLY A C   1 
ATOM   93   O O   . GLY A 1 15  ? 10.104  8.732   1.167   1.00 17.56 ? 15  GLY A O   1 
ATOM   94   N N   . GLY A 1 16  ? 11.406  6.902   1.427   1.00 16.83 ? 16  GLY A N   1 
ATOM   95   C CA  . GLY A 1 16  ? 10.914  6.226   0.215   1.00 16.24 ? 16  GLY A CA  1 
ATOM   96   C C   . GLY A 1 16  ? 9.501   5.671   0.378   1.00 15.47 ? 16  GLY A C   1 
ATOM   97   O O   . GLY A 1 16  ? 8.839   5.390   -0.633  1.00 16.14 ? 16  GLY A O   1 
ATOM   98   N N   . VAL A 1 17  ? 9.049   5.524   1.616   1.00 14.53 ? 17  VAL A N   1 
ATOM   99   C CA  . VAL A 1 17  ? 7.673   5.062   1.908   1.00 13.84 ? 17  VAL A CA  1 
ATOM   100  C C   . VAL A 1 17  ? 7.051   5.978   2.957   1.00 14.57 ? 17  VAL A C   1 
ATOM   101  O O   . VAL A 1 17  ? 7.473   5.965   4.134   1.00 14.90 ? 17  VAL A O   1 
ATOM   102  C CB  . VAL A 1 17  ? 7.649   3.604   2.423   1.00 12.74 ? 17  VAL A CB  1 
ATOM   103  C CG1 . VAL A 1 17  ? 6.166   3.102   2.619   1.00 12.65 ? 17  VAL A CG1 1 
ATOM   104  C CG2 . VAL A 1 17  ? 8.417   2.645   1.503   1.00 12.19 ? 17  VAL A CG2 1 
ATOM   105  N N   . VAL A 1 18  ? 6.065   6.778   2.553   1.00 14.29 ? 18  VAL A N   1 
ATOM   106  C CA  . VAL A 1 18  ? 5.386   7.705   3.478   1.00 14.76 ? 18  VAL A CA  1 
ATOM   107  C C   . VAL A 1 18  ? 3.875   7.528   3.290   1.00 14.16 ? 18  VAL A C   1 
ATOM   108  O O   . VAL A 1 18  ? 3.385   7.670   2.163   1.00 15.03 ? 18  VAL A O   1 
ATOM   109  C CB  . VAL A 1 18  ? 5.776   9.170   3.206   1.00 14.64 ? 18  VAL A CB  1 
ATOM   110  C CG1 . VAL A 1 18  ? 5.091   10.115  4.245   1.00 15.84 ? 18  VAL A CG1 1 
ATOM   111  C CG2 . VAL A 1 18  ? 7.288   9.340   3.288   1.00 17.49 ? 18  VAL A CG2 1 
ATOM   112  N N   . LYS A 1 19  ? 3.186   7.228   4.375   1.00 14.32 ? 19  LYS A N   1 
ATOM   113  C CA  . LYS A 1 19  ? 1.751   6.885   4.365   1.00 15.92 ? 19  LYS A CA  1 
ATOM   114  C C   . LYS A 1 19  ? 0.959   8.053   4.928   1.00 16.22 ? 19  LYS A C   1 
ATOM   115  O O   . LYS A 1 19  ? 1.295   8.564   6.007   1.00 19.01 ? 19  LYS A O   1 
ATOM   116  C CB  . LYS A 1 19  ? 1.548   5.637   5.246   1.00 16.23 ? 19  LYS A CB  1 
ATOM   117  C CG  . LYS A 1 19  ? 0.068   5.173   5.391   1.00 16.71 ? 19  LYS A CG  1 
ATOM   118  C CD  . LYS A 1 19  ? -0.069  4.004   6.335   1.00 15.46 ? 19  LYS A CD  1 
ATOM   119  C CE  . LYS A 1 19  ? 0.178   4.375   7.799   1.00 13.54 ? 19  LYS A CE  1 
ATOM   120  N NZ  . LYS A 1 19  ? -0.432  3.357   8.685   1.00 15.56 ? 19  LYS A NZ  1 
ATOM   121  N N   . THR A 1 20  ? -0.105  8.468   4.248   1.00 15.09 ? 20  THR A N   1 
ATOM   122  C CA  . THR A 1 20  ? -1.025  9.434   4.854   1.00 14.76 ? 20  THR A CA  1 
ATOM   123  C C   . THR A 1 20  ? -2.333  8.718   5.221   1.00 14.87 ? 20  THR A C   1 
ATOM   124  O O   . THR A 1 20  ? -2.924  8.076   4.354   1.00 13.83 ? 20  THR A O   1 
ATOM   125  C CB  . THR A 1 20  ? -1.300  10.569  3.875   1.00 16.40 ? 20  THR A CB  1 
ATOM   126  O OG1 . THR A 1 20  ? -0.048  11.224  3.606   1.00 18.65 ? 20  THR A OG1 1 
ATOM   127  C CG2 . THR A 1 20  ? -2.285  11.572  4.486   1.00 16.97 ? 20  THR A CG2 1 
ATOM   128  N N   . ILE A 1 21  ? -2.750  8.824   6.483   1.00 13.68 ? 21  ILE A N   1 
ATOM   129  C CA  . ILE A 1 21  ? -3.942  8.102   6.928   1.00 14.19 ? 21  ILE A CA  1 
ATOM   130  C C   . ILE A 1 21  ? -5.188  8.905   6.538   1.00 15.15 ? 21  ILE A C   1 
ATOM   131  O O   . ILE A 1 21  ? -5.335  10.064  6.943   1.00 16.38 ? 21  ILE A O   1 
ATOM   132  C CB  . ILE A 1 21  ? -3.905  7.777   8.424   1.00 14.30 ? 21  ILE A CB  1 
ATOM   133  C CG1 . ILE A 1 21  ? -2.714  6.830   8.692   1.00 14.58 ? 21  ILE A CG1 1 
ATOM   134  C CG2 . ILE A 1 21  ? -5.226  7.094   8.807   1.00 13.97 ? 21  ILE A CG2 1 
ATOM   135  C CD1 . ILE A 1 21  ? -2.458  6.494   10.130  1.00 19.01 ? 21  ILE A CD1 1 
ATOM   136  N N   . LEU A 1 22  ? -6.059  8.304   5.728   1.00 15.26 ? 22  LEU A N   1 
ATOM   137  C CA  . LEU A 1 22  ? -7.274  8.984   5.266   1.00 16.60 ? 22  LEU A CA  1 
ATOM   138  C C   . LEU A 1 22  ? -8.457  8.611   6.148   1.00 16.97 ? 22  LEU A C   1 
ATOM   139  O O   . LEU A 1 22  ? -9.341  9.443   6.412   1.00 18.57 ? 22  LEU A O   1 
ATOM   140  C CB  . LEU A 1 22  ? -7.578  8.654   3.807   1.00 16.45 ? 22  LEU A CB  1 
ATOM   141  C CG  . LEU A 1 22  ? -6.502  8.879   2.735   1.00 18.15 ? 22  LEU A CG  1 
ATOM   142  C CD1 . LEU A 1 22  ? -6.914  8.308   1.366   1.00 18.78 ? 22  LEU A CD1 1 
ATOM   143  C CD2 . LEU A 1 22  ? -6.111  10.368  2.622   1.00 20.94 ? 22  LEU A CD2 1 
ATOM   144  N N   . ARG A 1 23  ? -8.489  7.364   6.601   1.00 16.25 ? 23  ARG A N   1 
ATOM   145  C CA  . ARG A 1 23  ? -9.465  6.937   7.585   1.00 16.12 ? 23  ARG A CA  1 
ATOM   146  C C   . ARG A 1 23  ? -8.747  6.050   8.573   1.00 16.63 ? 23  ARG A C   1 
ATOM   147  O O   . ARG A 1 23  ? -8.112  5.054   8.190   1.00 15.79 ? 23  ARG A O   1 
ATOM   148  C CB  . ARG A 1 23  ? -10.616 6.129   6.936   1.00 17.04 ? 23  ARG A CB  1 
ATOM   149  C CG  . ARG A 1 23  ? -11.649 5.640   7.957   1.00 20.27 ? 23  ARG A CG  1 
ATOM   150  C CD  . ARG A 1 23  ? -12.230 4.279   7.545   1.00 25.75 ? 23  ARG A CD  1 
ATOM   151  N NE  . ARG A 1 23  ? -12.821 4.327   6.219   1.00 28.69 ? 23  ARG A NE  1 
ATOM   152  C CZ  . ARG A 1 23  ? -12.849 3.317   5.347   1.00 26.99 ? 23  ARG A CZ  1 
ATOM   153  N NH1 . ARG A 1 23  ? -12.321 2.113   5.626   1.00 24.64 ? 23  ARG A NH1 1 
ATOM   154  N NH2 . ARG A 1 23  ? -13.426 3.521   4.170   1.00 27.32 ? 23  ARG A NH2 1 
ATOM   155  N N   . LYS A 1 24  ? -8.841  6.372   9.855   1.00 17.07 ? 24  LYS A N   1 
ATOM   156  C CA  . LYS A 1 24  ? -8.160  5.534   10.805  1.00 19.62 ? 24  LYS A CA  1 
ATOM   157  C C   . LYS A 1 24  ? -8.868  4.191   10.947  1.00 19.46 ? 24  LYS A C   1 
ATOM   158  O O   . LYS A 1 24  ? -10.106 4.108   10.808  1.00 17.57 ? 24  LYS A O   1 
ATOM   159  C CB  . LYS A 1 24  ? -7.927  6.231   12.159  1.00 21.88 ? 24  LYS A CB  1 
ATOM   160  C CG  . LYS A 1 24  ? -9.116  6.560   12.981  1.00 28.46 ? 24  LYS A CG  1 
ATOM   161  C CD  . LYS A 1 24  ? -8.663  7.421   14.218  1.00 34.97 ? 24  LYS A CD  1 
ATOM   162  C CE  . LYS A 1 24  ? -7.909  8.703   13.802  1.00 36.97 ? 24  LYS A CE  1 
ATOM   163  N NZ  . LYS A 1 24  ? -8.793  9.843   13.351  1.00 38.87 ? 24  LYS A NZ  1 
ATOM   164  N N   . GLY A 1 25  ? -8.070  3.155   11.181  1.00 19.35 ? 25  GLY A N   1 
ATOM   165  C CA  . GLY A 1 25  ? -8.609  1.819   11.369  1.00 20.88 ? 25  GLY A CA  1 
ATOM   166  C C   . GLY A 1 25  ? -9.018  1.563   12.804  1.00 22.78 ? 25  GLY A C   1 
ATOM   167  O O   . GLY A 1 25  ? -9.051  2.504   13.634  1.00 21.58 ? 25  GLY A O   1 
ATOM   168  N N   . GLU A 1 26  ? -9.329  0.299   13.091  1.00 23.54 ? 26  GLU A N   1 
ATOM   169  C CA  A GLU A 1 26  ? -9.749  -0.134  14.430  0.50 26.00 ? 26  GLU A CA  1 
ATOM   170  C CA  B GLU A 1 26  ? -9.755  -0.102  14.428  0.50 26.04 ? 26  GLU A CA  1 
ATOM   171  C C   . GLU A 1 26  ? -8.582  -0.107  15.397  1.00 27.53 ? 26  GLU A C   1 
ATOM   172  O O   . GLU A 1 26  ? -7.423  -0.243  14.984  1.00 28.92 ? 26  GLU A O   1 
ATOM   173  C CB  A GLU A 1 26  ? -10.288 -1.564  14.404  0.50 25.82 ? 26  GLU A CB  1 
ATOM   174  C CB  B GLU A 1 26  ? -10.420 -1.478  14.381  0.50 25.91 ? 26  GLU A CB  1 
ATOM   175  C CG  A GLU A 1 26  ? -11.390 -1.823  13.405  0.50 27.40 ? 26  GLU A CG  1 
ATOM   176  C CG  B GLU A 1 26  ? -11.706 -1.485  13.573  0.50 27.56 ? 26  GLU A CG  1 
ATOM   177  C CD  A GLU A 1 26  ? -12.660 -1.074  13.723  0.50 29.92 ? 26  GLU A CD  1 
ATOM   178  C CD  B GLU A 1 26  ? -12.352 -2.855  13.483  0.50 30.07 ? 26  GLU A CD  1 
ATOM   179  O OE1 A GLU A 1 26  ? -12.811 -0.604  14.876  0.50 29.41 ? 26  GLU A OE1 1 
ATOM   180  O OE1 B GLU A 1 26  ? -11.957 -3.764  14.243  0.50 32.46 ? 26  GLU A OE1 1 
ATOM   181  O OE2 A GLU A 1 26  ? -13.512 -0.958  12.816  0.50 32.10 ? 26  GLU A OE2 1 
ATOM   182  O OE2 B GLU A 1 26  ? -13.262 -3.023  12.649  0.50 32.07 ? 26  GLU A OE2 1 
ATOM   183  N N   . GLY A 1 27  ? -8.876  0.031   16.685  1.00 28.99 ? 27  GLY A N   1 
ATOM   184  C CA  . GLY A 1 27  ? -7.809  -0.017  17.685  1.00 33.24 ? 27  GLY A CA  1 
ATOM   185  C C   . GLY A 1 27  ? -7.329  -1.410  18.074  1.00 35.03 ? 27  GLY A C   1 
ATOM   186  O O   . GLY A 1 27  ? -8.041  -2.410  17.907  1.00 36.10 ? 27  GLY A O   1 
ATOM   187  N N   . GLY A 1 28  ? -6.123  -1.465  18.628  1.00 36.86 ? 28  GLY A N   1 
ATOM   188  C CA  . GLY A 1 28  ? -5.605  -2.694  19.213  1.00 38.06 ? 28  GLY A CA  1 
ATOM   189  C C   . GLY A 1 28  ? -4.590  -3.421  18.354  1.00 38.88 ? 28  GLY A C   1 
ATOM   190  O O   . GLY A 1 28  ? -4.537  -3.256  17.121  1.00 39.29 ? 28  GLY A O   1 
ATOM   191  N N   . GLU A 1 29  ? -3.778  -4.241  19.017  1.00 39.10 ? 29  GLU A N   1 
ATOM   192  C CA  . GLU A 1 29  ? -2.797  -5.052  18.323  1.00 38.81 ? 29  GLU A CA  1 
ATOM   193  C C   . GLU A 1 29  ? -3.519  -6.230  17.669  1.00 37.42 ? 29  GLU A C   1 
ATOM   194  O O   . GLU A 1 29  ? -3.053  -6.748  16.652  1.00 36.81 ? 29  GLU A O   1 
ATOM   195  C CB  . GLU A 1 29  ? -1.680  -5.496  19.289  1.00 39.61 ? 29  GLU A CB  1 
ATOM   196  C CG  . GLU A 1 29  ? -0.444  -6.162  18.638  1.00 43.68 ? 29  GLU A CG  1 
ATOM   197  C CD  . GLU A 1 29  ? 0.226   -5.322  17.538  1.00 48.22 ? 29  GLU A CD  1 
ATOM   198  O OE1 . GLU A 1 29  ? 0.395   -4.087  17.712  1.00 50.78 ? 29  GLU A OE1 1 
ATOM   199  O OE2 . GLU A 1 29  ? 0.599   -5.913  16.494  1.00 49.62 ? 29  GLU A OE2 1 
ATOM   200  N N   . GLU A 1 30  ? -4.674  -6.620  18.220  1.00 35.82 ? 30  GLU A N   1 
ATOM   201  C CA  . GLU A 1 30  ? -5.452  -7.726  17.643  1.00 34.65 ? 30  GLU A CA  1 
ATOM   202  C C   . GLU A 1 30  ? -6.111  -7.322  16.327  1.00 32.35 ? 30  GLU A C   1 
ATOM   203  O O   . GLU A 1 30  ? -6.588  -8.180  15.565  1.00 32.42 ? 30  GLU A O   1 
ATOM   204  C CB  . GLU A 1 30  ? -6.479  -8.297  18.636  1.00 36.05 ? 30  GLU A CB  1 
ATOM   205  C CG  . GLU A 1 30  ? -7.883  -7.674  18.611  1.00 39.35 ? 30  GLU A CG  1 
ATOM   206  C CD  . GLU A 1 30  ? -8.052  -6.517  19.593  1.00 43.76 ? 30  GLU A CD  1 
ATOM   207  O OE1 . GLU A 1 30  ? -7.032  -5.905  20.001  1.00 46.48 ? 30  GLU A OE1 1 
ATOM   208  O OE2 . GLU A 1 30  ? -9.220  -6.219  19.952  1.00 45.31 ? 30  GLU A OE2 1 
ATOM   209  N N   . ASN A 1 31  ? -6.154  -6.016  16.070  1.00 29.39 ? 31  ASN A N   1 
ATOM   210  C CA  . ASN A 1 31  ? -6.611  -5.503  14.756  1.00 26.84 ? 31  ASN A CA  1 
ATOM   211  C C   . ASN A 1 31  ? -5.494  -5.146  13.798  1.00 24.41 ? 31  ASN A C   1 
ATOM   212  O O   . ASN A 1 31  ? -5.738  -4.564  12.739  1.00 22.34 ? 31  ASN A O   1 
ATOM   213  C CB  . ASN A 1 31  ? -7.532  -4.307  14.944  1.00 26.88 ? 31  ASN A CB  1 
ATOM   214  C CG  . ASN A 1 31  ? -8.882  -4.722  15.418  1.00 28.95 ? 31  ASN A CG  1 
ATOM   215  O OD1 . ASN A 1 31  ? -9.540  -5.546  14.786  1.00 33.00 ? 31  ASN A OD1 1 
ATOM   216  N ND2 . ASN A 1 31  ? -9.302  -4.185  16.562  1.00 32.10 ? 31  ASN A ND2 1 
ATOM   217  N N   . ALA A 1 32  ? -4.267  -5.477  14.179  1.00 22.01 ? 32  ALA A N   1 
ATOM   218  C CA  . ALA A 1 32  ? -3.119  -5.258  13.323  1.00 20.60 ? 32  ALA A CA  1 
ATOM   219  C C   . ALA A 1 32  ? -2.661  -6.595  12.710  1.00 19.21 ? 32  ALA A C   1 
ATOM   220  O O   . ALA A 1 32  ? -2.476  -7.590  13.433  1.00 19.66 ? 32  ALA A O   1 
ATOM   221  C CB  . ALA A 1 32  ? -1.982  -4.595  14.098  1.00 21.07 ? 32  ALA A CB  1 
ATOM   222  N N   . PRO A 1 33  ? -2.493  -6.635  11.375  1.00 17.98 ? 33  PRO A N   1 
ATOM   223  C CA  . PRO A 1 33  ? -2.046  -7.890  10.753  1.00 17.22 ? 33  PRO A CA  1 
ATOM   224  C C   . PRO A 1 33  ? -0.620  -8.223  11.171  1.00 17.36 ? 33  PRO A C   1 
ATOM   225  O O   . PRO A 1 33  ? 0.194   -7.315  11.419  1.00 17.99 ? 33  PRO A O   1 
ATOM   226  C CB  . PRO A 1 33  ? -2.098  -7.565  9.242   1.00 16.02 ? 33  PRO A CB  1 
ATOM   227  C CG  . PRO A 1 33  ? -1.859  -6.077  9.169   1.00 16.06 ? 33  PRO A CG  1 
ATOM   228  C CD  . PRO A 1 33  ? -2.519  -5.513  10.411  1.00 17.94 ? 33  PRO A CD  1 
ATOM   229  N N   . LYS A 1 34  ? -0.322  -9.516  11.278  1.00 16.10 ? 34  LYS A N   1 
ATOM   230  C CA  . LYS A 1 34  ? 1.019   -9.973  11.590  1.00 16.33 ? 34  LYS A CA  1 
ATOM   231  C C   . LYS A 1 34  ? 1.735   -10.440 10.336  1.00 15.62 ? 34  LYS A C   1 
ATOM   232  O O   . LYS A 1 34  ? 1.117   -10.943 9.380   1.00 14.68 ? 34  LYS A O   1 
ATOM   233  C CB  . LYS A 1 34  ? 0.920   -11.144 12.590  1.00 16.50 ? 34  LYS A CB  1 
ATOM   234  C CG  . LYS A 1 34  ? 0.003   -10.844 13.813  1.00 20.02 ? 34  LYS A CG  1 
ATOM   235  C CD  . LYS A 1 34  ? 0.481   -9.598  14.570  1.00 23.98 ? 34  LYS A CD  1 
ATOM   236  C CE  . LYS A 1 34  ? -0.233  -9.444  15.913  1.00 25.79 ? 34  LYS A CE  1 
ATOM   237  N NZ  . LYS A 1 34  ? -1.641  -8.980  15.769  1.00 28.10 ? 34  LYS A NZ  1 
ATOM   238  N N   . LYS A 1 35  ? 3.055   -10.309 10.339  1.00 14.84 ? 35  LYS A N   1 
ATOM   239  C CA  . LYS A 1 35  ? 3.869   -10.886 9.278   1.00 14.09 ? 35  LYS A CA  1 
ATOM   240  C C   . LYS A 1 35  ? 3.488   -12.352 9.009   1.00 14.74 ? 35  LYS A C   1 
ATOM   241  O O   . LYS A 1 35  ? 3.364   -13.151 9.943   1.00 14.88 ? 35  LYS A O   1 
ATOM   242  C CB  . LYS A 1 35  ? 5.354   -10.790 9.650   1.00 14.74 ? 35  LYS A CB  1 
ATOM   243  C CG  . LYS A 1 35  ? 6.266   -11.366 8.604   1.00 15.50 ? 35  LYS A CG  1 
ATOM   244  C CD  . LYS A 1 35  ? 7.731   -11.073 8.931   1.00 21.51 ? 35  LYS A CD  1 
ATOM   245  C CE  . LYS A 1 35  ? 8.621   -11.592 7.828   1.00 22.78 ? 35  LYS A CE  1 
ATOM   246  N NZ  . LYS A 1 35  ? 10.044  -11.153 8.059   1.00 26.38 ? 35  LYS A NZ  1 
ATOM   247  N N   . GLY A 1 36  ? 3.281   -12.687 7.734   1.00 13.56 ? 36  GLY A N   1 
ATOM   248  C CA  . GLY A 1 36  ? 2.887   -14.039 7.360   1.00 12.73 ? 36  GLY A CA  1 
ATOM   249  C C   . GLY A 1 36  ? 1.377   -14.246 7.270   1.00 13.05 ? 36  GLY A C   1 
ATOM   250  O O   . GLY A 1 36  ? 0.949   -15.238 6.677   1.00 12.51 ? 36  GLY A O   1 
ATOM   251  N N   . ASN A 1 37  ? 0.572   -13.359 7.872   1.00 11.74 ? 37  ASN A N   1 
ATOM   252  C CA  . ASN A 1 37  ? -0.904  -13.469 7.770   1.00 11.86 ? 37  ASN A CA  1 
ATOM   253  C C   . ASN A 1 37  ? -1.325  -13.149 6.337   1.00 11.66 ? 37  ASN A C   1 
ATOM   254  O O   . ASN A 1 37  ? -0.628  -12.400 5.627   1.00 12.61 ? 37  ASN A O   1 
ATOM   255  C CB  . ASN A 1 37  ? -1.645  -12.456 8.670   1.00 12.54 ? 37  ASN A CB  1 
ATOM   256  C CG  . ASN A 1 37  ? -1.552  -12.750 10.187  1.00 14.87 ? 37  ASN A CG  1 
ATOM   257  O OD1 . ASN A 1 37  ? -1.978  -11.895 10.975  1.00 15.78 ? 37  ASN A OD1 1 
ATOM   258  N ND2 . ASN A 1 37  ? -1.020  -13.904 10.591  1.00 16.06 ? 37  ASN A ND2 1 
ATOM   259  N N   . GLU A 1 38  ? -2.464  -13.706 5.914   1.00 11.76 ? 38  GLU A N   1 
ATOM   260  C CA  . GLU A 1 38  ? -3.092  -13.235 4.682   1.00 11.68 ? 38  GLU A CA  1 
ATOM   261  C C   . GLU A 1 38  ? -3.812  -11.904 4.922   1.00 11.42 ? 38  GLU A C   1 
ATOM   262  O O   . GLU A 1 38  ? -4.560  -11.793 5.884   1.00 13.29 ? 38  GLU A O   1 
ATOM   263  C CB  . GLU A 1 38  ? -4.100  -14.265 4.184   1.00 11.15 ? 38  GLU A CB  1 
ATOM   264  C CG  . GLU A 1 38  ? -4.715  -13.893 2.809   1.00 12.95 ? 38  GLU A CG  1 
ATOM   265  C CD  . GLU A 1 38  ? -5.897  -14.797 2.482   1.00 13.04 ? 38  GLU A CD  1 
ATOM   266  O OE1 . GLU A 1 38  ? -6.974  -14.590 3.095   1.00 13.05 ? 38  GLU A OE1 1 
ATOM   267  O OE2 . GLU A 1 38  ? -5.743  -15.691 1.605   1.00 14.82 ? 38  GLU A OE2 1 
ATOM   268  N N   . VAL A 1 39  ? -3.598  -10.912 4.051   1.00 10.58 ? 39  VAL A N   1 
ATOM   269  C CA  . VAL A 1 39  ? -4.341  -9.662  4.131   1.00 10.97 ? 39  VAL A CA  1 
ATOM   270  C C   . VAL A 1 39  ? -5.206  -9.529  2.892   1.00 11.54 ? 39  VAL A C   1 
ATOM   271  O O   . VAL A 1 39  ? -4.849  -10.039 1.828   1.00 11.27 ? 39  VAL A O   1 
ATOM   272  C CB  . VAL A 1 39  ? -3.425  -8.423  4.267   1.00 10.97 ? 39  VAL A CB  1 
ATOM   273  C CG1 . VAL A 1 39  ? -2.680  -8.476  5.629   1.00 10.76 ? 39  VAL A CG1 1 
ATOM   274  C CG2 . VAL A 1 39  ? -2.408  -8.336  3.107   1.00 12.65 ? 39  VAL A CG2 1 
ATOM   275  N N   . THR A 1 40  ? -6.346  -8.877  3.054   1.00 11.42 ? 40  THR A N   1 
ATOM   276  C CA  . THR A 1 40  ? -7.243  -8.573  1.944   1.00 11.66 ? 40  THR A CA  1 
ATOM   277  C C   . THR A 1 40  ? -7.276  -7.049  1.851   1.00 11.57 ? 40  THR A C   1 
ATOM   278  O O   . THR A 1 40  ? -7.641  -6.384  2.831   1.00 12.25 ? 40  THR A O   1 
ATOM   279  C CB  . THR A 1 40  ? -8.638  -9.074  2.217   1.00 12.40 ? 40  THR A CB  1 
ATOM   280  O OG1 . THR A 1 40  ? -8.610  -10.504 2.376   1.00 12.74 ? 40  THR A OG1 1 
ATOM   281  C CG2 . THR A 1 40  ? -9.592  -8.670  1.064   1.00 12.00 ? 40  THR A CG2 1 
ATOM   282  N N   . VAL A 1 41  ? -6.928  -6.513  0.683   1.00 11.42 ? 41  VAL A N   1 
ATOM   283  C CA  . VAL A 1 41  ? -6.879  -5.065  0.477   1.00 11.48 ? 41  VAL A CA  1 
ATOM   284  C C   . VAL A 1 41  ? -7.639  -4.618  -0.747  1.00 11.12 ? 41  VAL A C   1 
ATOM   285  O O   . VAL A 1 41  ? -7.683  -5.339  -1.744  1.00 12.54 ? 41  VAL A O   1 
ATOM   286  C CB  . VAL A 1 41  ? -5.420  -4.541  0.341   1.00 11.51 ? 41  VAL A CB  1 
ATOM   287  C CG1 . VAL A 1 41  ? -4.678  -4.786  1.676   1.00 11.34 ? 41  VAL A CG1 1 
ATOM   288  C CG2 . VAL A 1 41  ? -4.675  -5.193  -0.837  1.00 12.54 ? 41  VAL A CG2 1 
ATOM   289  N N   . HIS A 1 42  ? -8.186  -3.408  -0.702  1.00 10.91 ? 42  HIS A N   1 
ATOM   290  C CA  . HIS A 1 42  ? -8.554  -2.759  -1.963  1.00 11.92 ? 42  HIS A CA  1 
ATOM   291  C C   . HIS A 1 42  ? -7.494  -1.707  -2.228  1.00 12.30 ? 42  HIS A C   1 
ATOM   292  O O   . HIS A 1 42  ? -6.942  -1.148  -1.266  1.00 12.06 ? 42  HIS A O   1 
ATOM   293  C CB  . HIS A 1 42  ? -9.932  -2.097  -1.872  1.00 11.67 ? 42  HIS A CB  1 
ATOM   294  C CG  . HIS A 1 42  ? -11.042 -2.916  -2.483  1.00 12.46 ? 42  HIS A CG  1 
ATOM   295  N ND1 . HIS A 1 42  ? -11.011 -3.353  -3.791  1.00 13.61 ? 42  HIS A ND1 1 
ATOM   296  C CD2 . HIS A 1 42  ? -12.222 -3.340  -1.968  1.00 14.52 ? 42  HIS A CD2 1 
ATOM   297  C CE1 . HIS A 1 42  ? -12.132 -4.019  -4.055  1.00 12.29 ? 42  HIS A CE1 1 
ATOM   298  N NE2 . HIS A 1 42  ? -12.869 -4.043  -2.961  1.00 12.58 ? 42  HIS A NE2 1 
ATOM   299  N N   . TYR A 1 43  ? -7.210  -1.425  -3.499  1.00 11.94 ? 43  TYR A N   1 
ATOM   300  C CA  . TYR A 1 43  ? -6.199  -0.394  -3.812  1.00 12.57 ? 43  TYR A CA  1 
ATOM   301  C C   . TYR A 1 43  ? -6.460  0.279   -5.137  1.00 13.81 ? 43  TYR A C   1 
ATOM   302  O O   . TYR A 1 43  ? -7.108  -0.299  -6.017  1.00 13.08 ? 43  TYR A O   1 
ATOM   303  C CB  . TYR A 1 43  ? -4.811  -1.043  -3.844  1.00 12.55 ? 43  TYR A CB  1 
ATOM   304  C CG  . TYR A 1 43  ? -4.601  -2.024  -4.989  1.00 12.38 ? 43  TYR A CG  1 
ATOM   305  C CD1 . TYR A 1 43  ? -4.043  -1.610  -6.199  1.00 13.57 ? 43  TYR A CD1 1 
ATOM   306  C CD2 . TYR A 1 43  ? -4.979  -3.371  -4.859  1.00 13.01 ? 43  TYR A CD2 1 
ATOM   307  C CE1 . TYR A 1 43  ? -3.848  -2.510  -7.247  1.00 14.39 ? 43  TYR A CE1 1 
ATOM   308  C CE2 . TYR A 1 43  ? -4.785  -4.267  -5.899  1.00 14.54 ? 43  TYR A CE2 1 
ATOM   309  C CZ  . TYR A 1 43  ? -4.223  -3.831  -7.081  1.00 14.95 ? 43  TYR A CZ  1 
ATOM   310  O OH  . TYR A 1 43  ? -4.045  -4.751  -8.092  1.00 16.68 ? 43  TYR A OH  1 
ATOM   311  N N   . VAL A 1 44  ? -5.936  1.496   -5.265  1.00 13.49 ? 44  VAL A N   1 
ATOM   312  C CA  . VAL A 1 44  ? -5.851  2.189   -6.542  1.00 14.01 ? 44  VAL A CA  1 
ATOM   313  C C   . VAL A 1 44  ? -4.433  2.723   -6.671  1.00 14.40 ? 44  VAL A C   1 
ATOM   314  O O   . VAL A 1 44  ? -3.971  3.440   -5.764  1.00 15.45 ? 44  VAL A O   1 
ATOM   315  C CB  . VAL A 1 44  ? -6.856  3.351   -6.586  1.00 14.01 ? 44  VAL A CB  1 
ATOM   316  C CG1 . VAL A 1 44  ? -6.792  4.036   -7.967  1.00 15.19 ? 44  VAL A CG1 1 
ATOM   317  C CG2 . VAL A 1 44  ? -8.271  2.842   -6.323  1.00 15.35 ? 44  VAL A CG2 1 
ATOM   318  N N   . GLY A 1 45  ? -3.749  2.357   -7.754  1.00 14.14 ? 45  GLY A N   1 
ATOM   319  C CA  . GLY A 1 45  ? -2.358  2.814   -7.994  1.00 15.62 ? 45  GLY A CA  1 
ATOM   320  C C   . GLY A 1 45  ? -2.281  3.803   -9.142  1.00 17.04 ? 45  GLY A C   1 
ATOM   321  O O   . GLY A 1 45  ? -2.773  3.516   -10.225 1.00 17.04 ? 45  GLY A O   1 
ATOM   322  N N   . LYS A 1 46  ? -1.631  4.951   -8.916  1.00 17.85 ? 46  LYS A N   1 
ATOM   323  C CA  . LYS A 1 46  ? -1.417  5.924   -9.989  1.00 18.58 ? 46  LYS A CA  1 
ATOM   324  C C   . LYS A 1 46  ? 0.030   6.383   -10.022 1.00 19.27 ? 46  LYS A C   1 
ATOM   325  O O   . LYS A 1 46  ? 0.742   6.316   -9.005  1.00 17.90 ? 46  LYS A O   1 
ATOM   326  C CB  . LYS A 1 46  ? -2.346  7.137   -9.834  1.00 18.82 ? 46  LYS A CB  1 
ATOM   327  C CG  . LYS A 1 46  ? -2.078  7.996   -8.619  1.00 20.59 ? 46  LYS A CG  1 
ATOM   328  C CD  . LYS A 1 46  ? -3.211  8.984   -8.388  1.00 24.55 ? 46  LYS A CD  1 
ATOM   329  C CE  . LYS A 1 46  ? -2.844  9.933   -7.245  1.00 28.54 ? 46  LYS A CE  1 
ATOM   330  N NZ  . LYS A 1 46  ? -3.821  11.053  -7.148  1.00 30.33 ? 46  LYS A NZ  1 
ATOM   331  N N   . LEU A 1 47  ? 0.465   6.846   -11.194 1.00 19.96 ? 47  LEU A N   1 
ATOM   332  C CA  . LEU A 1 47  ? 1.797   7.461   -11.309 1.00 20.93 ? 47  LEU A CA  1 
ATOM   333  C C   . LEU A 1 47  ? 1.773   8.865   -10.698 1.00 21.70 ? 47  LEU A C   1 
ATOM   334  O O   . LEU A 1 47  ? 0.859   9.646   -10.974 1.00 21.80 ? 47  LEU A O   1 
ATOM   335  C CB  . LEU A 1 47  ? 2.223   7.527   -12.779 1.00 21.39 ? 47  LEU A CB  1 
ATOM   336  C CG  . LEU A 1 47  ? 2.241   6.225   -13.581 1.00 21.84 ? 47  LEU A CG  1 
ATOM   337  C CD1 . LEU A 1 47  ? 2.578   6.506   -15.035 1.00 24.00 ? 47  LEU A CD1 1 
ATOM   338  C CD2 . LEU A 1 47  ? 3.315   5.285   -12.986 1.00 21.85 ? 47  LEU A CD2 1 
ATOM   339  N N   . GLU A 1 48  ? 2.766   9.204   -9.878  1.00 22.35 ? 48  GLU A N   1 
ATOM   340  C CA  . GLU A 1 48  ? 2.829   10.560  -9.332  1.00 24.04 ? 48  GLU A CA  1 
ATOM   341  C C   . GLU A 1 48  ? 3.005   11.573  -10.466 1.00 24.85 ? 48  GLU A C   1 
ATOM   342  O O   . GLU A 1 48  ? 2.396   12.656  -10.455 1.00 26.23 ? 48  GLU A O   1 
ATOM   343  C CB  . GLU A 1 48  ? 3.966   10.717  -8.327  1.00 23.93 ? 48  GLU A CB  1 
ATOM   344  C CG  . GLU A 1 48  ? 4.024   12.121  -7.719  1.00 24.39 ? 48  GLU A CG  1 
ATOM   345  C CD  . GLU A 1 48  ? 5.105   12.253  -6.671  1.00 26.00 ? 48  GLU A CD  1 
ATOM   346  O OE1 . GLU A 1 48  ? 6.294   12.146  -7.036  1.00 26.13 ? 48  GLU A OE1 1 
ATOM   347  O OE2 . GLU A 1 48  ? 4.757   12.422  -5.480  1.00 26.45 ? 48  GLU A OE2 1 
ATOM   348  N N   . SER A 1 49  ? 3.824   11.201  -11.440 1.00 26.19 ? 49  SER A N   1 
ATOM   349  C CA  . SER A 1 49  ? 4.243   12.127  -12.514 1.00 28.21 ? 49  SER A CA  1 
ATOM   350  C C   . SER A 1 49  ? 3.053   12.640  -13.343 1.00 28.84 ? 49  SER A C   1 
ATOM   351  O O   . SER A 1 49  ? 2.948   13.851  -13.630 1.00 30.23 ? 49  SER A O   1 
ATOM   352  C CB  . SER A 1 49  ? 5.300   11.474  -13.406 1.00 28.05 ? 49  SER A CB  1 
ATOM   353  O OG  . SER A 1 49  ? 4.806   10.337  -14.103 1.00 29.85 ? 49  SER A OG  1 
ATOM   354  N N   . SER A 1 50  ? 2.138   11.737  -13.681 1.00 28.66 ? 50  SER A N   1 
ATOM   355  C CA  . SER A 1 50  ? 1.007   12.061  -14.548 1.00 28.20 ? 50  SER A CA  1 
ATOM   356  C C   . SER A 1 50  ? -0.349  12.027  -13.854 1.00 28.01 ? 50  SER A C   1 
ATOM   357  O O   . SER A 1 50  ? -1.318  12.583  -14.369 1.00 28.16 ? 50  SER A O   1 
ATOM   358  C CB  . SER A 1 50  ? 0.984   11.102  -15.731 1.00 28.71 ? 50  SER A CB  1 
ATOM   359  O OG  . SER A 1 50  ? 0.737   9.768   -15.299 1.00 28.22 ? 50  SER A OG  1 
ATOM   360  N N   . GLY A 1 51  ? -0.439  11.355  -12.705 1.00 26.73 ? 51  GLY A N   1 
ATOM   361  C CA  . GLY A 1 51  ? -1.721  11.192  -12.026 1.00 26.07 ? 51  GLY A CA  1 
ATOM   362  C C   . GLY A 1 51  ? -2.527  10.046  -12.614 1.00 25.65 ? 51  GLY A C   1 
ATOM   363  O O   . GLY A 1 51  ? -3.634  9.761   -12.165 1.00 26.64 ? 51  GLY A O   1 
ATOM   364  N N   . LYS A 1 52  ? -1.967  9.375   -13.612 1.00 25.21 ? 52  LYS A N   1 
ATOM   365  C CA  . LYS A 1 52  ? -2.680  8.336   -14.354 1.00 25.47 ? 52  LYS A CA  1 
ATOM   366  C C   . LYS A 1 52  ? -2.768  7.034   -13.549 1.00 24.09 ? 52  LYS A C   1 
ATOM   367  O O   . LYS A 1 52  ? -1.748  6.549   -13.055 1.00 23.11 ? 52  LYS A O   1 
ATOM   368  C CB  . LYS A 1 52  ? -1.941  8.056   -15.650 1.00 26.38 ? 52  LYS A CB  1 
ATOM   369  C CG  . LYS A 1 52  ? -2.821  7.691   -16.819 1.00 31.36 ? 52  LYS A CG  1 
ATOM   370  C CD  . LYS A 1 52  ? -3.082  6.217   -16.904 1.00 36.92 ? 52  LYS A CD  1 
ATOM   371  C CE  . LYS A 1 52  ? -3.746  5.841   -18.241 1.00 39.93 ? 52  LYS A CE  1 
ATOM   372  N NZ  . LYS A 1 52  ? -2.835  6.047   -19.414 1.00 43.34 ? 52  LYS A NZ  1 
ATOM   373  N N   . VAL A 1 53  ? -3.974  6.480   -13.459 1.00 22.82 ? 53  VAL A N   1 
ATOM   374  C CA  . VAL A 1 53  ? -4.226  5.215   -12.736 1.00 22.10 ? 53  VAL A CA  1 
ATOM   375  C C   . VAL A 1 53  ? -3.750  4.029   -13.578 1.00 22.10 ? 53  VAL A C   1 
ATOM   376  O O   . VAL A 1 53  ? -4.120  3.899   -14.750 1.00 22.57 ? 53  VAL A O   1 
ATOM   377  C CB  . VAL A 1 53  ? -5.738  5.066   -12.391 1.00 21.89 ? 53  VAL A CB  1 
ATOM   378  C CG1 . VAL A 1 53  ? -6.063  3.652   -11.890 1.00 22.30 ? 53  VAL A CG1 1 
ATOM   379  C CG2 . VAL A 1 53  ? -6.158  6.108   -11.373 1.00 22.09 ? 53  VAL A CG2 1 
ATOM   380  N N   . PHE A 1 54  ? -2.903  3.170   -13.019 1.00 20.35 ? 54  PHE A N   1 
ATOM   381  C CA  . PHE A 1 54  ? -2.393  2.048   -13.787 1.00 19.09 ? 54  PHE A CA  1 
ATOM   382  C C   . PHE A 1 54  ? -2.995  0.721   -13.334 1.00 18.52 ? 54  PHE A C   1 
ATOM   383  O O   . PHE A 1 54  ? -2.873  -0.286  -14.032 1.00 18.73 ? 54  PHE A O   1 
ATOM   384  C CB  . PHE A 1 54  ? -0.847  1.989   -13.775 1.00 19.03 ? 54  PHE A CB  1 
ATOM   385  C CG  . PHE A 1 54  ? -0.255  1.920   -12.387 1.00 17.56 ? 54  PHE A CG  1 
ATOM   386  C CD1 . PHE A 1 54  ? -0.235  0.713   -11.681 1.00 17.30 ? 54  PHE A CD1 1 
ATOM   387  C CD2 . PHE A 1 54  ? 0.266   3.072   -11.788 1.00 18.53 ? 54  PHE A CD2 1 
ATOM   388  C CE1 . PHE A 1 54  ? 0.301   0.642   -10.398 1.00 15.53 ? 54  PHE A CE1 1 
ATOM   389  C CE2 . PHE A 1 54  ? 0.808   3.025   -10.478 1.00 16.76 ? 54  PHE A CE2 1 
ATOM   390  C CZ  . PHE A 1 54  ? 0.814   1.808   -9.782  1.00 17.05 ? 54  PHE A CZ  1 
ATOM   391  N N   . ASP A 1 55  ? -3.630  0.718   -12.163 1.00 17.43 ? 55  ASP A N   1 
ATOM   392  C CA  . ASP A 1 55  ? -4.210  -0.516  -11.620 1.00 17.46 ? 55  ASP A CA  1 
ATOM   393  C C   . ASP A 1 55  ? -5.187  -0.166  -10.510 1.00 17.07 ? 55  ASP A C   1 
ATOM   394  O O   . ASP A 1 55  ? -4.922  0.702   -9.690  1.00 17.80 ? 55  ASP A O   1 
ATOM   395  C CB  . ASP A 1 55  ? -3.123  -1.460  -11.103 1.00 17.36 ? 55  ASP A CB  1 
ATOM   396  C CG  . ASP A 1 55  ? -3.640  -2.861  -10.792 1.00 18.07 ? 55  ASP A CG  1 
ATOM   397  O OD1 . ASP A 1 55  ? -4.799  -3.201  -11.132 1.00 18.24 ? 55  ASP A OD1 1 
ATOM   398  O OD2 . ASP A 1 55  ? -2.867  -3.663  -10.230 1.00 17.80 ? 55  ASP A OD2 1 
ATOM   399  N N   . SER A 1 56  ? -6.334  -0.838  -10.483 1.00 15.68 ? 56  SER A N   1 
ATOM   400  C CA  . SER A 1 56  ? -7.329  -0.586  -9.449  1.00 14.50 ? 56  SER A CA  1 
ATOM   401  C C   . SER A 1 56  ? -8.103  -1.867  -9.179  1.00 15.17 ? 56  SER A C   1 
ATOM   402  O O   . SER A 1 56  ? -8.763  -2.403  -10.090 1.00 14.64 ? 56  SER A O   1 
ATOM   403  C CB  . SER A 1 56  ? -8.308  0.523   -9.886  1.00 14.85 ? 56  SER A CB  1 
ATOM   404  O OG  . SER A 1 56  ? -9.392  0.603   -8.973  1.00 15.49 ? 56  SER A OG  1 
ATOM   405  N N   . SER A 1 57  ? -8.044  -2.362  -7.946  1.00 13.43 ? 57  SER A N   1 
ATOM   406  C CA  . SER A 1 57  ? -8.940  -3.469  -7.556  1.00 14.29 ? 57  SER A CA  1 
ATOM   407  C C   . SER A 1 57  ? -10.378 -3.001  -7.396  1.00 14.61 ? 57  SER A C   1 
ATOM   408  O O   . SER A 1 57  ? -11.306 -3.799  -7.550  1.00 15.03 ? 57  SER A O   1 
ATOM   409  C CB  . SER A 1 57  ? -8.486  -4.117  -6.243  1.00 14.07 ? 57  SER A CB  1 
ATOM   410  O OG  . SER A 1 57  ? -8.600  -3.221  -5.140  1.00 13.80 ? 57  SER A OG  1 
ATOM   411  N N   . ARG A 1 58  ? -10.578 -1.705  -7.139  1.00 14.35 ? 58  ARG A N   1 
ATOM   412  C CA  . ARG A 1 58  ? -11.947 -1.178  -7.005  1.00 14.91 ? 58  ARG A CA  1 
ATOM   413  C C   . ARG A 1 58  ? -12.682 -1.257  -8.348  1.00 15.20 ? 58  ARG A C   1 
ATOM   414  O O   . ARG A 1 58  ? -13.871 -1.589  -8.378  1.00 14.73 ? 58  ARG A O   1 
ATOM   415  C CB  . ARG A 1 58  ? -11.928 0.260   -6.476  1.00 15.10 ? 58  ARG A CB  1 
ATOM   416  C CG  . ARG A 1 58  ? -11.373 0.338   -5.052  1.00 14.95 ? 58  ARG A CG  1 
ATOM   417  C CD  . ARG A 1 58  ? -11.472 1.749   -4.503  1.00 14.69 ? 58  ARG A CD  1 
ATOM   418  N NE  . ARG A 1 58  ? -10.825 1.846   -3.191  1.00 16.07 ? 58  ARG A NE  1 
ATOM   419  C CZ  . ARG A 1 58  ? -11.333 1.343   -2.061  1.00 15.80 ? 58  ARG A CZ  1 
ATOM   420  N NH1 . ARG A 1 58  ? -12.512 0.697   -2.039  1.00 17.26 ? 58  ARG A NH1 1 
ATOM   421  N NH2 . ARG A 1 58  ? -10.680 1.487   -0.915  1.00 15.84 ? 58  ARG A NH2 1 
ATOM   422  N N   . GLU A 1 59  ? -11.968 -0.993  -9.434  1.00 16.28 ? 59  GLU A N   1 
ATOM   423  C CA  . GLU A 1 59  ? -12.547 -1.092  -10.800 1.00 17.92 ? 59  GLU A CA  1 
ATOM   424  C C   . GLU A 1 59  ? -13.023 -2.506  -11.092 1.00 17.78 ? 59  GLU A C   1 
ATOM   425  O O   . GLU A 1 59  ? -14.000 -2.699  -11.817 1.00 18.43 ? 59  GLU A O   1 
ATOM   426  C CB  . GLU A 1 59  ? -11.534 -0.653  -11.866 1.00 19.63 ? 59  GLU A CB  1 
ATOM   427  C CG  . GLU A 1 59  ? -11.361 0.845   -11.955 1.00 25.83 ? 59  GLU A CG  1 
ATOM   428  C CD  . GLU A 1 59  ? -10.418 1.259   -13.077 1.00 33.89 ? 59  GLU A CD  1 
ATOM   429  O OE1 . GLU A 1 59  ? -9.853  2.387   -12.998 1.00 37.32 ? 59  GLU A OE1 1 
ATOM   430  O OE2 . GLU A 1 59  ? -10.229 0.449   -14.020 1.00 36.94 ? 59  GLU A OE2 1 
ATOM   431  N N   . ARG A 1 60  ? -12.327 -3.484  -10.524 1.00 16.15 ? 60  ARG A N   1 
ATOM   432  C CA  . ARG A 1 60  ? -12.649 -4.901  -10.649 1.00 16.39 ? 60  ARG A CA  1 
ATOM   433  C C   . ARG A 1 60  ? -13.740 -5.370  -9.679  1.00 15.50 ? 60  ARG A C   1 
ATOM   434  O O   . ARG A 1 60  ? -14.228 -6.515  -9.800  1.00 14.87 ? 60  ARG A O   1 
ATOM   435  C CB  . ARG A 1 60  ? -11.368 -5.743  -10.479 1.00 16.72 ? 60  ARG A CB  1 
ATOM   436  C CG  . ARG A 1 60  ? -10.381 -5.560  -11.611 1.00 18.13 ? 60  ARG A CG  1 
ATOM   437  C CD  . ARG A 1 60  ? -9.269  -6.640  -11.531 1.00 19.21 ? 60  ARG A CD  1 
ATOM   438  N NE  . ARG A 1 60  ? -8.435  -6.441  -10.339 1.00 18.43 ? 60  ARG A NE  1 
ATOM   439  C CZ  . ARG A 1 60  ? -7.325  -5.697  -10.296 1.00 20.00 ? 60  ARG A CZ  1 
ATOM   440  N NH1 . ARG A 1 60  ? -6.900  -5.048  -11.356 1.00 22.15 ? 60  ARG A NH1 1 
ATOM   441  N NH2 . ARG A 1 60  ? -6.652  -5.600  -9.160  1.00 22.72 ? 60  ARG A NH2 1 
ATOM   442  N N   . ASN A 1 61  ? -14.120 -4.497  -8.736  1.00 14.47 ? 61  ASN A N   1 
ATOM   443  C CA  . ASN A 1 61  ? -15.085 -4.792  -7.673  1.00 14.75 ? 61  ASN A CA  1 
ATOM   444  C C   . ASN A 1 61  ? -14.755 -6.034  -6.839  1.00 14.54 ? 61  ASN A C   1 
ATOM   445  O O   . ASN A 1 61  ? -15.654 -6.705  -6.324  1.00 15.30 ? 61  ASN A O   1 
ATOM   446  C CB  . ASN A 1 61  ? -16.506 -4.955  -8.255  1.00 14.78 ? 61  ASN A CB  1 
ATOM   447  C CG  . ASN A 1 61  ? -17.100 -3.645  -8.694  1.00 16.24 ? 61  ASN A CG  1 
ATOM   448  O OD1 . ASN A 1 61  ? -17.129 -2.677  -7.922  1.00 18.38 ? 61  ASN A OD1 1 
ATOM   449  N ND2 . ASN A 1 61  ? -17.583 -3.592  -9.949  1.00 16.65 ? 61  ASN A ND2 1 
ATOM   450  N N   . VAL A 1 62  ? -13.472 -6.336  -6.685  1.00 14.69 ? 62  VAL A N   1 
ATOM   451  C CA  . VAL A 1 62  ? -13.087 -7.448  -5.851  1.00 14.73 ? 62  VAL A CA  1 
ATOM   452  C C   . VAL A 1 62  ? -11.704 -7.153  -5.294  1.00 13.04 ? 62  VAL A C   1 
ATOM   453  O O   . VAL A 1 62  ? -10.826 -6.719  -6.048  1.00 13.32 ? 62  VAL A O   1 
ATOM   454  C CB  . VAL A 1 62  ? -13.162 -8.804  -6.614  1.00 15.56 ? 62  VAL A CB  1 
ATOM   455  C CG1 . VAL A 1 62  ? -12.164 -8.870  -7.791  1.00 17.30 ? 62  VAL A CG1 1 
ATOM   456  C CG2 . VAL A 1 62  ? -13.033 -9.986  -5.642  1.00 16.14 ? 62  VAL A CG2 1 
ATOM   457  N N   . PRO A 1 63  ? -11.526 -7.354  -3.980  1.00 13.11 ? 63  PRO A N   1 
ATOM   458  C CA  . PRO A 1 63  ? -10.221 -6.984  -3.420  1.00 13.19 ? 63  PRO A CA  1 
ATOM   459  C C   . PRO A 1 63  ? -9.147  -8.018  -3.720  1.00 12.63 ? 63  PRO A C   1 
ATOM   460  O O   . PRO A 1 63  ? -9.399  -9.042  -4.373  1.00 12.64 ? 63  PRO A O   1 
ATOM   461  C CB  . PRO A 1 63  ? -10.496 -6.877  -1.921  1.00 13.29 ? 63  PRO A CB  1 
ATOM   462  C CG  . PRO A 1 63  ? -11.637 -7.816  -1.660  1.00 15.15 ? 63  PRO A CG  1 
ATOM   463  C CD  . PRO A 1 63  ? -12.485 -7.750  -2.941  1.00 13.83 ? 63  PRO A CD  1 
ATOM   464  N N   . PHE A 1 64  ? -7.935  -7.736  -3.242  1.00 11.96 ? 64  PHE A N   1 
ATOM   465  C CA  . PHE A 1 64  ? -6.763  -8.541  -3.551  1.00 12.47 ? 64  PHE A CA  1 
ATOM   466  C C   . PHE A 1 64  ? -6.183  -9.141  -2.276  1.00 12.15 ? 64  PHE A C   1 
ATOM   467  O O   . PHE A 1 64  ? -6.095  -8.450  -1.273  1.00 11.31 ? 64  PHE A O   1 
ATOM   468  C CB  . PHE A 1 64  ? -5.717  -7.620  -4.219  1.00 12.70 ? 64  PHE A CB  1 
ATOM   469  C CG  . PHE A 1 64  ? -4.404  -8.301  -4.488  1.00 15.24 ? 64  PHE A CG  1 
ATOM   470  C CD1 . PHE A 1 64  ? -4.317  -9.314  -5.428  1.00 20.79 ? 64  PHE A CD1 1 
ATOM   471  C CD2 . PHE A 1 64  ? -3.270  -7.933  -3.776  1.00 19.11 ? 64  PHE A CD2 1 
ATOM   472  C CE1 . PHE A 1 64  ? -3.087  -9.974  -5.667  1.00 23.04 ? 64  PHE A CE1 1 
ATOM   473  C CE2 . PHE A 1 64  ? -2.051  -8.580  -4.009  1.00 17.96 ? 64  PHE A CE2 1 
ATOM   474  C CZ  . PHE A 1 64  ? -1.971  -9.591  -4.936  1.00 20.75 ? 64  PHE A CZ  1 
ATOM   475  N N   . LYS A 1 65  ? -5.817  -10.423 -2.310  1.00 11.23 ? 65  LYS A N   1 
ATOM   476  C CA  . LYS A 1 65  ? -5.223  -11.092 -1.140  1.00 10.68 ? 65  LYS A CA  1 
ATOM   477  C C   . LYS A 1 65  ? -3.753  -11.398 -1.364  1.00 11.16 ? 65  LYS A C   1 
ATOM   478  O O   . LYS A 1 65  ? -3.348  -11.845 -2.452  1.00 12.11 ? 65  LYS A O   1 
ATOM   479  C CB  . LYS A 1 65  ? -5.924  -12.426 -0.883  1.00 11.77 ? 65  LYS A CB  1 
ATOM   480  C CG  . LYS A 1 65  ? -7.399  -12.263 -0.569  1.00 12.06 ? 65  LYS A CG  1 
ATOM   481  C CD  . LYS A 1 65  ? -8.058  -13.635 -0.345  1.00 13.62 ? 65  LYS A CD  1 
ATOM   482  C CE  . LYS A 1 65  ? -9.590  -13.463 -0.126  1.00 13.54 ? 65  LYS A CE  1 
ATOM   483  N NZ  . LYS A 1 65  ? -10.203 -14.848 -0.011  1.00 13.95 ? 65  LYS A NZ  1 
ATOM   484  N N   . PHE A 1 66  ? -2.935  -11.167 -0.330  1.00 11.49 ? 66  PHE A N   1 
ATOM   485  C CA  . PHE A 1 66  ? -1.543  -11.619 -0.383  1.00 10.17 ? 66  PHE A CA  1 
ATOM   486  C C   . PHE A 1 66  ? -1.079  -11.927 1.033   1.00 10.64 ? 66  PHE A C   1 
ATOM   487  O O   . PHE A 1 66  ? -1.736  -11.534 2.002   1.00 10.69 ? 66  PHE A O   1 
ATOM   488  C CB  . PHE A 1 66  ? -0.616  -10.605 -1.080  1.00 10.44 ? 66  PHE A CB  1 
ATOM   489  C CG  . PHE A 1 66  ? -0.397  -9.298  -0.333  1.00 11.44 ? 66  PHE A CG  1 
ATOM   490  C CD1 . PHE A 1 66  ? 0.756   -9.120  0.458   1.00 10.49 ? 66  PHE A CD1 1 
ATOM   491  C CD2 . PHE A 1 66  ? -1.281  -8.218  -0.473  1.00 11.94 ? 66  PHE A CD2 1 
ATOM   492  C CE1 . PHE A 1 66  ? 1.030   -7.889  1.112   1.00 10.90 ? 66  PHE A CE1 1 
ATOM   493  C CE2 . PHE A 1 66  ? -1.014  -6.967  0.189   1.00 12.48 ? 66  PHE A CE2 1 
ATOM   494  C CZ  . PHE A 1 66  ? 0.138   -6.817  0.988   1.00 11.24 ? 66  PHE A CZ  1 
ATOM   495  N N   . HIS A 1 67  ? 0.069   -12.599 1.141   1.00 10.42 ? 67  HIS A N   1 
ATOM   496  C CA  . HIS A 1 67  ? 0.633   -12.872 2.478   1.00 10.63 ? 67  HIS A CA  1 
ATOM   497  C C   . HIS A 1 67  ? 1.634   -11.801 2.834   1.00 10.81 ? 67  HIS A C   1 
ATOM   498  O O   . HIS A 1 67  ? 2.592   -11.527 2.087   1.00 11.93 ? 67  HIS A O   1 
ATOM   499  C CB  . HIS A 1 67  ? 1.190   -14.304 2.582   1.00 10.96 ? 67  HIS A CB  1 
ATOM   500  C CG  . HIS A 1 67  ? 0.109   -15.327 2.772   1.00 11.84 ? 67  HIS A CG  1 
ATOM   501  N ND1 . HIS A 1 67  ? -0.642  -15.820 1.722   1.00 16.56 ? 67  HIS A ND1 1 
ATOM   502  C CD2 . HIS A 1 67  ? -0.395  -15.894 3.895   1.00 15.17 ? 67  HIS A CD2 1 
ATOM   503  C CE1 . HIS A 1 67  ? -1.552  -16.653 2.190   1.00 16.77 ? 67  HIS A CE1 1 
ATOM   504  N NE2 . HIS A 1 67  ? -1.422  -16.718 3.507   1.00 15.57 ? 67  HIS A NE2 1 
ATOM   505  N N   . LEU A 1 68  ? 1.406   -11.205 3.998   1.00 10.82 ? 68  LEU A N   1 
ATOM   506  C CA  . LEU A 1 68  ? 2.135   -9.993  4.395   1.00 10.71 ? 68  LEU A CA  1 
ATOM   507  C C   . LEU A 1 68  ? 3.599   -10.289 4.720   1.00 11.34 ? 68  LEU A C   1 
ATOM   508  O O   . LEU A 1 68  ? 3.895   -11.261 5.433   1.00 12.58 ? 68  LEU A O   1 
ATOM   509  C CB  . LEU A 1 68  ? 1.438   -9.375  5.627   1.00 10.75 ? 68  LEU A CB  1 
ATOM   510  C CG  . LEU A 1 68  ? 2.133   -8.128  6.191   1.00 11.24 ? 68  LEU A CG  1 
ATOM   511  C CD1 . LEU A 1 68  ? 2.074   -6.990  5.141   1.00 11.81 ? 68  LEU A CD1 1 
ATOM   512  C CD2 . LEU A 1 68  ? 1.422   -7.728  7.501   1.00 12.29 ? 68  LEU A CD2 1 
ATOM   513  N N   . GLY A 1 69  ? 4.502   -9.479  4.160   1.00 11.16 ? 69  GLY A N   1 
ATOM   514  C CA  . GLY A 1 69  ? 5.912   -9.467  4.564   1.00 13.06 ? 69  GLY A CA  1 
ATOM   515  C C   . GLY A 1 69  ? 6.752   -10.562 3.950   1.00 13.95 ? 69  GLY A C   1 
ATOM   516  O O   . GLY A 1 69  ? 7.850   -10.849 4.441   1.00 15.07 ? 69  GLY A O   1 
ATOM   517  N N   . GLN A 1 70  ? 6.250   -11.158 2.869   1.00 13.92 ? 70  GLN A N   1 
ATOM   518  C CA  . GLN A 1 70  ? 6.881   -12.325 2.237   1.00 16.10 ? 70  GLN A CA  1 
ATOM   519  C C   . GLN A 1 70  ? 7.562   -11.986 0.910   1.00 16.67 ? 70  GLN A C   1 
ATOM   520  O O   . GLN A 1 70  ? 8.131   -12.872 0.248   1.00 18.36 ? 70  GLN A O   1 
ATOM   521  C CB  . GLN A 1 70  ? 5.819   -13.408 1.990   1.00 15.42 ? 70  GLN A CB  1 
ATOM   522  C CG  . GLN A 1 70  ? 5.002   -13.806 3.209   1.00 17.44 ? 70  GLN A CG  1 
ATOM   523  C CD  . GLN A 1 70  ? 5.864   -14.192 4.385   1.00 20.15 ? 70  GLN A CD  1 
ATOM   524  O OE1 . GLN A 1 70  ? 5.741   -13.621 5.491   1.00 20.19 ? 70  GLN A OE1 1 
ATOM   525  N NE2 . GLN A 1 70  ? 6.753   -15.155 4.164   1.00 19.96 ? 70  GLN A NE2 1 
ATOM   526  N N   . GLY A 1 71  ? 7.488   -10.717 0.498   1.00 16.03 ? 71  GLY A N   1 
ATOM   527  C CA  . GLY A 1 71  ? 8.075   -10.275 -0.772  1.00 16.45 ? 71  GLY A CA  1 
ATOM   528  C C   . GLY A 1 71  ? 7.282   -10.771 -1.965  1.00 16.57 ? 71  GLY A C   1 
ATOM   529  O O   . GLY A 1 71  ? 7.815   -10.890 -3.070  1.00 17.38 ? 71  GLY A O   1 
ATOM   530  N N   . GLU A 1 72  ? 6.001   -11.055 -1.749  1.00 16.42 ? 72  GLU A N   1 
ATOM   531  C CA  . GLU A 1 72  ? 5.093   -11.457 -2.841  1.00 16.66 ? 72  GLU A CA  1 
ATOM   532  C C   . GLU A 1 72  ? 4.700   -10.267 -3.694  1.00 17.08 ? 72  GLU A C   1 
ATOM   533  O O   . GLU A 1 72  ? 4.401   -10.430 -4.880  1.00 18.79 ? 72  GLU A O   1 
ATOM   534  C CB  . GLU A 1 72  ? 3.781   -12.030 -2.298  1.00 18.68 ? 72  GLU A CB  1 
ATOM   535  C CG  . GLU A 1 72  ? 3.935   -13.289 -1.595  1.00 22.27 ? 72  GLU A CG  1 
ATOM   536  C CD  . GLU A 1 72  ? 2.598   -13.841 -1.110  1.00 24.49 ? 72  GLU A CD  1 
ATOM   537  O OE1 . GLU A 1 72  ? 1.556   -13.200 -1.288  1.00 20.10 ? 72  GLU A OE1 1 
ATOM   538  O OE2 . GLU A 1 72  ? 2.626   -14.948 -0.534  1.00 29.51 ? 72  GLU A OE2 1 
ATOM   539  N N   . VAL A 1 73  ? 4.707   -9.082  -3.086  1.00 14.51 ? 73  VAL A N   1 
ATOM   540  C CA  . VAL A 1 73  ? 4.276   -7.831  -3.714  1.00 13.71 ? 73  VAL A CA  1 
ATOM   541  C C   . VAL A 1 73  ? 5.457   -6.851  -3.613  1.00 13.23 ? 73  VAL A C   1 
ATOM   542  O O   . VAL A 1 73  ? 6.472   -7.160  -2.973  1.00 13.54 ? 73  VAL A O   1 
ATOM   543  C CB  . VAL A 1 73  ? 3.051   -7.240  -3.002  1.00 13.15 ? 73  VAL A CB  1 
ATOM   544  C CG1 . VAL A 1 73  ? 1.798   -8.189  -3.197  1.00 15.08 ? 73  VAL A CG1 1 
ATOM   545  C CG2 . VAL A 1 73  ? 3.344   -7.054  -1.494  1.00 13.98 ? 73  VAL A CG2 1 
ATOM   546  N N   . ILE A 1 74  ? 5.315   -5.685  -4.239  1.00 13.58 ? 74  ILE A N   1 
ATOM   547  C CA  . ILE A 1 74  ? 6.373   -4.666  -4.161  1.00 12.80 ? 74  ILE A CA  1 
ATOM   548  C C   . ILE A 1 74  ? 6.682   -4.306  -2.706  1.00 12.75 ? 74  ILE A C   1 
ATOM   549  O O   . ILE A 1 74  ? 5.820   -4.344  -1.841  1.00 12.31 ? 74  ILE A O   1 
ATOM   550  C CB  . ILE A 1 74  ? 6.028   -3.385  -4.951  1.00 13.27 ? 74  ILE A CB  1 
ATOM   551  C CG1 . ILE A 1 74  ? 4.671   -2.790  -4.523  1.00 12.91 ? 74  ILE A CG1 1 
ATOM   552  C CG2 . ILE A 1 74  ? 6.059   -3.697  -6.464  1.00 14.31 ? 74  ILE A CG2 1 
ATOM   553  C CD1 . ILE A 1 74  ? 4.348   -1.414  -5.216  1.00 15.98 ? 74  ILE A CD1 1 
ATOM   554  N N   . LYS A 1 75  ? 7.938   -3.965  -2.455  1.00 12.88 ? 75  LYS A N   1 
ATOM   555  C CA  . LYS A 1 75  ? 8.390   -3.721  -1.087  1.00 13.60 ? 75  LYS A CA  1 
ATOM   556  C C   . LYS A 1 75  ? 7.538   -2.678  -0.367  1.00 12.41 ? 75  LYS A C   1 
ATOM   557  O O   . LYS A 1 75  ? 7.245   -2.826  0.830   1.00 11.60 ? 75  LYS A O   1 
ATOM   558  C CB  . LYS A 1 75  ? 9.861   -3.292  -1.102  1.00 15.62 ? 75  LYS A CB  1 
ATOM   559  C CG  . LYS A 1 75  ? 10.498  -3.291  0.316   1.00 20.30 ? 75  LYS A CG  1 
ATOM   560  C CD  . LYS A 1 75  ? 10.159  -4.557  1.120   1.00 28.98 ? 75  LYS A CD  1 
ATOM   561  C CE  . LYS A 1 75  ? 10.777  -4.586  2.529   1.00 33.47 ? 75  LYS A CE  1 
ATOM   562  N NZ  . LYS A 1 75  ? 9.979   -5.453  3.503   1.00 36.13 ? 75  LYS A NZ  1 
ATOM   563  N N   . GLY A 1 76  ? 7.184   -1.617  -1.089  1.00 11.83 ? 76  GLY A N   1 
ATOM   564  C CA  . GLY A 1 76  ? 6.344   -0.548  -0.559  1.00 11.65 ? 76  GLY A CA  1 
ATOM   565  C C   . GLY A 1 76  ? 5.023   -1.057  0.017   1.00 11.83 ? 76  GLY A C   1 
ATOM   566  O O   . GLY A 1 76  ? 4.556   -0.549  1.021   1.00 11.61 ? 76  GLY A O   1 
ATOM   567  N N   . TRP A 1 77  ? 4.405   -2.054  -0.625  1.00 11.73 ? 77  TRP A N   1 
ATOM   568  C CA  . TRP A 1 77  ? 3.182   -2.613  -0.104  1.00 11.40 ? 77  TRP A CA  1 
ATOM   569  C C   . TRP A 1 77  ? 3.400   -3.423  1.173   1.00 10.99 ? 77  TRP A C   1 
ATOM   570  O O   . TRP A 1 77  ? 2.628   -3.298  2.125   1.00 10.16 ? 77  TRP A O   1 
ATOM   571  C CB  . TRP A 1 77  ? 2.555   -3.548  -1.135  1.00 11.63 ? 77  TRP A CB  1 
ATOM   572  C CG  . TRP A 1 77  ? 1.687   -2.869  -2.113  1.00 12.13 ? 77  TRP A CG  1 
ATOM   573  C CD1 . TRP A 1 77  ? 1.717   -1.563  -2.508  1.00 14.80 ? 77  TRP A CD1 1 
ATOM   574  C CD2 . TRP A 1 77  ? 0.661   -3.512  -2.882  1.00 14.20 ? 77  TRP A CD2 1 
ATOM   575  N NE1 . TRP A 1 77  ? 0.709   -1.337  -3.466  1.00 13.64 ? 77  TRP A NE1 1 
ATOM   576  C CE2 . TRP A 1 77  ? 0.072   -2.530  -3.707  1.00 15.99 ? 77  TRP A CE2 1 
ATOM   577  C CE3 . TRP A 1 77  ? 0.191   -4.839  -2.952  1.00 19.01 ? 77  TRP A CE3 1 
ATOM   578  C CZ2 . TRP A 1 77  ? -0.979  -2.828  -4.590  1.00 16.87 ? 77  TRP A CZ2 1 
ATOM   579  C CZ3 . TRP A 1 77  ? -0.866  -5.137  -3.833  1.00 21.15 ? 77  TRP A CZ3 1 
ATOM   580  C CH2 . TRP A 1 77  ? -1.424  -4.134  -4.644  1.00 19.04 ? 77  TRP A CH2 1 
ATOM   581  N N   . ASP A 1 78  ? 4.432   -4.273  1.197   1.00 11.17 ? 78  ASP A N   1 
ATOM   582  C CA  . ASP A 1 78  ? 4.734   -4.990  2.463   1.00 11.46 ? 78  ASP A CA  1 
ATOM   583  C C   . ASP A 1 78  ? 4.926   -4.001  3.620   1.00 12.38 ? 78  ASP A C   1 
ATOM   584  O O   . ASP A 1 78  ? 4.386   -4.195  4.713   1.00 11.43 ? 78  ASP A O   1 
ATOM   585  C CB  . ASP A 1 78  ? 5.977   -5.893  2.323   1.00 12.31 ? 78  ASP A CB  1 
ATOM   586  C CG  . ASP A 1 78  ? 5.651   -7.292  1.822   1.00 13.01 ? 78  ASP A CG  1 
ATOM   587  O OD1 . ASP A 1 78  ? 4.484   -7.733  1.922   1.00 12.16 ? 78  ASP A OD1 1 
ATOM   588  O OD2 . ASP A 1 78  ? 6.602   -7.986  1.366   1.00 13.17 ? 78  ASP A OD2 1 
ATOM   589  N N   . ILE A 1 79  ? 5.733   -2.967  3.374   1.00 11.75 ? 79  ILE A N   1 
ATOM   590  C CA  . ILE A 1 79  ? 6.034   -1.977  4.419   1.00 11.92 ? 79  ILE A CA  1 
ATOM   591  C C   . ILE A 1 79  ? 4.782   -1.196  4.837   1.00 11.42 ? 79  ILE A C   1 
ATOM   592  O O   . ILE A 1 79  ? 4.499   -1.047  6.024   1.00 12.60 ? 79  ILE A O   1 
ATOM   593  C CB  . ILE A 1 79  ? 7.173   -1.039  3.965   1.00 12.25 ? 79  ILE A CB  1 
ATOM   594  C CG1 . ILE A 1 79  ? 8.467   -1.847  3.797   1.00 13.16 ? 79  ILE A CG1 1 
ATOM   595  C CG2 . ILE A 1 79  ? 7.321   0.135   4.975   1.00 12.98 ? 79  ILE A CG2 1 
ATOM   596  C CD1 . ILE A 1 79  ? 9.563   -1.112  3.023   1.00 13.33 ? 79  ILE A CD1 1 
ATOM   597  N N   . CYS A 1 80  ? 4.000   -0.752  3.855   1.00 11.28 ? 80  CYS A N   1 
ATOM   598  C CA  . CYS A 1 80  ? 2.802   0.025   4.144   1.00 11.43 ? 80  CYS A CA  1 
ATOM   599  C C   . CYS A 1 80  ? 1.753   -0.793  4.892   1.00 11.22 ? 80  CYS A C   1 
ATOM   600  O O   . CYS A 1 80  ? 1.283   -0.408  5.968   1.00 11.00 ? 80  CYS A O   1 
ATOM   601  C CB  . CYS A 1 80  ? 2.224   0.618   2.855   1.00 11.67 ? 80  CYS A CB  1 
ATOM   602  S SG  . CYS A 1 80  ? 0.843   1.745   3.217   1.00 14.20 ? 80  CYS A SG  1 
ATOM   603  N N   . VAL A 1 81  ? 1.413   -1.963  4.349   1.00 11.07 ? 81  VAL A N   1 
ATOM   604  C CA  . VAL A 1 81  ? 0.339   -2.740  4.957   1.00 11.57 ? 81  VAL A CA  1 
ATOM   605  C C   . VAL A 1 81  ? 0.712   -3.233  6.371   1.00 11.68 ? 81  VAL A C   1 
ATOM   606  O O   . VAL A 1 81  ? -0.156  -3.318  7.256   1.00 11.71 ? 81  VAL A O   1 
ATOM   607  C CB  . VAL A 1 81  ? -0.141  -3.865  4.013   1.00 10.78 ? 81  VAL A CB  1 
ATOM   608  C CG1 . VAL A 1 81  ? -1.214  -4.724  4.705   1.00 11.52 ? 81  VAL A CG1 1 
ATOM   609  C CG2 . VAL A 1 81  ? -0.715  -3.225  2.743   1.00 10.76 ? 81  VAL A CG2 1 
ATOM   610  N N   . ALA A 1 82  ? 2.007   -3.492  6.615   1.00 11.55 ? 82  ALA A N   1 
ATOM   611  C CA  . ALA A 1 82  ? 2.414   -3.889  7.956   1.00 12.97 ? 82  ALA A CA  1 
ATOM   612  C C   . ALA A 1 82  ? 2.094   -2.819  9.013   1.00 13.04 ? 82  ALA A C   1 
ATOM   613  O O   . ALA A 1 82  ? 1.946   -3.144  10.210  1.00 13.94 ? 82  ALA A O   1 
ATOM   614  C CB  . ALA A 1 82  ? 3.922   -4.241  7.996   1.00 12.88 ? 82  ALA A CB  1 
ATOM   615  N N   . SER A 1 83  ? 2.003   -1.560  8.568   1.00 13.38 ? 83  SER A N   1 
ATOM   616  C CA  . SER A 1 83  ? 1.742   -0.429  9.459   1.00 13.06 ? 83  SER A CA  1 
ATOM   617  C C   . SER A 1 83  ? 0.261   -0.117  9.684   1.00 13.44 ? 83  SER A C   1 
ATOM   618  O O   . SER A 1 83  ? -0.068  0.784   10.442  1.00 14.07 ? 83  SER A O   1 
ATOM   619  C CB  . SER A 1 83  ? 2.419   0.820   8.932   1.00 13.93 ? 83  SER A CB  1 
ATOM   620  O OG  . SER A 1 83  ? 1.654   1.405   7.877   1.00 13.30 ? 83  SER A OG  1 
ATOM   621  N N   . MET A 1 84  ? -0.620  -0.859  9.022   1.00 12.92 ? 84  MET A N   1 
ATOM   622  C CA  . MET A 1 84  ? -2.043  -0.541  9.026   1.00 13.72 ? 84  MET A CA  1 
ATOM   623  C C   . MET A 1 84  ? -2.794  -1.379  10.043  1.00 14.39 ? 84  MET A C   1 
ATOM   624  O O   . MET A 1 84  ? -2.273  -2.391  10.518  1.00 15.87 ? 84  MET A O   1 
ATOM   625  C CB  . MET A 1 84  ? -2.629  -0.785  7.634   1.00 13.77 ? 84  MET A CB  1 
ATOM   626  C CG  . MET A 1 84  ? -1.990  0.113   6.537   1.00 13.53 ? 84  MET A CG  1 
ATOM   627  S SD  . MET A 1 84  ? -2.644  -0.259  4.884   1.00 13.51 ? 84  MET A SD  1 
ATOM   628  C CE  . MET A 1 84  ? -4.285  0.521   5.000   1.00 14.99 ? 84  MET A CE  1 
ATOM   629  N N   . THR A 1 85  ? -4.003  -0.950  10.388  1.00 14.19 ? 85  THR A N   1 
ATOM   630  C CA  . THR A 1 85  ? -4.904  -1.788  11.209  1.00 14.78 ? 85  THR A CA  1 
ATOM   631  C C   . THR A 1 85  ? -6.192  -1.974  10.429  1.00 15.09 ? 85  THR A C   1 
ATOM   632  O O   . THR A 1 85  ? -6.423  -1.273  9.447   1.00 14.39 ? 85  THR A O   1 
ATOM   633  C CB  . THR A 1 85  ? -5.197  -1.197  12.608  1.00 15.88 ? 85  THR A CB  1 
ATOM   634  O OG1 . THR A 1 85  ? -5.983  -0.002  12.466  1.00 17.22 ? 85  THR A OG1 1 
ATOM   635  C CG2 . THR A 1 85  ? -3.913  -0.880  13.314  1.00 16.35 ? 85  THR A CG2 1 
ATOM   636  N N   . LYS A 1 86  ? -7.012  -2.941  10.855  1.00 14.78 ? 86  LYS A N   1 
ATOM   637  C CA  . LYS A 1 86  ? -8.218  -3.276  10.118  1.00 15.68 ? 86  LYS A CA  1 
ATOM   638  C C   . LYS A 1 86  ? -9.099  -2.041  9.887   1.00 15.45 ? 86  LYS A C   1 
ATOM   639  O O   . LYS A 1 86  ? -9.300  -1.238  10.802  1.00 16.63 ? 86  LYS A O   1 
ATOM   640  C CB  . LYS A 1 86  ? -9.008  -4.367  10.848  1.00 15.75 ? 86  LYS A CB  1 
ATOM   641  C CG  . LYS A 1 86  ? -10.214 -4.840  10.045  1.00 17.96 ? 86  LYS A CG  1 
ATOM   642  C CD  . LYS A 1 86  ? -11.052 -5.815  10.858  1.00 21.26 ? 86  LYS A CD  1 
ATOM   643  C CE  . LYS A 1 86  ? -12.177 -6.388  9.994   1.00 25.55 ? 86  LYS A CE  1 
ATOM   644  N NZ  . LYS A 1 86  ? -13.009 -7.318  10.823  1.00 27.82 ? 86  LYS A NZ  1 
ATOM   645  N N   . ASN A 1 87  ? -9.565  -1.904  8.643   1.00 15.02 ? 87  ASN A N   1 
ATOM   646  C CA  A ASN A 1 87  ? -10.431 -0.804  8.191   0.50 15.14 ? 87  ASN A CA  1 
ATOM   647  C CA  B ASN A 1 87  ? -10.430 -0.811  8.171   0.50 15.40 ? 87  ASN A CA  1 
ATOM   648  C C   . ASN A 1 87  ? -9.725  0.525   7.925   1.00 14.76 ? 87  ASN A C   1 
ATOM   649  O O   . ASN A 1 87  ? -10.348 1.487   7.484   1.00 15.08 ? 87  ASN A O   1 
ATOM   650  C CB  A ASN A 1 87  ? -11.624 -0.584  9.132   0.50 15.81 ? 87  ASN A CB  1 
ATOM   651  C CB  B ASN A 1 87  ? -11.695 -0.649  9.042   0.50 16.34 ? 87  ASN A CB  1 
ATOM   652  C CG  A ASN A 1 87  ? -12.803 0.022   8.422   0.50 16.63 ? 87  ASN A CG  1 
ATOM   653  C CG  B ASN A 1 87  ? -12.615 -1.859  8.959   0.50 18.15 ? 87  ASN A CG  1 
ATOM   654  O OD1 A ASN A 1 87  ? -13.249 -0.492  7.395   0.50 19.12 ? 87  ASN A OD1 1 
ATOM   655  O OD1 B ASN A 1 87  ? -12.694 -2.523  7.912   0.50 20.39 ? 87  ASN A OD1 1 
ATOM   656  N ND2 A ASN A 1 87  ? -13.320 1.121   8.958   0.50 15.79 ? 87  ASN A ND2 1 
ATOM   657  N ND2 B ASN A 1 87  ? -13.302 -2.170  10.068  0.50 21.16 ? 87  ASN A ND2 1 
ATOM   658  N N   . GLU A 1 88  ? -8.411  0.578   8.154   1.00 14.82 ? 88  GLU A N   1 
ATOM   659  C CA  . GLU A 1 88  ? -7.665  1.787   7.800   1.00 13.82 ? 88  GLU A CA  1 
ATOM   660  C C   . GLU A 1 88  ? -7.662  2.000   6.287   1.00 14.16 ? 88  GLU A C   1 
ATOM   661  O O   . GLU A 1 88  ? -7.526  1.037   5.506   1.00 13.53 ? 88  GLU A O   1 
ATOM   662  C CB  . GLU A 1 88  ? -6.214  1.660   8.263   1.00 14.01 ? 88  GLU A CB  1 
ATOM   663  C CG  . GLU A 1 88  ? -5.364  2.891   8.002   1.00 14.89 ? 88  GLU A CG  1 
ATOM   664  C CD  . GLU A 1 88  ? -3.951  2.743   8.574   1.00 13.71 ? 88  GLU A CD  1 
ATOM   665  O OE1 . GLU A 1 88  ? -3.821  2.204   9.698   1.00 14.57 ? 88  GLU A OE1 1 
ATOM   666  O OE2 . GLU A 1 88  ? -3.012  3.192   7.880   1.00 14.40 ? 88  GLU A OE2 1 
ATOM   667  N N   . LYS A 1 89  ? -7.803  3.262   5.874   1.00 13.19 ? 89  LYS A N   1 
ATOM   668  C CA  . LYS A 1 89  ? -7.578  3.638   4.496   1.00 13.86 ? 89  LYS A CA  1 
ATOM   669  C C   . LYS A 1 89  ? -6.450  4.660   4.497   1.00 13.97 ? 89  LYS A C   1 
ATOM   670  O O   . LYS A 1 89  ? -6.486  5.602   5.274   1.00 14.22 ? 89  LYS A O   1 
ATOM   671  C CB  . LYS A 1 89  ? -8.827  4.269   3.873   1.00 15.43 ? 89  LYS A CB  1 
ATOM   672  C CG  . LYS A 1 89  ? -8.675  4.459   2.350   1.00 17.58 ? 89  LYS A CG  1 
ATOM   673  C CD  . LYS A 1 89  ? -9.906  5.110   1.687   1.00 24.56 ? 89  LYS A CD  1 
ATOM   674  C CE  . LYS A 1 89  ? -11.088 4.194   1.644   1.00 27.54 ? 89  LYS A CE  1 
ATOM   675  N NZ  . LYS A 1 89  ? -12.193 4.928   0.938   1.00 31.28 ? 89  LYS A NZ  1 
ATOM   676  N N   . CYS A 1 90  ? -5.493  4.475   3.598   1.00 13.57 ? 90  CYS A N   1 
ATOM   677  C CA  . CYS A 1 90  ? -4.367  5.396   3.501   1.00 13.60 ? 90  CYS A CA  1 
ATOM   678  C C   . CYS A 1 90  ? -4.019  5.694   2.056   1.00 13.86 ? 90  CYS A C   1 
ATOM   679  O O   . CYS A 1 90  ? -4.542  5.056   1.117   1.00 13.88 ? 90  CYS A O   1 
ATOM   680  C CB  . CYS A 1 90  ? -3.177  4.810   4.239   1.00 12.46 ? 90  CYS A CB  1 
ATOM   681  S SG  . CYS A 1 90  ? -2.406  3.431   3.334   1.00 15.39 ? 90  CYS A SG  1 
ATOM   682  N N   . SER A 1 91  ? -3.185  6.720   1.865   1.00 13.18 ? 91  SER A N   1 
ATOM   683  C CA  . SER A 1 91  ? -2.561  6.970   0.571   1.00 13.25 ? 91  SER A CA  1 
ATOM   684  C C   . SER A 1 91  ? -1.069  6.899   0.862   1.00 13.56 ? 91  SER A C   1 
ATOM   685  O O   . SER A 1 91  ? -0.583  7.577   1.776   1.00 15.37 ? 91  SER A O   1 
ATOM   686  C CB  . SER A 1 91  ? -2.900  8.368   0.041   1.00 13.38 ? 91  SER A CB  1 
ATOM   687  O OG  . SER A 1 91  ? -2.156  8.664   -1.150  1.00 17.08 ? 91  SER A OG  1 
ATOM   688  N N   . VAL A 1 92  ? -0.364  6.070   0.120   1.00 12.43 ? 92  VAL A N   1 
ATOM   689  C CA  . VAL A 1 92  ? 1.073   5.886   0.357   1.00 13.52 ? 92  VAL A CA  1 
ATOM   690  C C   . VAL A 1 92  ? 1.871   6.319   -0.868  1.00 13.58 ? 92  VAL A C   1 
ATOM   691  O O   . VAL A 1 92  ? 1.567   5.952   -2.017  1.00 14.35 ? 92  VAL A O   1 
ATOM   692  C CB  . VAL A 1 92  ? 1.378   4.442   0.827   1.00 12.45 ? 92  VAL A CB  1 
ATOM   693  C CG1 . VAL A 1 92  ? 1.060   3.402   -0.277  1.00 13.52 ? 92  VAL A CG1 1 
ATOM   694  C CG2 . VAL A 1 92  ? 2.857   4.311   1.295   1.00 12.44 ? 92  VAL A CG2 1 
ATOM   695  N N   . ARG A 1 93  ? 2.926   7.108   -0.630  1.00 13.71 ? 93  ARG A N   1 
ATOM   696  C CA  . ARG A 1 93  ? 3.801   7.503   -1.705  1.00 14.44 ? 93  ARG A CA  1 
ATOM   697  C C   . ARG A 1 93  ? 5.032   6.610   -1.666  1.00 14.18 ? 93  ARG A C   1 
ATOM   698  O O   . ARG A 1 93  ? 5.705   6.522   -0.620  1.00 13.91 ? 93  ARG A O   1 
ATOM   699  C CB  . ARG A 1 93  ? 4.231   8.980   -1.519  1.00 15.09 ? 93  ARG A CB  1 
ATOM   700  C CG  . ARG A 1 93  ? 5.195   9.475   -2.566  1.00 17.75 ? 93  ARG A CG  1 
ATOM   701  C CD  . ARG A 1 93  ? 5.625   10.910  -2.264  1.00 22.82 ? 93  ARG A CD  1 
ATOM   702  N NE  . ARG A 1 93  ? 6.416   11.484  -3.358  1.00 24.56 ? 93  ARG A NE  1 
ATOM   703  C CZ  . ARG A 1 93  ? 7.721   11.290  -3.531  1.00 25.20 ? 93  ARG A CZ  1 
ATOM   704  N NH1 . ARG A 1 93  ? 8.421   10.516  -2.687  1.00 26.76 ? 93  ARG A NH1 1 
ATOM   705  N NH2 . ARG A 1 93  ? 8.340   11.863  -4.560  1.00 27.27 ? 93  ARG A NH2 1 
ATOM   706  N N   . LEU A 1 94  ? 5.322   5.962   -2.791  1.00 13.77 ? 94  LEU A N   1 
ATOM   707  C CA  . LEU A 1 94  ? 6.473   5.062   -2.907  1.00 14.73 ? 94  LEU A CA  1 
ATOM   708  C C   . LEU A 1 94  ? 7.503   5.559   -3.903  1.00 15.85 ? 94  LEU A C   1 
ATOM   709  O O   . LEU A 1 94  ? 7.232   5.644   -5.091  1.00 15.50 ? 94  LEU A O   1 
ATOM   710  C CB  . LEU A 1 94  ? 5.998   3.676   -3.360  1.00 13.98 ? 94  LEU A CB  1 
ATOM   711  C CG  . LEU A 1 94  ? 4.897   3.037   -2.534  1.00 13.43 ? 94  LEU A CG  1 
ATOM   712  C CD1 . LEU A 1 94  ? 4.570   1.651   -3.164  1.00 13.84 ? 94  LEU A CD1 1 
ATOM   713  C CD2 . LEU A 1 94  ? 5.310   2.903   -1.072  1.00 12.80 ? 94  LEU A CD2 1 
ATOM   714  N N   . ASP A 1 95  ? 8.717   5.856   -3.435  1.00 17.40 ? 95  ASP A N   1 
ATOM   715  C CA  . ASP A 1 95  ? 9.825   6.038   -4.373  1.00 18.11 ? 95  ASP A CA  1 
ATOM   716  C C   . ASP A 1 95  ? 9.988   4.762   -5.219  1.00 17.82 ? 95  ASP A C   1 
ATOM   717  O O   . ASP A 1 95  ? 9.649   3.666   -4.757  1.00 17.22 ? 95  ASP A O   1 
ATOM   718  C CB  . ASP A 1 95  ? 11.141  6.302   -3.607  1.00 18.73 ? 95  ASP A CB  1 
ATOM   719  C CG  . ASP A 1 95  ? 12.311  6.542   -4.548  1.00 22.68 ? 95  ASP A CG  1 
ATOM   720  O OD1 . ASP A 1 95  ? 12.311  7.639   -5.167  1.00 28.42 ? 95  ASP A OD1 1 
ATOM   721  O OD2 . ASP A 1 95  ? 13.215  5.653   -4.698  1.00 24.65 ? 95  ASP A OD2 1 
ATOM   722  N N   . SER A 1 96  ? 10.535  4.896   -6.433  1.00 18.74 ? 96  SER A N   1 
ATOM   723  C CA  . SER A 1 96  ? 10.784  3.730   -7.310  1.00 18.59 ? 96  SER A CA  1 
ATOM   724  C C   . SER A 1 96  ? 11.578  2.593   -6.658  1.00 18.09 ? 96  SER A C   1 
ATOM   725  O O   . SER A 1 96  ? 11.375  1.415   -6.983  1.00 17.55 ? 96  SER A O   1 
ATOM   726  C CB  . SER A 1 96  ? 11.417  4.151   -8.639  1.00 19.37 ? 96  SER A CB  1 
ATOM   727  O OG  . SER A 1 96  ? 12.666  4.778   -8.402  1.00 20.66 ? 96  SER A OG  1 
ATOM   728  N N   . LYS A 1 97  ? 12.480  2.925   -5.722  1.00 17.89 ? 97  LYS A N   1 
ATOM   729  C CA  . LYS A 1 97  ? 13.157  1.891   -4.940  1.00 18.40 ? 97  LYS A CA  1 
ATOM   730  C C   . LYS A 1 97  ? 12.192  0.870   -4.309  1.00 16.96 ? 97  LYS A C   1 
ATOM   731  O O   . LYS A 1 97  ? 12.548  -0.302  -4.120  1.00 17.70 ? 97  LYS A O   1 
ATOM   732  C CB  . LYS A 1 97  ? 14.008  2.543   -3.827  1.00 19.32 ? 97  LYS A CB  1 
ATOM   733  C CG  . LYS A 1 97  ? 14.711  1.553   -2.898  1.00 23.80 ? 97  LYS A CG  1 
ATOM   734  C CD  . LYS A 1 97  ? 15.527  2.322   -1.855  1.00 27.91 ? 97  LYS A CD  1 
ATOM   735  C CE  . LYS A 1 97  ? 16.227  1.427   -0.850  1.00 30.94 ? 97  LYS A CE  1 
ATOM   736  N NZ  . LYS A 1 97  ? 17.087  2.284   0.045   1.00 33.48 ? 97  LYS A NZ  1 
ATOM   737  N N   . TYR A 1 98  ? 10.983  1.328   -3.973  1.00 15.68 ? 98  TYR A N   1 
ATOM   738  C CA  . TYR A 1 98  ? 9.980   0.508   -3.261  1.00 14.63 ? 98  TYR A CA  1 
ATOM   739  C C   . TYR A 1 98  ? 8.873   0.060   -4.197  1.00 14.46 ? 98  TYR A C   1 
ATOM   740  O O   . TYR A 1 98  ? 7.869   -0.496  -3.771  1.00 14.32 ? 98  TYR A O   1 
ATOM   741  C CB  . TYR A 1 98  ? 9.431   1.266   -2.050  1.00 13.87 ? 98  TYR A CB  1 
ATOM   742  C CG  . TYR A 1 98  ? 10.528  1.462   -1.018  1.00 13.21 ? 98  TYR A CG  1 
ATOM   743  C CD1 . TYR A 1 98  ? 11.302  2.628   -1.015  1.00 15.75 ? 98  TYR A CD1 1 
ATOM   744  C CD2 . TYR A 1 98  ? 10.832  0.452   -0.109  1.00 16.24 ? 98  TYR A CD2 1 
ATOM   745  C CE1 . TYR A 1 98  ? 12.330  2.789   -0.085  1.00 15.61 ? 98  TYR A CE1 1 
ATOM   746  C CE2 . TYR A 1 98  ? 11.867  0.608   0.837   1.00 16.22 ? 98  TYR A CE2 1 
ATOM   747  C CZ  . TYR A 1 98  ? 12.596  1.792   0.831   1.00 17.52 ? 98  TYR A CZ  1 
ATOM   748  O OH  . TYR A 1 98  ? 13.619  1.922   1.745   1.00 17.28 ? 98  TYR A OH  1 
ATOM   749  N N   . GLY A 1 99  ? 9.090   0.297   -5.480  1.00 14.82 ? 99  GLY A N   1 
ATOM   750  C CA  . GLY A 1 99  ? 8.142   -0.105  -6.542  1.00 14.50 ? 99  GLY A CA  1 
ATOM   751  C C   . GLY A 1 99  ? 8.883   -0.962  -7.548  1.00 14.62 ? 99  GLY A C   1 
ATOM   752  O O   . GLY A 1 99  ? 9.320   -2.085  -7.237  1.00 14.94 ? 99  GLY A O   1 
ATOM   753  N N   . TYR A 1 100 ? 9.052   -0.426  -8.762  1.00 14.87 ? 100 TYR A N   1 
ATOM   754  C CA  . TYR A 1 100 ? 9.630   -1.200  -9.855  1.00 15.65 ? 100 TYR A CA  1 
ATOM   755  C C   . TYR A 1 100 ? 10.977  -0.654  -10.343 1.00 17.56 ? 100 TYR A C   1 
ATOM   756  O O   . TYR A 1 100 ? 11.500  -1.095  -11.379 1.00 17.67 ? 100 TYR A O   1 
ATOM   757  C CB  . TYR A 1 100 ? 8.622   -1.323  -11.004 1.00 15.50 ? 100 TYR A CB  1 
ATOM   758  C CG  . TYR A 1 100 ? 7.428   -2.152  -10.579 1.00 15.09 ? 100 TYR A CG  1 
ATOM   759  C CD1 . TYR A 1 100 ? 7.517   -3.542  -10.548 1.00 15.70 ? 100 TYR A CD1 1 
ATOM   760  C CD2 . TYR A 1 100 ? 6.213   -1.536  -10.176 1.00 16.64 ? 100 TYR A CD2 1 
ATOM   761  C CE1 . TYR A 1 100 ? 6.436   -4.320  -10.123 1.00 18.34 ? 100 TYR A CE1 1 
ATOM   762  C CE2 . TYR A 1 100 ? 5.132   -2.320  -9.761  1.00 18.40 ? 100 TYR A CE2 1 
ATOM   763  C CZ  . TYR A 1 100 ? 5.264   -3.697  -9.761  1.00 16.75 ? 100 TYR A CZ  1 
ATOM   764  O OH  . TYR A 1 100 ? 4.243   -4.529  -9.325  1.00 20.15 ? 100 TYR A OH  1 
ATOM   765  N N   . GLY A 1 101 ? 11.534  0.277   -9.579  1.00 18.56 ? 101 GLY A N   1 
ATOM   766  C CA  . GLY A 1 101 ? 12.922  0.706   -9.783  1.00 20.87 ? 101 GLY A CA  1 
ATOM   767  C C   . GLY A 1 101 ? 13.193  1.360   -11.118 1.00 22.26 ? 101 GLY A C   1 
ATOM   768  O O   . GLY A 1 101 ? 12.310  1.974   -11.717 1.00 21.95 ? 101 GLY A O   1 
ATOM   769  N N   . GLU A 1 102 ? 14.433  1.188   -11.574 1.00 23.82 ? 102 GLU A N   1 
ATOM   770  C CA  . GLU A 1 102 ? 14.950  1.768   -12.814 1.00 25.57 ? 102 GLU A CA  1 
ATOM   771  C C   . GLU A 1 102 ? 14.262  1.255   -14.080 1.00 25.41 ? 102 GLU A C   1 
ATOM   772  O O   . GLU A 1 102 ? 14.141  2.003   -15.072 1.00 25.59 ? 102 GLU A O   1 
ATOM   773  C CB  . GLU A 1 102 ? 16.437  1.416   -12.896 1.00 26.59 ? 102 GLU A CB  1 
ATOM   774  C CG  . GLU A 1 102 ? 17.315  2.461   -13.539 1.00 33.03 ? 102 GLU A CG  1 
ATOM   775  C CD  . GLU A 1 102 ? 18.771  2.287   -13.133 1.00 38.80 ? 102 GLU A CD  1 
ATOM   776  O OE1 . GLU A 1 102 ? 19.203  1.132   -12.911 1.00 41.49 ? 102 GLU A OE1 1 
ATOM   777  O OE2 . GLU A 1 102 ? 19.478  3.310   -13.012 1.00 44.65 ? 102 GLU A OE2 1 
ATOM   778  N N   . GLU A 1 103 ? 13.821  -0.006  -14.042 1.00 24.03 ? 103 GLU A N   1 
ATOM   779  C CA  . GLU A 1 103 ? 13.252  -0.699  -15.199 1.00 24.10 ? 103 GLU A CA  1 
ATOM   780  C C   . GLU A 1 103 ? 11.772  -0.429  -15.395 1.00 22.83 ? 103 GLU A C   1 
ATOM   781  O O   . GLU A 1 103 ? 11.292  -0.416  -16.525 1.00 22.94 ? 103 GLU A O   1 
ATOM   782  C CB  . GLU A 1 103 ? 13.479  -2.211  -15.094 1.00 25.03 ? 103 GLU A CB  1 
ATOM   783  C CG  . GLU A 1 103 ? 14.946  -2.620  -14.862 1.00 27.56 ? 103 GLU A CG  1 
ATOM   784  C CD  . GLU A 1 103 ? 15.380  -2.606  -13.385 1.00 31.92 ? 103 GLU A CD  1 
ATOM   785  O OE1 . GLU A 1 103 ? 14.585  -2.203  -12.467 1.00 29.19 ? 103 GLU A OE1 1 
ATOM   786  O OE2 . GLU A 1 103 ? 16.550  -3.007  -13.150 1.00 34.63 ? 103 GLU A OE2 1 
ATOM   787  N N   . GLY A 1 104 ? 11.044  -0.178  -14.310 1.00 21.35 ? 104 GLY A N   1 
ATOM   788  C CA  . GLY A 1 104 ? 9.584   -0.053  -14.421 1.00 20.48 ? 104 GLY A CA  1 
ATOM   789  C C   . GLY A 1 104 ? 8.948   -1.426  -14.639 1.00 19.79 ? 104 GLY A C   1 
ATOM   790  O O   . GLY A 1 104 ? 9.576   -2.459  -14.389 1.00 18.96 ? 104 GLY A O   1 
ATOM   791  N N   . CYS A 1 105 ? 7.697   -1.438  -15.096 1.00 19.21 ? 105 CYS A N   1 
ATOM   792  C CA  . CYS A 1 105 ? 7.008   -2.707  -15.257 1.00 20.35 ? 105 CYS A CA  1 
ATOM   793  C C   . CYS A 1 105 ? 5.928   -2.577  -16.296 1.00 20.99 ? 105 CYS A C   1 
ATOM   794  O O   . CYS A 1 105 ? 4.928   -1.881  -16.068 1.00 21.47 ? 105 CYS A O   1 
ATOM   795  C CB  . CYS A 1 105 ? 6.407   -3.170  -13.911 1.00 19.17 ? 105 CYS A CB  1 
ATOM   796  S SG  . CYS A 1 105 ? 5.691   -4.868  -13.995 1.00 20.44 ? 105 CYS A SG  1 
ATOM   797  N N   . GLY A 1 106 ? 6.146   -3.232  -17.432 1.00 21.93 ? 106 GLY A N   1 
ATOM   798  C CA  . GLY A 1 106 ? 5.151   -3.288  -18.507 1.00 24.34 ? 106 GLY A CA  1 
ATOM   799  C C   . GLY A 1 106 ? 4.942   -1.913  -19.103 1.00 26.04 ? 106 GLY A C   1 
ATOM   800  O O   . GLY A 1 106 ? 5.724   -0.998  -18.863 1.00 26.15 ? 106 GLY A O   1 
ATOM   801  N N   . GLU A 1 107 ? 3.866   -1.746  -19.866 1.00 27.79 ? 107 GLU A N   1 
ATOM   802  C CA  . GLU A 1 107 ? 3.645   -0.478  -20.547 1.00 28.99 ? 107 GLU A CA  1 
ATOM   803  C C   . GLU A 1 107 ? 3.241   0.675   -19.613 1.00 28.53 ? 107 GLU A C   1 
ATOM   804  O O   . GLU A 1 107 ? 3.586   1.834   -19.871 1.00 28.87 ? 107 GLU A O   1 
ATOM   805  C CB  . GLU A 1 107 ? 2.604   -0.657  -21.658 1.00 30.54 ? 107 GLU A CB  1 
ATOM   806  C CG  . GLU A 1 107 ? 2.495   0.557   -22.577 1.00 35.62 ? 107 GLU A CG  1 
ATOM   807  C CD  . GLU A 1 107 ? 1.404   0.416   -23.628 1.00 42.37 ? 107 GLU A CD  1 
ATOM   808  O OE1 . GLU A 1 107 ? 1.169   1.417   -24.349 1.00 45.34 ? 107 GLU A OE1 1 
ATOM   809  O OE2 . GLU A 1 107 ? 0.782   -0.680  -23.733 1.00 44.67 ? 107 GLU A OE2 1 
ATOM   810  N N   . SER A 1 108 ? 2.556   0.358   -18.516 1.00 27.12 ? 108 SER A N   1 
ATOM   811  C CA  . SER A 1 108 ? 1.933   1.397   -17.699 1.00 26.73 ? 108 SER A CA  1 
ATOM   812  C C   . SER A 1 108 ? 2.800   2.001   -16.597 1.00 25.72 ? 108 SER A C   1 
ATOM   813  O O   . SER A 1 108 ? 2.421   3.021   -16.027 1.00 25.96 ? 108 SER A O   1 
ATOM   814  C CB  . SER A 1 108 ? 0.622   0.897   -17.098 1.00 27.24 ? 108 SER A CB  1 
ATOM   815  O OG  . SER A 1 108 ? 0.857   -0.224  -16.261 1.00 29.47 ? 108 SER A OG  1 
ATOM   816  N N   . ILE A 1 109 ? 3.937   1.378   -16.287 1.00 24.12 ? 109 ILE A N   1 
ATOM   817  C CA  . ILE A 1 109 ? 4.842   1.926   -15.257 1.00 23.39 ? 109 ILE A CA  1 
ATOM   818  C C   . ILE A 1 109 ? 6.243   2.119   -15.813 1.00 22.99 ? 109 ILE A C   1 
ATOM   819  O O   . ILE A 1 109 ? 7.002   1.151   -15.952 1.00 22.49 ? 109 ILE A O   1 
ATOM   820  C CB  . ILE A 1 109 ? 4.888   1.070   -13.962 1.00 22.75 ? 109 ILE A CB  1 
ATOM   821  C CG1 . ILE A 1 109 ? 3.485   0.939   -13.358 1.00 23.98 ? 109 ILE A CG1 1 
ATOM   822  C CG2 . ILE A 1 109 ? 5.852   1.706   -12.926 1.00 23.17 ? 109 ILE A CG2 1 
ATOM   823  C CD1 . ILE A 1 109 ? 3.419   -0.036  -12.170 1.00 24.97 ? 109 ILE A CD1 1 
ATOM   824  N N   . PRO A 1 110 ? 6.583   3.378   -16.151 1.00 23.67 ? 110 PRO A N   1 
ATOM   825  C CA  . PRO A 1 110 ? 7.923   3.727   -16.627 1.00 23.91 ? 110 PRO A CA  1 
ATOM   826  C C   . PRO A 1 110 ? 8.993   3.499   -15.571 1.00 24.23 ? 110 PRO A C   1 
ATOM   827  O O   . PRO A 1 110 ? 8.688   3.456   -14.365 1.00 24.05 ? 110 PRO A O   1 
ATOM   828  C CB  . PRO A 1 110 ? 7.812   5.231   -16.906 1.00 24.31 ? 110 PRO A CB  1 
ATOM   829  C CG  . PRO A 1 110 ? 6.385   5.455   -17.195 1.00 24.38 ? 110 PRO A CG  1 
ATOM   830  C CD  . PRO A 1 110 ? 5.655   4.524   -16.258 1.00 23.56 ? 110 PRO A CD  1 
ATOM   831  N N   . GLY A 1 111 ? 10.240  3.369   -16.017 1.00 23.75 ? 111 GLY A N   1 
ATOM   832  C CA  . GLY A 1 111 ? 11.369  3.374   -15.094 1.00 23.77 ? 111 GLY A CA  1 
ATOM   833  C C   . GLY A 1 111 ? 11.415  4.629   -14.240 1.00 23.32 ? 111 GLY A C   1 
ATOM   834  O O   . GLY A 1 111 ? 10.951  5.695   -14.649 1.00 23.08 ? 111 GLY A O   1 
ATOM   835  N N   . ASN A 1 112 ? 11.972  4.477   -13.044 1.00 23.37 ? 112 ASN A N   1 
ATOM   836  C CA  . ASN A 1 112 ? 12.090  5.541   -12.044 1.00 24.37 ? 112 ASN A CA  1 
ATOM   837  C C   . ASN A 1 112 ? 10.789  6.290   -11.743 1.00 23.96 ? 112 ASN A C   1 
ATOM   838  O O   . ASN A 1 112 ? 10.775  7.514   -11.628 1.00 24.18 ? 112 ASN A O   1 
ATOM   839  C CB  . ASN A 1 112 ? 13.231  6.504   -12.410 1.00 25.36 ? 112 ASN A CB  1 
ATOM   840  C CG  . ASN A 1 112 ? 14.550  5.779   -12.634 1.00 29.06 ? 112 ASN A CG  1 
ATOM   841  O OD1 . ASN A 1 112 ? 15.081  5.133   -11.727 1.00 32.29 ? 112 ASN A OD1 1 
ATOM   842  N ND2 . ASN A 1 112 ? 15.092  5.887   -13.847 1.00 34.22 ? 112 ASN A ND2 1 
ATOM   843  N N   . SER A 1 113 ? 9.699   5.533   -11.592 1.00 22.94 ? 113 SER A N   1 
ATOM   844  C CA  . SER A 1 113 ? 8.393   6.097   -11.293 1.00 22.29 ? 113 SER A CA  1 
ATOM   845  C C   . SER A 1 113 ? 8.096   6.077   -9.807  1.00 21.65 ? 113 SER A C   1 
ATOM   846  O O   . SER A 1 113 ? 8.187   5.016   -9.161  1.00 21.32 ? 113 SER A O   1 
ATOM   847  C CB  . SER A 1 113 ? 7.287   5.282   -11.970 1.00 22.51 ? 113 SER A CB  1 
ATOM   848  O OG  . SER A 1 113 ? 7.301   5.431   -13.370 1.00 23.82 ? 113 SER A OG  1 
ATOM   849  N N   . VAL A 1 114 ? 7.704   7.234   -9.281  1.00 20.12 ? 114 VAL A N   1 
ATOM   850  C CA  . VAL A 1 114 ? 7.106   7.313   -7.965  1.00 19.78 ? 114 VAL A CA  1 
ATOM   851  C C   . VAL A 1 114 ? 5.667   6.848   -8.129  1.00 19.10 ? 114 VAL A C   1 
ATOM   852  O O   . VAL A 1 114 ? 4.974   7.305   -9.030  1.00 19.44 ? 114 VAL A O   1 
ATOM   853  C CB  . VAL A 1 114 ? 7.145   8.743   -7.402  1.00 19.53 ? 114 VAL A CB  1 
ATOM   854  C CG1 . VAL A 1 114 ? 6.387   8.828   -6.087  1.00 19.16 ? 114 VAL A CG1 1 
ATOM   855  C CG2 . VAL A 1 114 ? 8.603   9.182   -7.202  1.00 19.63 ? 114 VAL A CG2 1 
ATOM   856  N N   . LEU A 1 115 ? 5.241   5.937   -7.258  1.00 18.11 ? 115 LEU A N   1 
ATOM   857  C CA  . LEU A 1 115 ? 3.876   5.391   -7.293  1.00 16.31 ? 115 LEU A CA  1 
ATOM   858  C C   . LEU A 1 115 ? 3.072   5.905   -6.111  1.00 16.09 ? 115 LEU A C   1 
ATOM   859  O O   . LEU A 1 115 ? 3.583   5.986   -4.988  1.00 15.84 ? 115 LEU A O   1 
ATOM   860  C CB  . LEU A 1 115 ? 3.912   3.848   -7.266  1.00 16.50 ? 115 LEU A CB  1 
ATOM   861  C CG  . LEU A 1 115 ? 4.872   3.162   -8.253  1.00 15.94 ? 115 LEU A CG  1 
ATOM   862  C CD1 . LEU A 1 115 ? 4.911   1.658   -8.026  1.00 14.04 ? 115 LEU A CD1 1 
ATOM   863  C CD2 . LEU A 1 115 ? 4.546   3.497   -9.740  1.00 17.29 ? 115 LEU A CD2 1 
ATOM   864  N N   . ILE A 1 116 ? 1.807   6.259   -6.356  1.00 14.44 ? 116 ILE A N   1 
ATOM   865  C CA  . ILE A 1 116 ? 0.921   6.624   -5.273  1.00 14.21 ? 116 ILE A CA  1 
ATOM   866  C C   . ILE A 1 116 ? -0.201  5.594   -5.209  1.00 14.70 ? 116 ILE A C   1 
ATOM   867  O O   . ILE A 1 116 ? -0.942  5.457   -6.186  1.00 15.56 ? 116 ILE A O   1 
ATOM   868  C CB  . ILE A 1 116 ? 0.267   8.010   -5.474  1.00 14.86 ? 116 ILE A CB  1 
ATOM   869  C CG1 . ILE A 1 116 ? 1.320   9.083   -5.815  1.00 17.40 ? 116 ILE A CG1 1 
ATOM   870  C CG2 . ILE A 1 116 ? -0.587  8.385   -4.256  1.00 16.55 ? 116 ILE A CG2 1 
ATOM   871  C CD1 . ILE A 1 116 ? 2.316   9.324   -4.755  1.00 20.12 ? 116 ILE A CD1 1 
ATOM   872  N N   . PHE A 1 117 ? -0.339  4.920   -4.071  1.00 12.95 ? 117 PHE A N   1 
ATOM   873  C CA  . PHE A 1 117 ? -1.436  3.948   -3.882  1.00 13.11 ? 117 PHE A CA  1 
ATOM   874  C C   . PHE A 1 117 ? -2.380  4.362   -2.783  1.00 14.15 ? 117 PHE A C   1 
ATOM   875  O O   . PHE A 1 117 ? -1.968  4.671   -1.659  1.00 14.44 ? 117 PHE A O   1 
ATOM   876  C CB  . PHE A 1 117 ? -0.912  2.548   -3.498  1.00 12.50 ? 117 PHE A CB  1 
ATOM   877  C CG  . PHE A 1 117 ? -0.271  1.811   -4.600  1.00 11.34 ? 117 PHE A CG  1 
ATOM   878  C CD1 . PHE A 1 117 ? -1.017  0.939   -5.404  1.00 11.54 ? 117 PHE A CD1 1 
ATOM   879  C CD2 . PHE A 1 117 ? 1.103   1.914   -4.819  1.00 11.41 ? 117 PHE A CD2 1 
ATOM   880  C CE1 . PHE A 1 117 ? -0.410  0.207   -6.439  1.00 11.79 ? 117 PHE A CE1 1 
ATOM   881  C CE2 . PHE A 1 117 ? 1.714   1.188   -5.812  1.00 12.94 ? 117 PHE A CE2 1 
ATOM   882  C CZ  . PHE A 1 117 ? 0.962   0.339   -6.641  1.00 11.90 ? 117 PHE A CZ  1 
ATOM   883  N N   . GLU A 1 118 ? -3.677  4.375   -3.087  1.00 12.99 ? 118 GLU A N   1 
ATOM   884  C CA  A GLU A 1 118 ? -4.652  4.374   -2.029  0.62 13.75 ? 118 GLU A CA  1 
ATOM   885  C CA  B GLU A 1 118 ? -4.709  4.363   -2.051  0.38 13.57 ? 118 GLU A CA  1 
ATOM   886  C C   . GLU A 1 118 ? -4.890  2.912   -1.637  1.00 13.36 ? 118 GLU A C   1 
ATOM   887  O O   . GLU A 1 118 ? -5.216  2.098   -2.475  1.00 14.73 ? 118 GLU A O   1 
ATOM   888  C CB  A GLU A 1 118 ? -5.955  5.019   -2.501  0.62 14.78 ? 118 GLU A CB  1 
ATOM   889  C CB  B GLU A 1 118 ? -6.053  4.892   -2.595  0.38 14.09 ? 118 GLU A CB  1 
ATOM   890  C CG  A GLU A 1 118 ? -6.989  5.071   -1.423  0.62 17.03 ? 118 GLU A CG  1 
ATOM   891  C CG  B GLU A 1 118 ? -7.238  4.760   -1.618  0.38 15.40 ? 118 GLU A CG  1 
ATOM   892  C CD  A GLU A 1 118 ? -8.301  5.575   -1.939  0.62 21.28 ? 118 GLU A CD  1 
ATOM   893  C CD  B GLU A 1 118 ? -8.081  3.490   -1.814  0.38 17.74 ? 118 GLU A CD  1 
ATOM   894  O OE1 A GLU A 1 118 ? -9.137  4.722   -2.325  0.62 22.54 ? 118 GLU A OE1 1 
ATOM   895  O OE1 B GLU A 1 118 ? -8.534  3.234   -2.942  0.38 18.96 ? 118 GLU A OE1 1 
ATOM   896  O OE2 A GLU A 1 118 ? -8.462  6.817   -1.978  0.62 22.71 ? 118 GLU A OE2 1 
ATOM   897  O OE2 B GLU A 1 118 ? -8.303  2.758   -0.835  0.38 18.30 ? 118 GLU A OE2 1 
ATOM   898  N N   . ILE A 1 119 ? -4.693  2.588   -0.368  1.00 11.46 ? 119 ILE A N   1 
ATOM   899  C CA  . ILE A 1 119 ? -4.873  1.212   0.111   1.00 11.80 ? 119 ILE A CA  1 
ATOM   900  C C   . ILE A 1 119 ? -5.856  1.172   1.283   1.00 12.42 ? 119 ILE A C   1 
ATOM   901  O O   . ILE A 1 119 ? -5.752  1.981   2.217   1.00 12.95 ? 119 ILE A O   1 
ATOM   902  C CB  . ILE A 1 119 ? -3.527  0.556   0.549   1.00 10.52 ? 119 ILE A CB  1 
ATOM   903  C CG1 . ILE A 1 119 ? -2.495  0.605   -0.592  1.00 11.53 ? 119 ILE A CG1 1 
ATOM   904  C CG2 . ILE A 1 119 ? -3.784  -0.933  1.031   1.00 13.67 ? 119 ILE A CG2 1 
ATOM   905  C CD1 . ILE A 1 119 ? -1.088  0.120   -0.162  1.00 13.51 ? 119 ILE A CD1 1 
ATOM   906  N N   . GLU A 1 120 ? -6.796  0.216   1.256   1.00 12.13 ? 120 GLU A N   1 
ATOM   907  C CA  . GLU A 1 120 ? -7.695  0.003   2.367   1.00 11.93 ? 120 GLU A CA  1 
ATOM   908  C C   . GLU A 1 120 ? -7.511  -1.438  2.845   1.00 12.61 ? 120 GLU A C   1 
ATOM   909  O O   . GLU A 1 120 ? -7.561  -2.366  2.029   1.00 12.10 ? 120 GLU A O   1 
ATOM   910  C CB  . GLU A 1 120 ? -9.153  0.241   1.927   1.00 12.67 ? 120 GLU A CB  1 
ATOM   911  C CG  . GLU A 1 120 ? -10.124 0.001   3.051   1.00 14.20 ? 120 GLU A CG  1 
ATOM   912  C CD  . GLU A 1 120 ? -11.575 0.193   2.645   1.00 18.85 ? 120 GLU A CD  1 
ATOM   913  O OE1 . GLU A 1 120 ? -11.856 0.486   1.472   1.00 22.83 ? 120 GLU A OE1 1 
ATOM   914  O OE2 . GLU A 1 120 ? -12.427 0.075   3.544   1.00 18.25 ? 120 GLU A OE2 1 
ATOM   915  N N   . LEU A 1 121 ? -7.231  -1.603  4.142   1.00 11.89 ? 121 LEU A N   1 
ATOM   916  C CA  . LEU A 1 121 ? -7.047  -2.961  4.727   1.00 11.96 ? 121 LEU A CA  1 
ATOM   917  C C   . LEU A 1 121 ? -8.428  -3.420  5.140   1.00 12.27 ? 121 LEU A C   1 
ATOM   918  O O   . LEU A 1 121 ? -8.987  -2.923  6.116   1.00 13.20 ? 121 LEU A O   1 
ATOM   919  C CB  . LEU A 1 121 ? -6.099  -2.942  5.936   1.00 13.11 ? 121 LEU A CB  1 
ATOM   920  C CG  . LEU A 1 121 ? -5.896  -4.313  6.623   1.00 11.84 ? 121 LEU A CG  1 
ATOM   921  C CD1 . LEU A 1 121 ? -5.415  -5.377  5.593   1.00 12.03 ? 121 LEU A CD1 1 
ATOM   922  C CD2 . LEU A 1 121 ? -4.870  -4.180  7.751   1.00 14.48 ? 121 LEU A CD2 1 
ATOM   923  N N   . ILE A 1 122 ? -8.968  -4.367  4.385   1.00 12.38 ? 122 ILE A N   1 
ATOM   924  C CA  . ILE A 1 122 ? -10.342 -4.846  4.630   1.00 13.35 ? 122 ILE A CA  1 
ATOM   925  C C   . ILE A 1 122 ? -10.408 -5.839  5.798   1.00 13.79 ? 122 ILE A C   1 
ATOM   926  O O   . ILE A 1 122 ? -11.284 -5.751  6.696   1.00 13.10 ? 122 ILE A O   1 
ATOM   927  C CB  . ILE A 1 122 ? -10.907 -5.466  3.358   1.00 13.35 ? 122 ILE A CB  1 
ATOM   928  C CG1 . ILE A 1 122 ? -10.998 -4.395  2.264   1.00 16.61 ? 122 ILE A CG1 1 
ATOM   929  C CG2 . ILE A 1 122 ? -12.320 -6.043  3.620   1.00 14.45 ? 122 ILE A CG2 1 
ATOM   930  C CD1 . ILE A 1 122 ? -11.161 -4.946  0.924   1.00 19.92 ? 122 ILE A CD1 1 
ATOM   931  N N   . SER A 1 123 ? -9.482  -6.799  5.789   1.00 13.86 ? 123 SER A N   1 
ATOM   932  C CA  . SER A 1 123 ? -9.445  -7.853  6.793   1.00 13.85 ? 123 SER A CA  1 
ATOM   933  C C   . SER A 1 123 ? -8.127  -8.594  6.676   1.00 14.41 ? 123 SER A C   1 
ATOM   934  O O   . SER A 1 123 ? -7.338  -8.376  5.736   1.00 13.84 ? 123 SER A O   1 
ATOM   935  C CB  . SER A 1 123 ? -10.587 -8.860  6.551   1.00 13.87 ? 123 SER A CB  1 
ATOM   936  O OG  . SER A 1 123 ? -10.564 -9.355  5.221   1.00 15.68 ? 123 SER A OG  1 
ATOM   937  N N   . PHE A 1 124 ? -7.897  -9.480  7.625   1.00 14.56 ? 124 PHE A N   1 
ATOM   938  C CA  . PHE A 1 124 ? -6.729  -10.358 7.536   1.00 14.36 ? 124 PHE A CA  1 
ATOM   939  C C   . PHE A 1 124 ? -7.038  -11.602 8.317   1.00 16.15 ? 124 PHE A C   1 
ATOM   940  O O   . PHE A 1 124 ? -7.952  -11.609 9.177   1.00 16.61 ? 124 PHE A O   1 
ATOM   941  C CB  . PHE A 1 124 ? -5.440  -9.701  8.058   1.00 14.82 ? 124 PHE A CB  1 
ATOM   942  C CG  . PHE A 1 124 ? -5.510  -9.260  9.497   1.00 16.18 ? 124 PHE A CG  1 
ATOM   943  C CD1 . PHE A 1 124 ? -6.001  -7.990  9.826   1.00 18.40 ? 124 PHE A CD1 1 
ATOM   944  C CD2 . PHE A 1 124 ? -5.069  -10.093 10.509  1.00 17.70 ? 124 PHE A CD2 1 
ATOM   945  C CE1 . PHE A 1 124 ? -6.069  -7.564  11.145  1.00 21.69 ? 124 PHE A CE1 1 
ATOM   946  C CE2 . PHE A 1 124 ? -5.138  -9.665  11.858  1.00 19.65 ? 124 PHE A CE2 1 
ATOM   947  C CZ  . PHE A 1 124 ? -5.627  -8.398  12.158  1.00 22.08 ? 124 PHE A CZ  1 
ATOM   948  N N   . ARG A 1 125 ? -6.264  -12.645 8.047   1.00 16.68 ? 125 ARG A N   1 
ATOM   949  C CA  . ARG A 1 125 ? -6.465  -13.883 8.775   1.00 18.49 ? 125 ARG A CA  1 
ATOM   950  C C   . ARG A 1 125 ? -5.218  -14.748 8.772   1.00 19.72 ? 125 ARG A C   1 
ATOM   951  O O   . ARG A 1 125 ? -4.293  -14.546 7.979   1.00 17.87 ? 125 ARG A O   1 
ATOM   952  C CB  . ARG A 1 125 ? -7.621  -14.668 8.155   1.00 19.35 ? 125 ARG A CB  1 
ATOM   953  C CG  . ARG A 1 125 ? -7.403  -14.978 6.690   1.00 20.71 ? 125 ARG A CG  1 
ATOM   954  C CD  . ARG A 1 125 ? -8.629  -15.690 6.143   1.00 29.13 ? 125 ARG A CD  1 
ATOM   955  N NE  . ARG A 1 125 ? -8.404  -17.124 6.150   1.00 36.50 ? 125 ARG A NE  1 
ATOM   956  C CZ  . ARG A 1 125 ? -9.362  -18.051 6.173   1.00 41.29 ? 125 ARG A CZ  1 
ATOM   957  N NH1 . ARG A 1 125 ? -10.654 -17.712 6.216   1.00 42.70 ? 125 ARG A NH1 1 
ATOM   958  N NH2 . ARG A 1 125 ? -9.019  -19.333 6.166   1.00 43.42 ? 125 ARG A NH2 1 
ATOM   959  N N   . GLU A 1 126 ? -5.221  -15.738 9.659   1.00 20.99 ? 126 GLU A N   1 
ATOM   960  C CA  . GLU A 1 126 ? -4.217  -16.788 9.626   1.00 23.82 ? 126 GLU A CA  1 
ATOM   961  C C   . GLU A 1 126 ? -4.467  -17.765 8.463   1.00 24.76 ? 126 GLU A C   1 
ATOM   962  O O   . GLU A 1 126 ? -3.516  -18.452 8.005   1.00 25.17 ? 126 GLU A O   1 
ATOM   963  C CB  . GLU A 1 126 ? -4.229  -17.554 10.943  1.00 24.65 ? 126 GLU A CB  1 
ATOM   964  C CG  . GLU A 1 126 ? -3.718  -16.746 12.125  1.00 27.80 ? 126 GLU A CG  1 
ATOM   965  C CD  . GLU A 1 126 ? -3.852  -17.532 13.432  1.00 34.95 ? 126 GLU A CD  1 
ATOM   966  O OE1 . GLU A 1 126 ? -4.862  -17.338 14.148  1.00 37.70 ? 126 GLU A OE1 1 
ATOM   967  O OE2 . GLU A 1 126 ? -2.961  -18.373 13.715  1.00 36.38 ? 126 GLU A OE2 1 
HETATM 968  O O1  . D44 B 2 .   ? 2.933   -5.688  -6.056  1.00 21.28 ? 201 D44 A O1  1 
HETATM 969  C C2  . D44 B 2 .   ? 2.011   -5.265  -6.736  1.00 29.07 ? 201 D44 A C2  1 
HETATM 970  N N3  . D44 B 2 .   ? 1.290   -6.098  -7.452  1.00 33.46 ? 201 D44 A N3  1 
HETATM 971  C C4  . D44 B 2 .   ? 1.589   -7.443  -7.274  1.00 39.34 ? 201 D44 A C4  1 
HETATM 972  C C9  . D44 B 2 .   ? 2.851   -8.008  -7.451  1.00 40.71 ? 201 D44 A C9  1 
HETATM 973  C C8  . D44 B 2 .   ? 3.069   -9.359  -7.245  1.00 42.84 ? 201 D44 A C8  1 
HETATM 974  C C7  . D44 B 2 .   ? 2.012   -10.128 -6.792  1.00 42.11 ? 201 D44 A C7  1 
HETATM 975  C C6  . D44 B 2 .   ? 0.768   -9.552  -6.566  1.00 43.52 ? 201 D44 A C6  1 
HETATM 976  C C5  . D44 B 2 .   ? 0.547   -8.195  -6.819  0.60 40.57 ? 201 D44 A C5  1 
HETATM 977  C C10 . D44 B 2 .   ? -0.793  -7.506  -6.583  0.60 41.33 ? 201 D44 A C10 1 
HETATM 978  C C11 . D44 B 2 .   ? -1.582  -7.107  -7.821  1.00 37.51 ? 201 D44 A C11 1 
HETATM 979  C C12 . D44 B 2 .   ? 1.667   -3.805  -6.876  1.00 24.91 ? 201 D44 A C12 1 
HETATM 980  S S13 . D44 B 2 .   ? 0.107   -3.501  -7.706  1.00 23.72 ? 201 D44 A S13 1 
HETATM 981  C C14 . D44 B 2 .   ? 0.553   -3.401  -9.410  1.00 23.38 ? 201 D44 A C14 1 
HETATM 982  N N18 . D44 B 2 .   ? -0.350  -3.201  -10.389 1.00 21.24 ? 201 D44 A N18 1 
HETATM 983  C C17 . D44 B 2 .   ? 0.424   -3.183  -11.506 1.00 23.59 ? 201 D44 A C17 1 
HETATM 984  N N22 . D44 B 2 .   ? -0.014  -3.006  -12.782 1.00 23.30 ? 201 D44 A N22 1 
HETATM 985  C C21 . D44 B 2 .   ? 0.897   -3.019  -13.782 1.00 26.39 ? 201 D44 A C21 1 
HETATM 986  C C20 . D44 B 2 .   ? 2.257   -3.221  -13.539 1.00 25.96 ? 201 D44 A C20 1 
HETATM 987  C C19 . D44 B 2 .   ? 2.705   -3.411  -12.221 1.00 25.72 ? 201 D44 A C19 1 
HETATM 988  C C16 . D44 B 2 .   ? 1.763   -3.371  -11.184 1.00 25.72 ? 201 D44 A C16 1 
HETATM 989  N N15 . D44 B 2 .   ? 1.837   -3.504  -9.825  1.00 24.41 ? 201 D44 A N15 1 
HETATM 990  C C1  . GOL C 3 .   ? 7.494   -8.626  -7.665  1.00 58.86 ? 202 GOL A C1  1 
HETATM 991  O O1  . GOL C 3 .   ? 6.364   -8.156  -6.963  1.00 59.25 ? 202 GOL A O1  1 
HETATM 992  C C2  . GOL C 3 .   ? 8.606   -7.590  -7.596  1.00 58.69 ? 202 GOL A C2  1 
HETATM 993  O O2  . GOL C 3 .   ? 8.398   -6.790  -6.458  1.00 59.58 ? 202 GOL A O2  1 
HETATM 994  C C3  . GOL C 3 .   ? 8.625   -6.707  -8.839  1.00 58.85 ? 202 GOL A C3  1 
HETATM 995  O O3  . GOL C 3 .   ? 9.951   -6.537  -9.298  1.00 58.46 ? 202 GOL A O3  1 
HETATM 996  C C1  . GOL D 3 .   ? 16.148  0.724   6.532   1.00 34.96 ? 203 GOL A C1  1 
HETATM 997  O O1  . GOL D 3 .   ? 16.060  0.499   7.924   1.00 40.09 ? 203 GOL A O1  1 
HETATM 998  C C2  . GOL D 3 .   ? 15.372  1.989   6.199   1.00 31.19 ? 203 GOL A C2  1 
HETATM 999  O O2  . GOL D 3 .   ? 14.142  2.074   6.868   1.00 23.18 ? 203 GOL A O2  1 
HETATM 1000 C C3  . GOL D 3 .   ? 15.201  2.157   4.709   1.00 31.03 ? 203 GOL A C3  1 
HETATM 1001 O O3  . GOL D 3 .   ? 15.530  3.496   4.450   1.00 24.04 ? 203 GOL A O3  1 
HETATM 1002 C C1  . GOL E 3 .   ? -9.240  -9.208  13.548  1.00 41.03 ? 204 GOL A C1  1 
HETATM 1003 O O1  . GOL E 3 .   ? -8.796  -10.546 13.487  1.00 43.99 ? 204 GOL A O1  1 
HETATM 1004 C C2  . GOL E 3 .   ? -9.935  -8.839  12.240  1.00 39.45 ? 204 GOL A C2  1 
HETATM 1005 O O2  . GOL E 3 .   ? -11.288 -9.239  12.244  1.00 41.66 ? 204 GOL A O2  1 
HETATM 1006 C C3  . GOL E 3 .   ? -9.238  -9.447  11.030  1.00 35.65 ? 204 GOL A C3  1 
HETATM 1007 O O3  . GOL E 3 .   ? -9.963  -9.126  9.858   1.00 27.39 ? 204 GOL A O3  1 
HETATM 1008 C C1  . GOL F 3 .   ? 4.480   -7.565  -10.130 0.50 32.86 ? 205 GOL A C1  1 
HETATM 1009 O O1  . GOL F 3 .   ? 5.111   -8.756  -9.738  0.50 35.34 ? 205 GOL A O1  1 
HETATM 1010 C C2  . GOL F 3 .   ? 2.990   -7.818  -10.313 0.50 33.69 ? 205 GOL A C2  1 
HETATM 1011 O O2  . GOL F 3 .   ? 2.836   -8.702  -11.396 0.50 32.89 ? 205 GOL A O2  1 
HETATM 1012 C C3  . GOL F 3 .   ? 2.342   -6.495  -10.645 0.50 33.06 ? 205 GOL A C3  1 
HETATM 1013 O O3  . GOL F 3 .   ? 1.247   -6.662  -11.509 0.50 35.90 ? 205 GOL A O3  1 
HETATM 1014 O O   . HOH G 4 .   ? -14.446 -8.718  8.461   1.00 53.83 ? 301 HOH A O   1 
HETATM 1015 O O   . HOH G 4 .   ? -12.932 7.903   -3.141  1.00 59.29 ? 302 HOH A O   1 
HETATM 1016 O O   . HOH G 4 .   ? -13.072 4.873   -3.726  1.00 56.23 ? 303 HOH A O   1 
HETATM 1017 O O   . HOH G 4 .   ? -5.161  11.133  -10.759 1.00 45.52 ? 304 HOH A O   1 
HETATM 1018 O O   . HOH G 4 .   ? -2.708  12.401  0.403   1.00 50.59 ? 305 HOH A O   1 
HETATM 1019 O O   . HOH G 4 .   ? -9.951  10.229  0.179   1.00 55.88 ? 306 HOH A O   1 
HETATM 1020 O O   . HOH G 4 .   ? -11.632 -14.371 3.856   1.00 31.81 ? 307 HOH A O   1 
HETATM 1021 O O   . HOH G 4 .   ? -5.772  -19.621 2.785   1.00 44.55 ? 308 HOH A O   1 
HETATM 1022 O O   . HOH G 4 .   ? -3.178  -18.646 4.241   1.00 32.77 ? 309 HOH A O   1 
HETATM 1023 O O   . HOH G 4 .   ? -3.946  8.093   -3.187  1.00 24.98 ? 310 HOH A O   1 
HETATM 1024 O O   . HOH G 4 .   ? -16.240 -9.676  -11.979 1.00 27.12 ? 311 HOH A O   1 
HETATM 1025 O O   . HOH G 4 .   ? -6.387  8.773   -2.275  1.00 28.43 ? 312 HOH A O   1 
HETATM 1026 O O   . HOH G 4 .   ? -14.117 7.145   4.294   1.00 45.93 ? 313 HOH A O   1 
HETATM 1027 O O   . HOH G 4 .   ? 16.847  10.245  4.776   1.00 30.50 ? 314 HOH A O   1 
HETATM 1028 O O   . HOH G 4 .   ? 4.692   -6.969  10.297  1.00 31.21 ? 315 HOH A O   1 
HETATM 1029 O O   . HOH G 4 .   ? 18.262  4.100   4.380   1.00 41.14 ? 316 HOH A O   1 
HETATM 1030 O O   . HOH G 4 .   ? 4.448   1.357   11.873  1.00 39.32 ? 317 HOH A O   1 
HETATM 1031 O O   . HOH G 4 .   ? 6.716   -4.886  10.833  1.00 34.31 ? 318 HOH A O   1 
HETATM 1032 O O   . HOH G 4 .   ? 7.225   -8.395  12.057  1.00 41.62 ? 319 HOH A O   1 
HETATM 1033 O O   . HOH G 4 .   ? -2.019  3.085   -17.342 1.00 41.20 ? 320 HOH A O   1 
HETATM 1034 O O   . HOH G 4 .   ? -13.326 2.139   -9.087  1.00 43.45 ? 321 HOH A O   1 
HETATM 1035 O O   . HOH G 4 .   ? 0.366   9.878   -0.678  1.00 24.95 ? 322 HOH A O   1 
HETATM 1036 O O   . HOH G 4 .   ? -14.942 1.876   -11.043 1.00 42.54 ? 323 HOH A O   1 
HETATM 1037 O O   . HOH G 4 .   ? 2.707   13.090  -4.290  1.00 44.57 ? 324 HOH A O   1 
HETATM 1038 O O   . HOH G 4 .   ? -0.407  -15.486 -1.122  1.00 15.67 ? 325 HOH A O   1 
HETATM 1039 O O   . HOH G 4 .   ? 12.738  -2.153  -7.243  1.00 40.36 ? 326 HOH A O   1 
HETATM 1040 O O   . HOH G 4 .   ? 1.986   -3.965  -20.116 1.00 45.74 ? 327 HOH A O   1 
HETATM 1041 O O   . HOH G 4 .   ? 10.790  -10.855 2.067   1.00 48.93 ? 328 HOH A O   1 
HETATM 1042 O O   . HOH G 4 .   ? -11.399 8.549   1.979   1.00 54.79 ? 329 HOH A O   1 
HETATM 1043 O O   . HOH G 4 .   ? 2.965   14.538  -16.676 1.00 52.60 ? 330 HOH A O   1 
HETATM 1044 O O   . HOH G 4 .   ? 18.945  3.867   -2.046  1.00 53.30 ? 331 HOH A O   1 
HETATM 1045 O O   . HOH G 4 .   ? -12.557 13.027  10.273  1.00 54.12 ? 332 HOH A O   1 
HETATM 1046 O O   . HOH G 4 .   ? 10.671  -12.554 4.902   1.00 44.90 ? 333 HOH A O   1 
HETATM 1047 O O   . HOH G 4 .   ? -4.712  11.096  -15.916 1.00 54.82 ? 334 HOH A O   1 
HETATM 1048 O O   . HOH G 4 .   ? 16.972  5.780   -1.348  1.00 54.37 ? 335 HOH A O   1 
HETATM 1049 O O   . HOH G 4 .   ? 14.231  -1.751  -1.879  1.00 57.23 ? 336 HOH A O   1 
HETATM 1050 O O   . HOH G 4 .   ? -3.621  -15.959 -0.035  1.00 13.57 ? 337 HOH A O   1 
HETATM 1051 O O   . HOH G 4 .   ? 1.744   10.036  1.642   1.00 22.22 ? 338 HOH A O   1 
HETATM 1052 O O   . HOH G 4 .   ? 10.491  9.306   -4.182  1.00 49.29 ? 339 HOH A O   1 
HETATM 1053 O O   . HOH G 4 .   ? 3.534   12.052  1.879   1.00 27.53 ? 340 HOH A O   1 
HETATM 1054 O O   . HOH G 4 .   ? 8.258   -7.023  -0.988  1.00 29.03 ? 341 HOH A O   1 
HETATM 1055 O O   . HOH G 4 .   ? 13.719  7.732   -1.017  1.00 36.54 ? 342 HOH A O   1 
HETATM 1056 O O   . HOH G 4 .   ? 15.002  2.905   -8.318  1.00 38.02 ? 343 HOH A O   1 
HETATM 1057 O O   . HOH G 4 .   ? 7.414   5.010   11.755  1.00 42.29 ? 344 HOH A O   1 
HETATM 1058 O O   . HOH G 4 .   ? 9.443   -9.007  5.696   1.00 39.72 ? 345 HOH A O   1 
HETATM 1059 O O   . HOH G 4 .   ? -11.705 9.893   7.831   1.00 41.83 ? 346 HOH A O   1 
HETATM 1060 O O   . HOH G 4 .   ? -7.826  -4.221  -13.682 1.00 41.33 ? 347 HOH A O   1 
HETATM 1061 O O   . HOH G 4 .   ? -0.414  1.687   -20.566 1.00 53.50 ? 348 HOH A O   1 
HETATM 1062 O O   . HOH G 4 .   ? 5.815   15.297  -5.093  1.00 56.48 ? 349 HOH A O   1 
HETATM 1063 O O   . HOH G 4 .   ? 6.462   11.932  1.196   1.00 38.43 ? 350 HOH A O   1 
HETATM 1064 O O   . HOH G 4 .   ? 2.001   7.083   14.671  1.00 47.60 ? 351 HOH A O   1 
HETATM 1065 O O   . HOH G 4 .   ? -1.988  -0.899  -16.399 1.00 38.46 ? 352 HOH A O   1 
HETATM 1066 O O   . HOH G 4 .   ? 19.054  4.009   1.709   1.00 52.17 ? 353 HOH A O   1 
HETATM 1067 O O   . HOH G 4 .   ? 12.171  -1.387  -18.904 0.50 32.48 ? 354 HOH A O   1 
HETATM 1068 O O   . HOH G 4 .   ? -1.720  -1.325  16.215  1.00 57.63 ? 355 HOH A O   1 
HETATM 1069 O O   . HOH G 4 .   ? -6.362  0.607   -14.531 1.00 52.72 ? 356 HOH A O   1 
HETATM 1070 O O   . HOH G 4 .   ? -12.851 -11.528 -2.181  1.00 26.86 ? 357 HOH A O   1 
HETATM 1071 O O   . HOH G 4 .   ? 1.565   8.688   -17.682 1.00 46.72 ? 358 HOH A O   1 
HETATM 1072 O O   . HOH G 4 .   ? -11.559 5.184   -1.734  1.00 42.81 ? 359 HOH A O   1 
HETATM 1073 O O   . HOH G 4 .   ? 6.593   14.295  -11.292 1.00 40.63 ? 360 HOH A O   1 
HETATM 1074 O O   . HOH G 4 .   ? -1.767  -3.995  -16.591 1.00 42.54 ? 361 HOH A O   1 
HETATM 1075 O O   . HOH G 4 .   ? -3.570  8.810   -21.356 1.00 64.62 ? 362 HOH A O   1 
HETATM 1076 O O   . HOH G 4 .   ? 14.555  -1.498  -5.876  1.00 50.16 ? 363 HOH A O   1 
HETATM 1077 O O   . HOH G 4 .   ? -0.263  0.025   13.295  1.00 50.88 ? 364 HOH A O   1 
HETATM 1078 O O   . HOH G 4 .   ? -12.624 -10.178 9.263   1.00 45.82 ? 365 HOH A O   1 
HETATM 1079 O O   . HOH G 4 .   ? 10.941  11.280  -5.169  1.00 48.25 ? 366 HOH A O   1 
HETATM 1080 O O   . HOH G 4 .   ? -3.364  -21.064 7.729   1.00 51.08 ? 367 HOH A O   1 
HETATM 1081 O O   . HOH G 4 .   ? 0.096   6.045   13.156  1.00 37.78 ? 368 HOH A O   1 
HETATM 1082 O O   . HOH G 4 .   ? -5.780  -18.495 4.839   1.00 39.52 ? 369 HOH A O   1 
HETATM 1083 O O   . HOH G 4 .   ? -12.282 3.259   20.134  1.00 60.03 ? 370 HOH A O   1 
HETATM 1084 O O   . HOH G 4 .   ? 13.239  9.555   -15.154 1.00 51.58 ? 371 HOH A O   1 
HETATM 1085 O O   . HOH G 4 .   ? 14.320  -4.206  -2.568  1.00 52.98 ? 372 HOH A O   1 
HETATM 1086 O O   . HOH G 4 .   ? 5.594   -6.525  5.701   1.00 18.02 ? 373 HOH A O   1 
HETATM 1087 O O   . HOH G 4 .   ? 11.703  8.657   -2.061  1.00 40.31 ? 374 HOH A O   1 
HETATM 1088 O O   . HOH G 4 .   ? -1.443  -17.248 6.580   1.00 21.82 ? 375 HOH A O   1 
HETATM 1089 O O   . HOH G 4 .   ? 5.434   -7.877  7.959   1.00 21.02 ? 376 HOH A O   1 
HETATM 1090 O O   . HOH G 4 .   ? 9.688   -3.506  -4.790  1.00 19.01 ? 377 HOH A O   1 
HETATM 1091 O O   . HOH G 4 .   ? 9.694   7.560   4.984   1.00 23.96 ? 378 HOH A O   1 
HETATM 1092 O O   . HOH G 4 .   ? 5.529   8.676   -11.460 1.00 23.16 ? 379 HOH A O   1 
HETATM 1093 O O   . HOH G 4 .   ? -6.498  -12.199 -4.550  1.00 13.95 ? 380 HOH A O   1 
HETATM 1094 O O   . HOH G 4 .   ? 8.128   2.090   -9.602  1.00 17.52 ? 381 HOH A O   1 
HETATM 1095 O O   . HOH G 4 .   ? 3.077   10.181  12.430  1.00 18.82 ? 382 HOH A O   1 
HETATM 1096 O O   . HOH G 4 .   ? -0.382  -14.544 13.462  1.00 21.46 ? 383 HOH A O   1 
HETATM 1097 O O   . HOH G 4 .   ? -10.467 -11.207 -2.891  1.00 15.95 ? 384 HOH A O   1 
HETATM 1098 O O   . HOH G 4 .   ? 8.366   0.343   -18.187 1.00 32.33 ? 385 HOH A O   1 
HETATM 1099 O O   . HOH G 4 .   ? 6.046   -1.057  8.254   1.00 18.42 ? 386 HOH A O   1 
HETATM 1100 O O   . HOH G 4 .   ? -8.804  -7.428  -7.725  1.00 24.15 ? 387 HOH A O   1 
HETATM 1101 O O   . HOH G 4 .   ? -9.168  -15.798 2.407   1.00 16.35 ? 388 HOH A O   1 
HETATM 1102 O O   . HOH G 4 .   ? -10.705 2.825   -9.232  1.00 25.61 ? 389 HOH A O   1 
HETATM 1103 O O   . HOH G 4 .   ? 4.339   -10.166 0.568   1.00 14.63 ? 390 HOH A O   1 
HETATM 1104 O O   . HOH G 4 .   ? 9.554   2.381   -11.852 1.00 20.20 ? 391 HOH A O   1 
HETATM 1105 O O   . HOH G 4 .   ? 4.930   -1.196  10.730  1.00 28.48 ? 392 HOH A O   1 
HETATM 1106 O O   . HOH G 4 .   ? 9.033   -7.118  1.398   1.00 36.73 ? 393 HOH A O   1 
HETATM 1107 O O   . HOH G 4 .   ? 7.722   8.568   -0.308  1.00 21.16 ? 394 HOH A O   1 
HETATM 1108 O O   . HOH G 4 .   ? -7.648  -15.782 11.593  1.00 31.22 ? 395 HOH A O   1 
HETATM 1109 O O   . HOH G 4 .   ? -10.381 8.773   10.544  1.00 31.25 ? 396 HOH A O   1 
HETATM 1110 O O   . HOH G 4 .   ? -9.690  -12.072 5.683   1.00 20.52 ? 397 HOH A O   1 
HETATM 1111 O O   . HOH G 4 .   ? 13.893  2.361   10.943  1.00 22.30 ? 398 HOH A O   1 
HETATM 1112 O O   . HOH G 4 .   ? 16.403  -0.270  -9.944  1.00 29.54 ? 399 HOH A O   1 
HETATM 1113 O O   . HOH G 4 .   ? -12.158 2.381   11.238  1.00 34.80 ? 400 HOH A O   1 
HETATM 1114 O O   . HOH G 4 .   ? -1.973  2.305   11.785  1.00 23.93 ? 401 HOH A O   1 
HETATM 1115 O O   . HOH G 4 .   ? -0.710  10.167  -19.005 1.00 48.73 ? 402 HOH A O   1 
HETATM 1116 O O   . HOH G 4 .   ? 7.999   0.804   8.829   1.00 21.60 ? 403 HOH A O   1 
HETATM 1117 O O   . HOH G 4 .   ? -2.559  -3.290  -14.085 1.00 32.25 ? 404 HOH A O   1 
HETATM 1118 O O   . HOH G 4 .   ? -2.176  -9.436  18.777  1.00 32.83 ? 405 HOH A O   1 
HETATM 1119 O O   . HOH G 4 .   ? -8.793  6.035   -4.864  1.00 38.83 ? 406 HOH A O   1 
HETATM 1120 O O   . HOH G 4 .   ? 4.241   -9.374  12.824  1.00 26.59 ? 407 HOH A O   1 
HETATM 1121 O O   . HOH G 4 .   ? -11.130 -11.572 2.415   1.00 17.64 ? 408 HOH A O   1 
HETATM 1122 O O   . HOH G 4 .   ? -16.003 -7.796  -3.791  1.00 27.10 ? 409 HOH A O   1 
HETATM 1123 O O   . HOH G 4 .   ? 0.001   -2.465  12.064  1.00 21.39 ? 410 HOH A O   1 
HETATM 1124 O O   . HOH G 4 .   ? -7.262  -12.097 4.238   1.00 16.26 ? 411 HOH A O   1 
HETATM 1125 O O   . HOH G 4 .   ? 13.982  5.592   -1.722  1.00 31.93 ? 412 HOH A O   1 
HETATM 1126 O O   . HOH G 4 .   ? 7.509   11.956  -9.471  1.00 26.49 ? 413 HOH A O   1 
HETATM 1127 O O   . HOH G 4 .   ? -15.434 -9.918  -2.597  1.00 35.53 ? 414 HOH A O   1 
HETATM 1128 O O   . HOH G 4 .   ? 2.414   -5.935  10.872  1.00 24.82 ? 415 HOH A O   1 
HETATM 1129 O O   . HOH G 4 .   ? -3.958  6.579   -5.606  1.00 24.34 ? 416 HOH A O   1 
HETATM 1130 O O   . HOH G 4 .   ? 8.083   9.752   -10.771 1.00 25.27 ? 417 HOH A O   1 
HETATM 1131 O O   . HOH G 4 .   ? -12.895 -9.752  4.008   1.00 28.29 ? 418 HOH A O   1 
HETATM 1132 O O   . HOH G 4 .   ? 7.744   -3.250  7.877   1.00 30.14 ? 419 HOH A O   1 
HETATM 1133 O O   . HOH G 4 .   ? -5.339  3.251   11.701  1.00 28.23 ? 420 HOH A O   1 
HETATM 1134 O O   . HOH G 4 .   ? -18.496 -0.931  -10.952 1.00 36.96 ? 421 HOH A O   1 
HETATM 1135 O O   . HOH G 4 .   ? 0.257   4.077   11.296  1.00 23.50 ? 422 HOH A O   1 
HETATM 1136 O O   . HOH G 4 .   ? -6.334  7.863   -14.562 1.00 29.60 ? 423 HOH A O   1 
HETATM 1137 O O   . HOH G 4 .   ? -7.653  -1.919  -13.105 1.00 38.11 ? 424 HOH A O   1 
HETATM 1138 O O   . HOH G 4 .   ? 8.449   -7.755  7.918   1.00 38.20 ? 425 HOH A O   1 
HETATM 1139 O O   . HOH G 4 .   ? 11.645  7.453   -7.527  1.00 35.49 ? 426 HOH A O   1 
HETATM 1140 O O   . HOH G 4 .   ? -12.823 -2.115  5.183   1.00 26.65 ? 427 HOH A O   1 
HETATM 1141 O O   . HOH G 4 .   ? 9.957   -13.555 -1.519  1.00 37.14 ? 428 HOH A O   1 
HETATM 1142 O O   . HOH G 4 .   ? -6.543  7.238   -6.398  1.00 34.98 ? 429 HOH A O   1 
HETATM 1143 O O   . HOH G 4 .   ? 11.313  9.211   -9.612  1.00 33.04 ? 430 HOH A O   1 
HETATM 1144 O O   . HOH G 4 .   ? 17.945  1.489   11.700  1.00 32.20 ? 431 HOH A O   1 
HETATM 1145 O O   . HOH G 4 .   ? -3.490  -12.541 13.054  1.00 31.27 ? 432 HOH A O   1 
HETATM 1146 O O   . HOH G 4 .   ? 7.923   -5.219  5.882   1.00 31.32 ? 433 HOH A O   1 
HETATM 1147 O O   . HOH G 4 .   ? 9.901   10.265  -12.912 1.00 46.76 ? 434 HOH A O   1 
HETATM 1148 O O   . HOH G 4 .   ? -9.379  -18.491 3.324   1.00 34.49 ? 435 HOH A O   1 
HETATM 1149 O O   . HOH G 4 .   ? -0.688  -17.255 13.404  1.00 31.98 ? 436 HOH A O   1 
HETATM 1150 O O   . HOH G 4 .   ? -15.996 -0.878  -12.514 1.00 38.59 ? 437 HOH A O   1 
HETATM 1151 O O   . HOH G 4 .   ? 6.221   -12.304 -6.142  1.00 30.99 ? 438 HOH A O   1 
HETATM 1152 O O   . HOH G 4 .   ? 6.552   7.952   -14.365 1.00 30.14 ? 439 HOH A O   1 
HETATM 1153 O O   . HOH G 4 .   ? -14.311 -5.374  12.602  1.00 50.73 ? 440 HOH A O   1 
HETATM 1154 O O   . HOH G 4 .   ? -11.381 0.722   17.946  1.00 49.71 ? 441 HOH A O   1 
HETATM 1155 O O   . HOH G 4 .   ? -13.856 -0.828  0.143   1.00 30.70 ? 442 HOH A O   1 
HETATM 1156 O O   . HOH G 4 .   ? -10.866 -12.486 8.134   1.00 36.64 ? 443 HOH A O   1 
HETATM 1157 O O   . HOH G 4 .   ? 19.596  2.001   8.799   1.00 35.45 ? 444 HOH A O   1 
HETATM 1158 O O   . HOH G 4 .   ? -15.483 -4.665  -13.304 1.00 40.07 ? 445 HOH A O   1 
HETATM 1159 O O   . HOH G 4 .   ? -6.148  -12.988 13.002  1.00 40.49 ? 446 HOH A O   1 
HETATM 1160 O O   . HOH G 4 .   ? 0.216   4.403   -16.940 1.00 39.86 ? 447 HOH A O   1 
HETATM 1161 O O   . HOH G 4 .   ? -13.803 2.558   1.598   1.00 36.55 ? 448 HOH A O   1 
HETATM 1162 O O   . HOH G 4 .   ? 10.319  11.877  -8.781  1.00 44.63 ? 449 HOH A O   1 
HETATM 1163 O O   . HOH G 4 .   ? 6.217   2.975   -19.845 1.00 47.46 ? 450 HOH A O   1 
HETATM 1164 O O   . HOH G 4 .   ? 9.774   11.404  1.009   1.00 34.55 ? 451 HOH A O   1 
HETATM 1165 O O   . HOH G 4 .   ? 8.735   -12.398 -5.145  1.00 38.67 ? 452 HOH A O   1 
HETATM 1166 O O   . HOH G 4 .   ? 15.714  0.369   -7.316  1.00 38.44 ? 453 HOH A O   1 
HETATM 1167 O O   . HOH G 4 .   ? 11.610  11.426  -1.251  1.00 57.34 ? 454 HOH A O   1 
HETATM 1168 O O   . HOH G 4 .   ? -3.293  -10.784 15.213  1.00 50.93 ? 455 HOH A O   1 
HETATM 1169 O O   . HOH G 4 .   ? 11.646  0.850   7.767   1.00 32.28 ? 456 HOH A O   1 
HETATM 1170 O O   . HOH G 4 .   ? 10.780  3.403   -18.889 1.00 35.39 ? 457 HOH A O   1 
HETATM 1171 O O   . HOH G 4 .   ? 10.352  -6.270  -5.091  1.00 41.18 ? 458 HOH A O   1 
HETATM 1172 O O   . HOH G 4 .   ? -13.908 -8.639  -11.185 1.00 38.68 ? 459 HOH A O   1 
HETATM 1173 O O   . HOH G 4 .   ? -6.212  -10.738 15.688  1.00 43.95 ? 460 HOH A O   1 
HETATM 1174 O O   . HOH G 4 .   ? -7.419  3.737   15.312  1.00 43.95 ? 461 HOH A O   1 
HETATM 1175 O O   . HOH G 4 .   ? 1.053   12.004  -2.017  1.00 34.28 ? 462 HOH A O   1 
HETATM 1176 O O   . HOH G 4 .   ? -9.754  4.159   -11.366 1.00 46.58 ? 463 HOH A O   1 
HETATM 1177 O O   . HOH G 4 .   ? -12.842 -2.082  17.279  1.00 47.13 ? 464 HOH A O   1 
HETATM 1178 O O   . HOH G 4 .   ? -9.863  11.932  5.258   1.00 42.73 ? 465 HOH A O   1 
HETATM 1179 O O   . HOH G 4 .   ? 18.651  8.480   3.714   1.00 41.80 ? 466 HOH A O   1 
HETATM 1180 O O   . HOH G 4 .   ? -15.913 2.572   7.745   1.00 53.08 ? 467 HOH A O   1 
HETATM 1181 O O   . HOH G 4 .   ? -11.876 4.331   -6.945  1.00 39.23 ? 468 HOH A O   1 
HETATM 1182 O O   . HOH G 4 .   ? 7.070   2.144   11.372  1.00 38.30 ? 469 HOH A O   1 
HETATM 1183 O O   . HOH G 4 .   ? -12.099 6.040   11.621  1.00 41.55 ? 470 HOH A O   1 
HETATM 1184 O O   . HOH G 4 .   ? -9.471  12.677  2.715   1.00 49.38 ? 471 HOH A O   1 
HETATM 1185 O O   . HOH G 4 .   ? -14.976 -3.445  4.523   1.00 41.65 ? 472 HOH A O   1 
HETATM 1186 O O   . HOH G 4 .   ? -16.132 -6.652  10.077  1.00 59.77 ? 473 HOH A O   1 
HETATM 1187 O O   . HOH G 4 .   ? 0.131   12.901  -8.985  1.00 44.87 ? 474 HOH A O   1 
HETATM 1188 O O   . HOH G 4 .   ? -0.855  12.870  -18.540 1.00 59.51 ? 475 HOH A O   1 
HETATM 1189 O O   . HOH G 4 .   ? -6.234  4.612   -16.278 1.00 45.65 ? 476 HOH A O   1 
HETATM 1190 O O   . HOH G 4 .   ? -2.299  -13.662 15.226  1.00 43.32 ? 477 HOH A O   1 
HETATM 1191 O O   . HOH G 4 .   ? -15.060 0.404   3.381   1.00 35.77 ? 478 HOH A O   1 
HETATM 1192 O O   . HOH G 4 .   ? 10.751  -7.532  -1.013  1.00 28.97 ? 479 HOH A O   1 
HETATM 1193 O O   . HOH G 4 .   ? -7.537  14.210  1.718   1.00 52.73 ? 480 HOH A O   1 
HETATM 1194 O O   . HOH G 4 .   ? -14.553 -7.949  5.996   1.00 46.91 ? 481 HOH A O   1 
HETATM 1195 O O   . HOH G 4 .   ? -8.679  6.766   -14.637 1.00 48.59 ? 482 HOH A O   1 
HETATM 1196 O O   . HOH G 4 .   ? -6.274  7.888   -17.651 1.00 56.44 ? 483 HOH A O   1 
HETATM 1197 O O   . HOH G 4 .   ? -12.957 -11.134 0.466   1.00 44.32 ? 484 HOH A O   1 
HETATM 1198 O O   . HOH G 4 .   ? 10.027  12.560  3.326   1.00 39.78 ? 485 HOH A O   1 
HETATM 1199 O O   . HOH G 4 .   ? 1.257   6.198   -18.448 1.00 47.89 ? 486 HOH A O   1 
HETATM 1200 O O   . HOH G 4 .   ? 9.535   -14.811 1.578   1.00 46.60 ? 487 HOH A O   1 
HETATM 1201 O O   . HOH G 4 .   ? 8.047   8.913   -16.499 1.00 55.58 ? 488 HOH A O   1 
HETATM 1202 O O   . HOH G 4 .   ? 3.237   -6.995  14.522  1.00 56.29 ? 489 HOH A O   1 
HETATM 1203 O O   . HOH G 4 .   ? 0.683   4.537   -20.494 1.00 59.42 ? 490 HOH A O   1 
HETATM 1204 O O   . HOH G 4 .   ? -1.527  8.599   15.843  1.00 34.59 ? 491 HOH A O   1 
HETATM 1205 O O   . HOH G 4 .   ? -15.509 0.457   6.307   1.00 43.10 ? 492 HOH A O   1 
HETATM 1206 O O   . HOH G 4 .   ? 4.664   15.973  -10.401 1.00 56.46 ? 493 HOH A O   1 
HETATM 1207 O O   . HOH G 4 .   ? 2.479   2.928   12.150  1.00 34.86 ? 494 HOH A O   1 
HETATM 1208 O O   . HOH G 4 .   ? -13.165 -10.971 12.162  1.00 53.48 ? 495 HOH A O   1 
HETATM 1209 O O   . HOH G 4 .   ? -13.283 -5.163  -14.598 1.00 38.64 ? 496 HOH A O   1 
HETATM 1210 O O   . HOH G 4 .   ? 2.215   -2.176  -16.936 1.00 32.52 ? 497 HOH A O   1 
HETATM 1211 O O   . HOH G 4 .   ? 10.497  -2.069  7.526   1.00 55.24 ? 498 HOH A O   1 
HETATM 1212 O O   . HOH G 4 .   ? 13.708  2.028   -18.380 1.00 58.34 ? 499 HOH A O   1 
HETATM 1213 O O   . HOH G 4 .   ? -1.892  12.126  -4.311  1.00 51.81 ? 500 HOH A O   1 
# 
